data_8GSM
#
_entry.id   8GSM
#
_cell.length_a   120.430
_cell.length_b   127.780
_cell.length_c   146.450
_cell.angle_alpha   90.000
_cell.angle_beta   90.000
_cell.angle_gamma   90.000
#
_symmetry.space_group_name_H-M   'P 21 21 21'
#
loop_
_entity.id
_entity.type
_entity.pdbx_description
1 polymer '4-hydroxybenzoate decarboxylase'
2 non-polymer 'FLAVIN-ADENINE DINUCLEOTIDE'
#
_entity_poly.entity_id   1
_entity_poly.type   'polypeptide(L)'
_entity_poly.pdbx_seq_one_letter_code
;MASMTGGQQMGRGSMSTSTSTSYQCRVAVVGAGLGGLSAAIGITLAGHKVTILEQAPQLGEVGAGIQIPPNSSRILRQWG
LLPALEEVSVRPLDSVLRSYRDGKVLSRINLVPGYEERFGAPYYHIHRADFHRILVDKARALGVEILLGKSVRTIDFNAP
SLTMADGSVYNDADVIIGADGLKSVCREQMLGHPDPPHFTGDLAYRIIVKAEDMKKHDSLRELVEHPSINHWMGPNSHVV
CYLLKGGGLYNIVLACPDDLPELVNTAKADLKEMRERFEGWDPRLTLLLSLVQETSKWRLQNSEEMDKWSHESGKFVLMG
DACHATLPYLAQGAAIAVEDGAALGTLFAHATHPSLVPDVLTIYEQIRKSRTTRVVRGSTKQRDIFHMPDGPRQRERDRQ
LLTYADNLFEGYPNQWADPVFQPWLYGYNAFEEAEKAWQKYLRGHIFGTTGAFRELGMGLEDAKL
;
_entity_poly.pdbx_strand_id   G,H,I,J
#
loop_
_chem_comp.id
_chem_comp.type
_chem_comp.name
_chem_comp.formula
FAD non-polymer 'FLAVIN-ADENINE DINUCLEOTIDE' 'C27 H33 N9 O15 P2'
#
# COMPACT_ATOMS: atom_id res chain seq x y z
N THR A 21 12.22 -39.01 38.72
CA THR A 21 12.88 -38.38 37.53
C THR A 21 11.79 -37.98 36.52
N SER A 22 11.19 -36.80 36.69
CA SER A 22 10.09 -36.36 35.81
C SER A 22 10.63 -36.06 34.42
N TYR A 23 9.74 -35.80 33.47
CA TYR A 23 10.20 -35.42 32.11
C TYR A 23 10.54 -33.94 32.10
N GLN A 24 11.64 -33.59 31.46
CA GLN A 24 11.97 -32.15 31.31
C GLN A 24 12.28 -31.90 29.83
N CYS A 25 11.45 -31.11 29.17
CA CYS A 25 11.71 -30.78 27.75
C CYS A 25 12.77 -29.70 27.69
N ARG A 26 13.73 -29.85 26.78
CA ARG A 26 14.73 -28.79 26.56
C ARG A 26 14.11 -27.83 25.54
N VAL A 27 13.68 -26.66 25.99
CA VAL A 27 12.98 -25.71 25.13
C VAL A 27 13.90 -24.52 24.87
N ALA A 28 14.23 -24.29 23.61
CA ALA A 28 15.01 -23.13 23.17
C ALA A 28 14.07 -22.05 22.66
N VAL A 29 14.11 -20.88 23.30
CA VAL A 29 13.39 -19.69 22.85
C VAL A 29 14.37 -18.82 22.06
N VAL A 30 13.98 -18.43 20.84
CA VAL A 30 14.83 -17.57 20.01
C VAL A 30 14.32 -16.14 20.15
N GLY A 31 15.11 -15.31 20.82
CA GLY A 31 14.74 -13.91 20.98
C GLY A 31 14.30 -13.54 22.39
N ALA A 32 14.93 -12.51 22.94
CA ALA A 32 14.75 -12.13 24.33
C ALA A 32 13.83 -10.92 24.49
N GLY A 33 12.88 -10.73 23.59
CA GLY A 33 11.90 -9.68 23.76
C GLY A 33 10.96 -10.00 24.91
N LEU A 34 9.94 -9.17 25.06
CA LEU A 34 8.99 -9.43 26.12
C LEU A 34 8.35 -10.81 25.98
N GLY A 35 7.98 -11.19 24.75
CA GLY A 35 7.29 -12.46 24.56
C GLY A 35 8.18 -13.65 24.88
N GLY A 36 9.41 -13.65 24.35
CA GLY A 36 10.38 -14.69 24.68
C GLY A 36 10.51 -14.91 26.18
N LEU A 37 10.71 -13.83 26.92
CA LEU A 37 10.92 -13.97 28.36
C LEU A 37 9.66 -14.47 29.07
N SER A 38 8.49 -13.97 28.67
CA SER A 38 7.29 -14.49 29.28
C SER A 38 7.19 -16.01 29.05
N ALA A 39 7.57 -16.48 27.86
CA ALA A 39 7.54 -17.92 27.63
C ALA A 39 8.56 -18.63 28.50
N ALA A 40 9.78 -18.11 28.56
CA ALA A 40 10.82 -18.74 29.38
C ALA A 40 10.36 -18.86 30.84
N ILE A 41 9.73 -17.80 31.35
CA ILE A 41 9.21 -17.81 32.71
C ILE A 41 8.13 -18.88 32.87
N GLY A 42 7.10 -18.85 32.04
CA GLY A 42 6.00 -19.81 32.25
C GLY A 42 6.43 -21.25 32.09
N ILE A 43 7.27 -21.55 31.11
CA ILE A 43 7.69 -22.95 30.83
C ILE A 43 8.60 -23.46 31.95
N THR A 44 9.52 -22.62 32.42
CA THR A 44 10.40 -23.00 33.56
C THR A 44 9.52 -23.25 34.77
N LEU A 45 8.58 -22.37 35.03
CA LEU A 45 7.64 -22.56 36.16
C LEU A 45 6.76 -23.78 35.89
N ALA A 46 6.96 -24.43 34.74
CA ALA A 46 6.15 -25.62 34.37
C ALA A 46 6.95 -26.87 34.69
N GLY A 47 8.27 -26.77 34.70
CA GLY A 47 9.12 -27.91 35.06
C GLY A 47 10.14 -28.24 34.01
N HIS A 48 10.38 -27.32 33.08
CA HIS A 48 11.28 -27.65 31.95
C HIS A 48 12.48 -26.69 31.92
N LYS A 49 13.44 -26.95 31.05
CA LYS A 49 14.67 -26.12 31.02
C LYS A 49 14.65 -25.22 29.78
N VAL A 50 14.64 -23.91 29.99
CA VAL A 50 14.61 -22.97 28.89
C VAL A 50 15.98 -22.38 28.68
N THR A 51 16.29 -22.04 27.44
CA THR A 51 17.47 -21.31 27.04
C THR A 51 17.03 -20.31 25.98
N ILE A 52 17.36 -19.03 26.18
CA ILE A 52 17.01 -17.97 25.23
C ILE A 52 18.24 -17.69 24.37
N LEU A 53 18.04 -17.64 23.06
CA LEU A 53 19.14 -17.35 22.15
C LEU A 53 18.79 -16.05 21.46
N GLU A 54 19.35 -14.95 21.94
CA GLU A 54 19.09 -13.63 21.36
C GLU A 54 20.11 -13.29 20.27
N GLN A 55 19.89 -12.18 19.59
CA GLN A 55 20.79 -11.75 18.52
C GLN A 55 21.70 -10.62 18.99
N ALA A 56 21.11 -9.64 19.67
CA ALA A 56 21.87 -8.50 20.17
C ALA A 56 22.95 -8.94 21.15
N PRO A 57 24.12 -8.31 21.07
CA PRO A 57 25.25 -8.64 21.95
C PRO A 57 24.96 -8.40 23.42
N GLN A 58 24.00 -7.53 23.75
CA GLN A 58 23.67 -7.19 25.13
C GLN A 58 22.17 -6.98 25.25
N LEU A 59 21.66 -7.12 26.48
CA LEU A 59 20.21 -6.97 26.73
C LEU A 59 19.74 -5.57 26.34
N GLY A 60 18.46 -5.40 26.11
CA GLY A 60 17.94 -4.13 25.58
C GLY A 60 17.50 -3.14 26.64
N GLU A 61 18.45 -2.44 27.27
CA GLU A 61 18.03 -1.35 28.18
C GLU A 61 17.61 -0.21 27.25
N VAL A 62 16.68 -0.49 26.33
CA VAL A 62 16.34 0.55 25.29
C VAL A 62 14.85 0.57 25.01
N GLY A 63 14.36 1.72 24.51
CA GLY A 63 12.94 1.84 24.11
C GLY A 63 12.27 3.06 24.68
N ALA A 64 10.94 3.04 24.79
CA ALA A 64 10.20 4.14 25.43
C ALA A 64 9.10 3.57 26.33
N GLY A 65 7.89 4.10 26.24
CA GLY A 65 6.80 3.68 27.14
C GLY A 65 6.04 2.46 26.65
N ILE A 66 5.50 1.69 27.58
CA ILE A 66 4.64 0.52 27.22
C ILE A 66 3.49 0.49 28.22
N GLN A 67 2.40 -0.17 27.89
CA GLN A 67 1.22 -0.21 28.78
C GLN A 67 0.91 -1.65 29.17
N ILE A 68 0.77 -1.92 30.47
CA ILE A 68 0.48 -3.27 30.94
C ILE A 68 -0.97 -3.28 31.41
N PRO A 69 -1.90 -3.70 30.56
CA PRO A 69 -3.30 -3.72 30.93
C PRO A 69 -3.58 -4.90 31.82
N PRO A 70 -4.76 -4.96 32.43
CA PRO A 70 -5.11 -6.11 33.31
C PRO A 70 -4.79 -7.49 32.74
N ASN A 71 -5.21 -7.79 31.52
CA ASN A 71 -5.00 -9.14 31.00
C ASN A 71 -3.52 -9.53 30.97
N SER A 72 -2.60 -8.59 31.14
CA SER A 72 -1.19 -8.89 31.24
C SER A 72 -0.66 -8.73 32.67
N SER A 73 -1.20 -7.75 33.38
CA SER A 73 -0.79 -7.54 34.76
C SER A 73 -1.16 -8.72 35.63
N ARG A 74 -2.38 -9.28 35.50
CA ARG A 74 -2.77 -10.39 36.38
C ARG A 74 -1.83 -11.58 36.19
N ILE A 75 -1.39 -11.79 34.95
CA ILE A 75 -0.39 -12.81 34.65
C ILE A 75 0.90 -12.49 35.40
N LEU A 76 1.39 -11.26 35.27
CA LEU A 76 2.62 -10.92 35.96
C LEU A 76 2.47 -11.02 37.48
N ARG A 77 1.26 -10.76 37.99
CA ARG A 77 1.04 -10.79 39.43
C ARG A 77 1.11 -12.21 39.95
N GLN A 78 0.48 -13.14 39.25
CA GLN A 78 0.67 -14.56 39.52
C GLN A 78 2.16 -15.00 39.54
N TRP A 79 3.06 -14.30 38.85
CA TRP A 79 4.50 -14.61 38.90
C TRP A 79 5.23 -13.70 39.90
N GLY A 80 4.49 -13.09 40.83
CA GLY A 80 5.04 -12.22 41.84
C GLY A 80 5.87 -11.07 41.31
N LEU A 81 5.40 -10.39 40.28
CA LEU A 81 6.15 -9.26 39.76
C LEU A 81 5.49 -7.92 40.06
N LEU A 82 4.33 -7.92 40.72
CA LEU A 82 3.65 -6.66 41.00
C LEU A 82 4.52 -5.65 41.73
N PRO A 83 5.19 -5.98 42.83
CA PRO A 83 6.00 -4.98 43.54
C PRO A 83 7.08 -4.34 42.71
N ALA A 84 7.93 -5.17 42.11
CA ALA A 84 9.02 -4.66 41.29
C ALA A 84 8.50 -3.73 40.21
N LEU A 85 7.29 -3.99 39.70
CA LEU A 85 6.71 -3.16 38.64
C LEU A 85 6.16 -1.86 39.21
N GLU A 86 5.29 -1.95 40.23
CA GLU A 86 4.77 -0.75 40.87
C GLU A 86 5.88 0.26 41.13
N GLU A 87 7.04 -0.22 41.59
CA GLU A 87 8.11 0.73 41.92
C GLU A 87 8.43 1.66 40.77
N VAL A 88 8.29 1.21 39.51
CA VAL A 88 8.78 1.93 38.33
C VAL A 88 7.66 2.28 37.35
N SER A 89 6.40 2.07 37.71
CA SER A 89 5.30 2.32 36.80
C SER A 89 4.27 3.24 37.45
N VAL A 90 3.46 3.87 36.60
CA VAL A 90 2.43 4.81 36.99
C VAL A 90 1.08 4.16 36.76
N ARG A 91 0.07 4.61 37.49
CA ARG A 91 -1.26 4.07 37.23
C ARG A 91 -2.14 5.16 36.62
N PRO A 92 -2.30 5.23 35.29
CA PRO A 92 -3.13 6.30 34.72
C PRO A 92 -4.55 6.27 35.28
N LEU A 93 -5.07 7.46 35.59
CA LEU A 93 -6.38 7.56 36.21
C LEU A 93 -7.49 7.13 35.26
N ASP A 94 -7.45 7.64 34.02
CA ASP A 94 -8.42 7.32 32.98
C ASP A 94 -7.81 7.49 31.60
N SER A 95 -8.56 7.01 30.61
CA SER A 95 -8.14 7.01 29.21
C SER A 95 -9.12 7.86 28.41
N VAL A 96 -8.59 8.85 27.67
CA VAL A 96 -9.37 9.93 27.09
C VAL A 96 -9.17 9.97 25.58
N LEU A 97 -10.27 10.09 24.83
CA LEU A 97 -10.25 10.40 23.40
C LEU A 97 -10.73 11.82 23.18
N ARG A 98 -9.93 12.60 22.44
CA ARG A 98 -10.08 14.03 22.22
C ARG A 98 -10.01 14.37 20.74
N SER A 99 -10.76 15.40 20.34
CA SER A 99 -10.68 15.94 18.99
C SER A 99 -9.35 16.66 18.80
N TYR A 100 -8.78 16.53 17.60
CA TYR A 100 -7.44 17.06 17.35
C TYR A 100 -7.41 18.58 17.36
N ARG A 101 -8.54 19.24 17.09
CA ARG A 101 -8.57 20.69 16.88
C ARG A 101 -8.49 21.45 18.20
N ASP A 102 -9.40 21.15 19.11
CA ASP A 102 -9.56 21.93 20.33
C ASP A 102 -9.12 21.19 21.59
N GLY A 103 -8.67 19.93 21.46
CA GLY A 103 -8.47 19.09 22.63
C GLY A 103 -9.77 18.61 23.26
N LYS A 104 -10.92 18.90 22.65
CA LYS A 104 -12.22 18.59 23.24
C LYS A 104 -12.36 17.11 23.62
N VAL A 105 -12.76 16.88 24.86
CA VAL A 105 -12.94 15.51 25.32
C VAL A 105 -14.19 14.91 24.66
N LEU A 106 -14.02 13.77 24.00
CA LEU A 106 -15.13 13.05 23.36
C LEU A 106 -15.46 11.71 24.03
N SER A 107 -14.47 11.04 24.61
CA SER A 107 -14.74 9.82 25.37
C SER A 107 -13.78 9.76 26.55
N ARG A 108 -14.28 9.47 27.75
CA ARG A 108 -13.42 9.24 28.90
C ARG A 108 -13.82 7.92 29.54
N ILE A 109 -12.85 7.02 29.69
CA ILE A 109 -13.04 5.76 30.40
C ILE A 109 -12.28 5.88 31.72
N ASN A 110 -12.89 5.41 32.81
CA ASN A 110 -12.24 5.40 34.12
C ASN A 110 -11.42 4.13 34.28
N LEU A 111 -10.14 4.28 34.57
CA LEU A 111 -9.28 3.15 34.90
C LEU A 111 -9.06 2.99 36.40
N VAL A 112 -8.91 4.10 37.12
CA VAL A 112 -8.72 4.06 38.58
C VAL A 112 -9.89 4.74 39.29
N PRO A 113 -10.74 4.00 40.00
CA PRO A 113 -10.56 2.59 40.34
C PRO A 113 -11.20 1.57 39.38
N GLY A 114 -11.70 2.00 38.21
CA GLY A 114 -12.63 1.16 37.47
C GLY A 114 -12.05 -0.19 37.09
N TYR A 115 -10.84 -0.20 36.54
CA TYR A 115 -10.31 -1.42 35.92
C TYR A 115 -9.91 -2.46 36.97
N GLU A 116 -9.34 -2.03 38.11
CA GLU A 116 -9.08 -3.01 39.17
C GLU A 116 -10.40 -3.53 39.75
N GLU A 117 -11.41 -2.66 39.88
CA GLU A 117 -12.69 -3.11 40.40
C GLU A 117 -13.35 -4.13 39.49
N ARG A 118 -13.17 -3.98 38.17
CA ARG A 118 -13.90 -4.84 37.24
C ARG A 118 -13.12 -6.07 36.82
N PHE A 119 -11.88 -5.88 36.36
CA PHE A 119 -11.02 -6.96 35.89
C PHE A 119 -9.95 -7.33 36.92
N GLY A 120 -9.98 -6.72 38.09
CA GLY A 120 -9.24 -7.28 39.21
C GLY A 120 -7.75 -7.31 38.99
N ALA A 121 -7.22 -6.35 38.25
CA ALA A 121 -5.78 -6.28 38.04
C ALA A 121 -5.41 -4.85 37.66
N PRO A 122 -4.21 -4.39 38.00
CA PRO A 122 -3.84 -3.01 37.67
C PRO A 122 -3.65 -2.81 36.16
N TYR A 123 -3.70 -1.53 35.76
CA TYR A 123 -3.29 -1.01 34.46
C TYR A 123 -2.07 -0.12 34.69
N TYR A 124 -0.95 -0.42 34.02
CA TYR A 124 0.33 0.27 34.28
C TYR A 124 0.88 0.99 33.04
N HIS A 125 1.67 2.02 33.32
CA HIS A 125 2.49 2.75 32.35
C HIS A 125 3.94 2.64 32.79
N ILE A 126 4.71 1.76 32.14
CA ILE A 126 6.09 1.54 32.54
C ILE A 126 7.01 1.78 31.35
N HIS A 127 8.21 2.27 31.62
CA HIS A 127 9.19 2.39 30.57
C HIS A 127 9.61 1.01 30.10
N ARG A 128 9.78 0.86 28.77
CA ARG A 128 10.06 -0.46 28.23
C ARG A 128 11.31 -1.07 28.85
N ALA A 129 12.34 -0.27 29.11
CA ALA A 129 13.56 -0.85 29.69
C ALA A 129 13.30 -1.43 31.08
N ASP A 130 12.42 -0.79 31.86
CA ASP A 130 12.14 -1.30 33.19
C ASP A 130 11.42 -2.64 33.11
N PHE A 131 10.42 -2.72 32.22
CA PHE A 131 9.64 -3.95 32.07
C PHE A 131 10.53 -5.08 31.58
N HIS A 132 11.37 -4.79 30.58
CA HIS A 132 12.30 -5.79 30.09
C HIS A 132 13.27 -6.24 31.18
N ARG A 133 13.76 -5.30 32.00
CA ARG A 133 14.75 -5.64 33.02
C ARG A 133 14.14 -6.47 34.14
N ILE A 134 12.90 -6.18 34.54
CA ILE A 134 12.24 -7.02 35.53
C ILE A 134 12.03 -8.43 35.00
N LEU A 135 11.66 -8.55 33.73
CA LEU A 135 11.42 -9.90 33.21
C LEU A 135 12.73 -10.67 33.06
N VAL A 136 13.80 -10.01 32.62
CA VAL A 136 15.11 -10.68 32.55
C VAL A 136 15.55 -11.13 33.95
N ASP A 137 15.36 -10.26 34.95
CA ASP A 137 15.75 -10.63 36.30
C ASP A 137 14.99 -11.84 36.80
N LYS A 138 13.66 -11.86 36.63
CA LYS A 138 12.88 -13.00 37.09
C LYS A 138 13.23 -14.27 36.30
N ALA A 139 13.56 -14.11 35.01
CA ALA A 139 13.98 -15.25 34.20
C ALA A 139 15.25 -15.88 34.77
N ARG A 140 16.27 -15.04 35.04
CA ARG A 140 17.52 -15.53 35.64
C ARG A 140 17.26 -16.14 37.02
N ALA A 141 16.39 -15.51 37.84
CA ALA A 141 16.08 -16.04 39.17
C ALA A 141 15.47 -17.43 39.08
N LEU A 142 14.85 -17.75 37.94
CA LEU A 142 14.30 -19.07 37.72
C LEU A 142 15.28 -20.02 37.02
N GLY A 143 16.46 -19.54 36.63
CA GLY A 143 17.49 -20.42 36.11
C GLY A 143 17.54 -20.55 34.60
N VAL A 144 16.94 -19.64 33.87
CA VAL A 144 17.02 -19.64 32.42
C VAL A 144 18.42 -19.19 32.03
N GLU A 145 19.03 -19.90 31.08
CA GLU A 145 20.24 -19.47 30.38
C GLU A 145 19.88 -18.54 29.24
N ILE A 146 20.55 -17.40 29.15
CA ILE A 146 20.34 -16.42 28.09
C ILE A 146 21.67 -16.23 27.37
N LEU A 147 21.85 -16.96 26.27
CA LEU A 147 23.07 -16.90 25.46
C LEU A 147 22.92 -15.81 24.40
N LEU A 148 23.67 -14.72 24.55
CA LEU A 148 23.59 -13.57 23.66
C LEU A 148 24.60 -13.71 22.51
N GLY A 149 24.44 -12.88 21.49
CA GLY A 149 25.34 -12.98 20.36
C GLY A 149 25.04 -14.11 19.43
N LYS A 150 23.86 -14.70 19.55
CA LYS A 150 23.45 -15.87 18.78
C LYS A 150 22.41 -15.40 17.76
N SER A 151 22.89 -14.99 16.58
CA SER A 151 22.01 -14.65 15.47
C SER A 151 21.68 -15.93 14.71
N VAL A 152 20.41 -16.35 14.72
CA VAL A 152 20.00 -17.58 14.06
C VAL A 152 19.69 -17.30 12.59
N ARG A 153 20.16 -18.18 11.70
CA ARG A 153 20.02 -17.99 10.25
C ARG A 153 19.25 -19.13 9.57
N THR A 154 19.52 -20.37 9.94
CA THR A 154 18.80 -21.51 9.40
C THR A 154 18.31 -22.38 10.55
N ILE A 155 17.28 -23.19 10.27
CA ILE A 155 16.70 -24.08 11.25
C ILE A 155 16.43 -25.42 10.58
N ASP A 156 16.75 -26.51 11.30
CA ASP A 156 16.33 -27.85 10.93
C ASP A 156 15.23 -28.25 11.89
N PHE A 157 14.02 -28.42 11.38
CA PHE A 157 12.86 -28.51 12.25
C PHE A 157 12.59 -29.93 12.73
N ASN A 158 13.35 -30.93 12.28
CA ASN A 158 13.07 -32.34 12.60
C ASN A 158 14.01 -32.87 13.69
N ALA A 159 15.32 -32.78 13.46
CA ALA A 159 16.32 -32.97 14.48
C ALA A 159 16.62 -31.58 15.05
N PRO A 160 15.91 -31.14 16.09
CA PRO A 160 15.85 -29.69 16.38
C PRO A 160 17.23 -29.06 16.51
N SER A 161 17.63 -28.28 15.52
CA SER A 161 18.91 -27.58 15.54
C SER A 161 18.73 -26.11 15.14
N LEU A 162 19.61 -25.27 15.66
CA LEU A 162 19.72 -23.86 15.27
C LEU A 162 21.13 -23.60 14.77
N THR A 163 21.23 -22.96 13.61
CA THR A 163 22.51 -22.59 13.01
C THR A 163 22.68 -21.08 13.10
N MET A 164 23.85 -20.64 13.55
CA MET A 164 24.11 -19.23 13.81
C MET A 164 24.79 -18.56 12.62
N ALA A 165 24.91 -17.23 12.72
CA ALA A 165 25.58 -16.46 11.67
C ALA A 165 27.07 -16.77 11.61
N ASP A 166 27.69 -17.12 12.74
CA ASP A 166 29.10 -17.48 12.75
C ASP A 166 29.34 -18.88 12.18
N GLY A 167 28.31 -19.72 12.15
CA GLY A 167 28.39 -21.09 11.67
C GLY A 167 28.08 -22.12 12.72
N SER A 168 28.18 -21.76 13.99
CA SER A 168 27.99 -22.72 15.08
C SER A 168 26.58 -23.29 15.04
N VAL A 169 26.42 -24.49 15.56
CA VAL A 169 25.14 -25.18 15.53
C VAL A 169 24.73 -25.52 16.96
N TYR A 170 23.64 -24.91 17.43
CA TYR A 170 23.04 -25.27 18.71
C TYR A 170 22.05 -26.39 18.47
N ASN A 171 22.27 -27.53 19.11
CA ASN A 171 21.34 -28.66 18.99
C ASN A 171 21.16 -29.34 20.34
N ASP A 172 20.99 -28.50 21.39
CA ASP A 172 20.77 -28.98 22.74
C ASP A 172 19.34 -28.64 23.18
N ALA A 173 18.37 -28.92 22.31
CA ALA A 173 17.00 -28.54 22.59
C ALA A 173 16.06 -29.55 21.96
N ASP A 174 15.01 -29.90 22.69
CA ASP A 174 13.94 -30.73 22.15
C ASP A 174 12.97 -29.91 21.31
N VAL A 175 12.58 -28.73 21.78
CA VAL A 175 11.55 -27.91 21.16
C VAL A 175 12.11 -26.52 20.92
N ILE A 176 11.62 -25.86 19.88
CA ILE A 176 12.02 -24.50 19.54
C ILE A 176 10.80 -23.60 19.56
N ILE A 177 10.98 -22.37 20.05
CA ILE A 177 9.91 -21.39 20.11
C ILE A 177 10.45 -20.10 19.53
N GLY A 178 9.91 -19.69 18.36
CA GLY A 178 10.25 -18.44 17.74
C GLY A 178 9.59 -17.28 18.44
N ALA A 179 10.42 -16.35 18.91
CA ALA A 179 10.01 -15.10 19.53
C ALA A 179 10.93 -13.98 19.09
N ASP A 180 11.32 -13.98 17.82
CA ASP A 180 12.27 -13.02 17.28
C ASP A 180 11.60 -11.76 16.73
N GLY A 181 10.33 -11.52 17.04
CA GLY A 181 9.65 -10.28 16.73
C GLY A 181 9.23 -10.06 15.29
N LEU A 182 9.33 -8.81 14.86
CA LEU A 182 8.84 -8.44 13.54
C LEU A 182 9.71 -9.01 12.44
N LYS A 183 11.01 -8.79 12.53
CA LYS A 183 11.94 -9.30 11.51
C LYS A 183 12.37 -10.72 11.89
N SER A 184 11.38 -11.59 11.92
CA SER A 184 11.59 -12.96 12.37
C SER A 184 12.21 -13.79 11.27
N VAL A 185 13.43 -14.27 11.53
CA VAL A 185 14.03 -15.28 10.67
C VAL A 185 13.33 -16.61 10.88
N CYS A 186 12.76 -16.82 12.07
CA CYS A 186 12.12 -18.10 12.37
C CYS A 186 10.92 -18.32 11.48
N ARG A 187 10.11 -17.29 11.29
CA ARG A 187 8.95 -17.42 10.43
C ARG A 187 9.35 -17.68 8.98
N GLU A 188 10.39 -17.00 8.50
CA GLU A 188 10.88 -17.26 7.15
C GLU A 188 11.30 -18.72 7.00
N GLN A 189 12.13 -19.20 7.91
CA GLN A 189 12.60 -20.58 7.83
C GLN A 189 11.43 -21.56 7.88
N MET A 190 10.46 -21.32 8.76
CA MET A 190 9.31 -22.22 8.84
C MET A 190 8.58 -22.26 7.50
N LEU A 191 8.22 -21.09 6.97
CA LEU A 191 7.40 -21.07 5.77
C LEU A 191 8.12 -21.70 4.58
N GLY A 192 9.41 -21.44 4.44
CA GLY A 192 10.18 -21.93 3.32
C GLY A 192 10.48 -20.90 2.26
N HIS A 193 10.21 -19.63 2.54
CA HIS A 193 10.41 -18.53 1.61
C HIS A 193 10.56 -17.26 2.43
N PRO A 194 11.15 -16.21 1.86
CA PRO A 194 11.23 -14.95 2.61
C PRO A 194 9.84 -14.38 2.89
N ASP A 195 9.79 -13.54 3.92
CA ASP A 195 8.53 -12.94 4.33
C ASP A 195 8.82 -11.69 5.15
N PRO A 196 9.24 -10.60 4.52
CA PRO A 196 9.59 -9.39 5.26
C PRO A 196 8.35 -8.70 5.78
N PRO A 197 8.49 -7.73 6.67
CA PRO A 197 7.32 -7.02 7.18
C PRO A 197 6.77 -6.00 6.18
N HIS A 198 5.44 -5.87 6.18
CA HIS A 198 4.73 -4.91 5.34
C HIS A 198 4.79 -3.53 6.00
N PHE A 199 5.13 -2.49 5.23
CA PHE A 199 5.24 -1.13 5.78
C PHE A 199 3.87 -0.46 5.86
N THR A 200 3.43 -0.13 7.08
CA THR A 200 2.11 0.47 7.25
C THR A 200 1.91 1.69 6.34
N GLY A 201 2.99 2.31 5.87
CA GLY A 201 2.85 3.59 5.25
C GLY A 201 2.64 4.72 6.21
N ASP A 202 2.80 4.50 7.51
CA ASP A 202 2.80 5.59 8.47
C ASP A 202 4.17 5.70 9.10
N LEU A 203 4.41 6.83 9.76
CA LEU A 203 5.61 7.04 10.55
C LEU A 203 5.25 7.67 11.88
N ALA A 204 6.13 7.44 12.84
CA ALA A 204 5.95 7.82 14.23
C ALA A 204 7.09 8.74 14.66
N TYR A 205 6.71 9.70 15.51
CA TYR A 205 7.58 10.67 16.15
C TYR A 205 7.37 10.54 17.65
N ARG A 206 8.43 10.19 18.39
CA ARG A 206 8.43 10.09 19.85
C ARG A 206 9.15 11.29 20.40
N ILE A 207 8.53 11.95 21.39
CA ILE A 207 9.04 13.15 22.03
C ILE A 207 8.95 12.98 23.54
N ILE A 208 10.02 13.30 24.24
CA ILE A 208 10.06 13.23 25.70
C ILE A 208 10.16 14.65 26.23
N VAL A 209 9.28 14.99 27.18
CA VAL A 209 9.25 16.32 27.76
C VAL A 209 9.16 16.20 29.27
N LYS A 210 10.08 16.86 29.98
CA LYS A 210 10.06 16.87 31.44
C LYS A 210 8.75 17.46 31.95
N ALA A 211 8.12 16.80 32.92
CA ALA A 211 6.88 17.36 33.47
C ALA A 211 7.15 18.61 34.31
N GLU A 212 8.34 18.74 34.89
CA GLU A 212 8.68 19.98 35.58
C GLU A 212 8.41 21.19 34.69
N ASP A 213 8.84 21.14 33.44
CA ASP A 213 8.64 22.24 32.52
C ASP A 213 7.18 22.43 32.17
N MET A 214 6.39 21.35 32.16
CA MET A 214 4.98 21.49 31.81
C MET A 214 4.22 22.16 32.95
N LYS A 215 4.55 21.83 34.18
CA LYS A 215 3.85 22.45 35.30
C LYS A 215 4.06 23.96 35.31
N LYS A 216 5.00 24.46 34.50
CA LYS A 216 5.29 25.90 34.39
C LYS A 216 4.30 26.64 33.49
N HIS A 217 3.59 25.94 32.61
CA HIS A 217 2.59 26.55 31.72
C HIS A 217 1.18 26.16 32.17
N ASP A 218 0.29 27.16 32.22
CA ASP A 218 -1.03 26.94 32.81
C ASP A 218 -1.83 25.90 32.03
N SER A 219 -1.77 25.94 30.70
CA SER A 219 -2.60 25.05 29.88
C SER A 219 -2.20 23.59 30.02
N LEU A 220 -0.96 23.29 30.45
CA LEU A 220 -0.46 21.93 30.51
C LEU A 220 -0.61 21.28 31.88
N ARG A 221 -0.90 22.04 32.94
CA ARG A 221 -0.84 21.49 34.29
C ARG A 221 -1.78 20.31 34.44
N GLU A 222 -3.03 20.44 33.98
CA GLU A 222 -4.03 19.37 34.13
C GLU A 222 -3.50 18.01 33.70
N LEU A 223 -2.63 18.00 32.68
CA LEU A 223 -2.05 16.76 32.15
C LEU A 223 -0.99 16.16 33.05
N VAL A 224 -0.45 16.93 34.00
CA VAL A 224 0.52 16.42 34.94
C VAL A 224 -0.14 16.08 36.28
N GLU A 225 -1.09 16.90 36.75
CA GLU A 225 -1.72 16.59 38.02
C GLU A 225 -2.82 15.56 37.89
N HIS A 226 -3.23 15.22 36.67
CA HIS A 226 -4.27 14.23 36.40
C HIS A 226 -3.70 13.26 35.37
N PRO A 227 -2.68 12.46 35.75
CA PRO A 227 -2.04 11.56 34.79
C PRO A 227 -3.05 10.65 34.11
N SER A 228 -3.26 10.87 32.82
CA SER A 228 -4.20 10.08 32.05
C SER A 228 -3.51 9.59 30.79
N ILE A 229 -4.24 8.76 30.04
CA ILE A 229 -3.83 8.40 28.68
C ILE A 229 -4.63 9.32 27.77
N ASN A 230 -3.98 10.32 27.18
CA ASN A 230 -4.68 11.26 26.34
C ASN A 230 -4.43 10.91 24.90
N HIS A 231 -5.51 10.79 24.12
CA HIS A 231 -5.45 10.51 22.70
C HIS A 231 -6.09 11.67 21.94
N TRP A 232 -5.35 12.26 20.99
CA TRP A 232 -5.93 13.19 20.03
C TRP A 232 -6.10 12.49 18.69
N MET A 233 -7.34 12.43 18.22
CA MET A 233 -7.68 11.79 16.95
C MET A 233 -7.86 12.84 15.86
N GLY A 234 -7.20 12.65 14.73
CA GLY A 234 -7.34 13.62 13.68
C GLY A 234 -7.11 13.07 12.29
N PRO A 235 -7.21 13.97 11.31
CA PRO A 235 -7.09 13.56 9.92
C PRO A 235 -5.81 12.79 9.69
N ASN A 236 -5.96 11.48 9.52
CA ASN A 236 -4.88 10.56 9.17
C ASN A 236 -3.72 10.65 10.15
N SER A 237 -3.98 11.17 11.35
CA SER A 237 -2.99 11.30 12.41
C SER A 237 -3.62 10.95 13.75
N HIS A 238 -2.78 10.56 14.71
CA HIS A 238 -3.24 10.57 16.09
C HIS A 238 -2.03 10.77 16.99
N VAL A 239 -2.27 11.36 18.15
CA VAL A 239 -1.23 11.65 19.14
C VAL A 239 -1.61 11.03 20.47
N VAL A 240 -0.71 10.25 21.04
CA VAL A 240 -0.89 9.65 22.37
C VAL A 240 0.05 10.33 23.33
N CYS A 241 -0.43 10.65 24.53
CA CYS A 241 0.34 11.35 25.53
C CYS A 241 0.13 10.70 26.89
N TYR A 242 1.25 10.35 27.54
CA TYR A 242 1.19 9.66 28.87
C TYR A 242 2.42 9.98 29.72
N LEU A 243 2.35 9.70 31.02
CA LEU A 243 3.48 10.00 31.93
C LEU A 243 4.20 8.73 32.37
N LEU A 244 5.51 8.79 32.50
CA LEU A 244 6.32 7.66 33.02
C LEU A 244 7.08 8.17 34.25
N LYS A 245 7.39 7.33 35.24
CA LYS A 245 8.03 7.80 36.51
C LYS A 245 9.46 8.28 36.31
N GLY A 246 10.16 7.77 35.30
CA GLY A 246 11.58 8.12 35.12
C GLY A 246 11.74 9.58 34.73
N GLY A 247 12.59 10.32 35.43
CA GLY A 247 12.76 11.75 35.17
C GLY A 247 11.44 12.47 35.12
N GLY A 248 10.38 11.85 35.63
CA GLY A 248 9.04 12.44 35.51
C GLY A 248 8.84 12.89 34.09
N LEU A 249 9.24 12.07 33.13
CA LEU A 249 9.19 12.48 31.71
C LEU A 249 7.84 12.18 31.10
N TYR A 250 7.41 13.00 30.14
CA TYR A 250 6.09 12.80 29.47
C TYR A 250 6.34 12.29 28.05
N ASN A 251 5.75 11.14 27.71
CA ASN A 251 5.89 10.55 26.39
C ASN A 251 4.79 11.06 25.47
N ILE A 252 5.18 11.51 24.28
CA ILE A 252 4.28 12.12 23.30
C ILE A 252 4.61 11.44 21.98
N VAL A 253 3.75 10.56 21.52
CA VAL A 253 4.00 9.81 20.30
C VAL A 253 2.97 10.25 19.26
N LEU A 254 3.44 10.67 18.09
CA LEU A 254 2.60 11.15 17.01
C LEU A 254 2.74 10.22 15.82
N ALA A 255 1.60 9.74 15.32
CA ALA A 255 1.54 8.85 14.17
C ALA A 255 0.89 9.60 13.04
N CYS A 256 1.60 9.72 11.93
CA CYS A 256 1.11 10.46 10.78
C CYS A 256 1.60 9.78 9.50
N PRO A 257 1.08 10.17 8.34
CA PRO A 257 1.59 9.59 7.10
C PRO A 257 2.99 10.09 6.77
N ASP A 258 3.74 9.24 6.07
CA ASP A 258 5.10 9.60 5.60
C ASP A 258 5.01 10.04 4.16
N ASP A 259 4.21 11.07 3.88
CA ASP A 259 4.11 11.62 2.50
C ASP A 259 5.49 12.09 2.08
N LEU A 260 6.36 12.39 3.05
CA LEU A 260 7.71 12.92 2.72
C LEU A 260 8.74 11.81 2.81
N PRO A 261 9.93 11.92 2.16
CA PRO A 261 10.91 10.83 2.15
C PRO A 261 12.32 11.12 2.65
N GLU A 262 12.65 12.38 2.93
CA GLU A 262 14.04 12.75 3.30
C GLU A 262 14.61 11.81 4.37
N LEU A 263 13.86 11.56 5.44
CA LEU A 263 14.38 10.74 6.56
C LEU A 263 15.45 11.56 7.28
N VAL A 264 15.51 12.85 6.99
CA VAL A 264 16.46 13.72 7.74
C VAL A 264 16.05 13.59 9.20
N ASN A 265 16.91 13.02 10.04
CA ASN A 265 16.51 12.78 11.46
C ASN A 265 17.50 13.41 12.46
N THR A 266 17.76 14.71 12.28
CA THR A 266 18.40 15.50 13.33
C THR A 266 17.33 16.00 14.28
N ALA A 267 17.79 16.53 15.42
CA ALA A 267 16.87 17.03 16.42
C ALA A 267 15.98 18.11 15.83
N LYS A 268 16.59 19.10 15.17
CA LYS A 268 15.79 20.21 14.61
C LYS A 268 14.89 19.76 13.48
N ALA A 269 15.20 18.66 12.81
CA ALA A 269 14.41 18.25 11.65
C ALA A 269 12.94 18.05 12.03
N ASP A 270 12.72 17.21 13.04
CA ASP A 270 11.39 16.93 13.56
C ASP A 270 10.69 18.17 14.09
N LEU A 271 11.31 18.87 15.03
CA LEU A 271 10.73 20.12 15.53
C LEU A 271 10.07 20.91 14.41
N LYS A 272 10.80 21.19 13.33
CA LYS A 272 10.18 21.69 12.11
C LYS A 272 9.04 20.78 11.62
N GLU A 273 9.35 19.50 11.37
CA GLU A 273 8.37 18.58 10.80
C GLU A 273 7.16 18.39 11.70
N MET A 274 7.39 18.08 12.98
CA MET A 274 6.29 17.95 13.92
C MET A 274 5.45 19.21 14.02
N ARG A 275 6.10 20.38 14.12
CA ARG A 275 5.32 21.61 14.13
C ARG A 275 4.44 21.69 12.91
N GLU A 276 4.96 21.29 11.75
CA GLU A 276 4.17 21.37 10.54
C GLU A 276 2.98 20.44 10.60
N ARG A 277 3.18 19.21 11.10
CA ARG A 277 2.07 18.25 11.21
C ARG A 277 1.03 18.67 12.24
N PHE A 278 1.42 19.46 13.25
CA PHE A 278 0.52 19.97 14.26
C PHE A 278 -0.18 21.25 13.85
N GLU A 279 -0.09 21.58 12.56
CA GLU A 279 -0.80 22.78 12.06
C GLU A 279 -2.30 22.61 12.27
N GLY A 280 -2.89 23.37 13.20
CA GLY A 280 -4.34 23.33 13.42
C GLY A 280 -4.75 22.44 14.57
N TRP A 281 -3.77 21.90 15.30
CA TRP A 281 -4.06 20.95 16.39
C TRP A 281 -4.11 21.66 17.74
N ASP A 282 -4.61 20.98 18.77
CA ASP A 282 -4.70 21.58 20.12
C ASP A 282 -3.48 22.47 20.29
N PRO A 283 -3.66 23.76 20.60
CA PRO A 283 -2.53 24.61 20.85
C PRO A 283 -1.57 23.94 21.84
N ARG A 284 -2.10 23.14 22.76
CA ARG A 284 -1.25 22.50 23.82
C ARG A 284 -0.18 21.62 23.20
N LEU A 285 -0.52 20.84 22.19
CA LEU A 285 0.44 19.87 21.58
C LEU A 285 1.62 20.61 20.96
N THR A 286 1.42 21.83 20.51
CA THR A 286 2.49 22.60 19.82
C THR A 286 3.32 23.29 20.88
N LEU A 287 2.69 23.71 21.98
CA LEU A 287 3.50 24.28 23.08
C LEU A 287 4.47 23.17 23.44
N LEU A 288 3.92 21.97 23.63
CA LEU A 288 4.81 20.90 24.07
C LEU A 288 6.01 20.75 23.14
N LEU A 289 5.84 21.03 21.85
CA LEU A 289 6.99 20.94 20.94
C LEU A 289 8.15 21.84 21.36
N SER A 290 7.89 22.86 22.17
CA SER A 290 8.97 23.77 22.53
C SER A 290 9.80 23.26 23.70
N LEU A 291 9.18 22.49 24.59
CA LEU A 291 9.81 21.87 25.76
C LEU A 291 10.49 20.54 25.47
N VAL A 292 10.87 20.27 24.23
CA VAL A 292 11.41 18.95 23.89
C VAL A 292 12.76 18.75 24.57
N GLN A 293 13.02 17.54 25.02
CA GLN A 293 14.36 17.14 25.42
C GLN A 293 14.96 16.07 24.53
N GLU A 294 14.15 15.35 23.76
CA GLU A 294 14.65 14.34 22.83
C GLU A 294 13.62 14.11 21.71
N THR A 295 14.11 13.79 20.50
CA THR A 295 13.23 13.49 19.36
C THR A 295 13.62 12.15 18.74
N SER A 296 12.64 11.46 18.17
CA SER A 296 12.92 10.15 17.59
C SER A 296 11.91 9.87 16.49
N LYS A 297 12.38 9.65 15.26
CA LYS A 297 11.48 9.47 14.11
C LYS A 297 11.76 8.13 13.45
N TRP A 298 10.70 7.38 13.13
CA TRP A 298 10.88 6.06 12.53
C TRP A 298 9.66 5.67 11.69
N ARG A 299 9.86 4.82 10.69
CA ARG A 299 8.77 4.37 9.83
C ARG A 299 8.15 3.10 10.44
N LEU A 300 6.84 3.17 10.71
CA LEU A 300 6.11 2.03 11.25
C LEU A 300 6.09 0.87 10.24
N GLN A 301 5.78 -0.31 10.76
CA GLN A 301 5.64 -1.52 9.95
C GLN A 301 4.93 -2.59 10.79
N ASN A 302 4.47 -3.65 10.11
CA ASN A 302 3.98 -4.84 10.82
C ASN A 302 3.87 -6.00 9.81
N SER A 303 3.34 -7.14 10.26
CA SER A 303 3.20 -8.36 9.46
C SER A 303 1.72 -8.71 9.30
N GLU A 304 1.42 -9.55 8.31
CA GLU A 304 0.05 -10.04 8.11
C GLU A 304 -0.10 -11.40 8.77
N GLU A 305 -1.30 -11.69 9.26
CA GLU A 305 -1.49 -12.87 10.11
C GLU A 305 -1.15 -14.14 9.36
N MET A 306 -0.86 -15.19 10.10
CA MET A 306 -0.45 -16.45 9.50
C MET A 306 -1.47 -17.55 9.78
N ASP A 307 -1.65 -18.44 8.80
CA ASP A 307 -2.57 -19.56 9.01
C ASP A 307 -1.96 -20.58 9.96
N LYS A 308 -0.66 -20.86 9.81
CA LYS A 308 0.03 -21.85 10.63
C LYS A 308 1.16 -21.20 11.40
N TRP A 309 1.16 -21.38 12.72
CA TRP A 309 2.28 -20.97 13.58
C TRP A 309 3.23 -22.12 13.88
N SER A 310 2.81 -23.36 13.66
CA SER A 310 3.58 -24.57 13.93
C SER A 310 4.18 -25.16 12.67
N HIS A 311 5.13 -26.08 12.86
CA HIS A 311 5.69 -26.85 11.76
C HIS A 311 5.21 -28.29 11.83
N GLU A 312 5.11 -28.92 10.64
CA GLU A 312 4.56 -30.28 10.59
C GLU A 312 5.32 -31.21 11.54
N SER A 313 6.61 -30.98 11.72
CA SER A 313 7.39 -31.84 12.59
C SER A 313 6.92 -31.81 14.04
N GLY A 314 5.97 -30.95 14.39
CA GLY A 314 5.54 -30.82 15.78
C GLY A 314 6.62 -30.44 16.78
N LYS A 315 7.69 -29.77 16.34
CA LYS A 315 8.77 -29.36 17.23
C LYS A 315 9.00 -27.85 17.21
N PHE A 316 8.21 -27.09 16.45
CA PHE A 316 8.43 -25.66 16.37
C PHE A 316 7.11 -24.92 16.34
N VAL A 317 7.06 -23.79 17.04
CA VAL A 317 5.88 -22.93 17.08
C VAL A 317 6.34 -21.51 17.35
N LEU A 318 5.66 -20.56 16.70
CA LEU A 318 5.94 -19.15 16.84
C LEU A 318 5.09 -18.55 17.98
N MET A 319 5.55 -17.41 18.51
CA MET A 319 4.77 -16.59 19.43
C MET A 319 5.03 -15.13 19.11
N GLY A 320 4.26 -14.25 19.76
CA GLY A 320 4.45 -12.80 19.69
C GLY A 320 4.25 -12.21 18.30
N ASP A 321 4.88 -11.03 18.09
CA ASP A 321 4.79 -10.29 16.83
C ASP A 321 5.21 -11.10 15.61
N ALA A 322 5.95 -12.21 15.82
CA ALA A 322 6.34 -13.05 14.70
C ALA A 322 5.15 -13.73 14.05
N CYS A 323 4.10 -14.06 14.82
CA CYS A 323 2.94 -14.65 14.17
C CYS A 323 1.68 -13.79 14.21
N HIS A 324 1.61 -12.79 15.09
CA HIS A 324 0.37 -12.03 15.28
C HIS A 324 0.66 -10.55 15.45
N ALA A 325 1.68 -10.05 14.73
CA ALA A 325 2.02 -8.64 14.80
C ALA A 325 0.77 -7.78 14.67
N THR A 326 0.61 -6.83 15.59
CA THR A 326 -0.58 -6.02 15.68
C THR A 326 -0.23 -4.56 15.45
N LEU A 327 -1.17 -3.84 14.85
CA LEU A 327 -1.06 -2.40 14.81
C LEU A 327 -1.03 -1.84 16.23
N PRO A 328 -0.29 -0.76 16.48
CA PRO A 328 -0.12 -0.27 17.85
C PRO A 328 -1.30 0.51 18.42
N TYR A 329 -2.48 0.44 17.81
CA TYR A 329 -3.55 1.36 18.21
C TYR A 329 -4.23 0.94 19.51
N LEU A 330 -4.31 -0.36 19.80
CA LEU A 330 -5.05 -0.83 20.98
C LEU A 330 -4.21 -0.91 22.25
N ALA A 331 -2.87 -0.87 22.12
CA ALA A 331 -1.94 -1.10 23.21
C ALA A 331 -2.11 -2.50 23.82
N GLN A 332 -1.84 -3.53 23.00
CA GLN A 332 -1.99 -4.91 23.44
C GLN A 332 -0.92 -5.87 22.92
N GLY A 333 0.09 -5.38 22.19
CA GLY A 333 1.03 -6.28 21.56
C GLY A 333 1.86 -7.06 22.56
N ALA A 334 2.46 -6.35 23.51
CA ALA A 334 3.12 -7.03 24.62
C ALA A 334 2.10 -7.73 25.51
N ALA A 335 0.91 -7.15 25.71
CA ALA A 335 -0.08 -7.87 26.50
C ALA A 335 -0.32 -9.26 25.94
N ILE A 336 -0.55 -9.34 24.62
CA ILE A 336 -0.88 -10.65 24.06
C ILE A 336 0.36 -11.50 23.85
N ALA A 337 1.57 -10.91 23.85
CA ALA A 337 2.75 -11.78 23.88
C ALA A 337 2.94 -12.40 25.27
N VAL A 338 2.65 -11.63 26.32
CA VAL A 338 2.65 -12.17 27.67
C VAL A 338 1.62 -13.29 27.78
N GLU A 339 0.41 -13.05 27.25
CA GLU A 339 -0.60 -14.08 27.22
C GLU A 339 -0.10 -15.33 26.50
N ASP A 340 0.58 -15.15 25.36
CA ASP A 340 1.15 -16.27 24.64
C ASP A 340 2.09 -17.07 25.53
N GLY A 341 3.03 -16.39 26.19
CA GLY A 341 3.96 -17.09 27.07
C GLY A 341 3.26 -17.77 28.24
N ALA A 342 2.26 -17.10 28.82
CA ALA A 342 1.49 -17.67 29.91
C ALA A 342 0.77 -18.94 29.47
N ALA A 343 0.22 -18.95 28.25
CA ALA A 343 -0.51 -20.12 27.79
C ALA A 343 0.46 -21.26 27.49
N LEU A 344 1.55 -20.96 26.78
CA LEU A 344 2.64 -21.92 26.62
C LEU A 344 2.99 -22.58 27.95
N GLY A 345 3.31 -21.78 28.97
CA GLY A 345 3.66 -22.34 30.25
C GLY A 345 2.57 -23.22 30.81
N THR A 346 1.34 -22.70 30.81
CA THR A 346 0.25 -23.44 31.45
C THR A 346 0.06 -24.81 30.80
N LEU A 347 0.36 -24.89 29.50
CA LEU A 347 0.17 -26.13 28.77
C LEU A 347 1.35 -27.06 28.95
N PHE A 348 2.57 -26.52 28.88
CA PHE A 348 3.74 -27.36 29.15
C PHE A 348 3.67 -27.99 30.53
N ALA A 349 3.04 -27.32 31.52
CA ALA A 349 2.79 -27.97 32.81
C ALA A 349 2.22 -29.38 32.64
N HIS A 350 1.39 -29.58 31.62
CA HIS A 350 0.79 -30.88 31.37
C HIS A 350 1.65 -31.76 30.46
N ALA A 351 2.80 -31.26 29.98
CA ALA A 351 3.69 -32.03 29.11
C ALA A 351 4.59 -32.93 29.95
N THR A 352 3.97 -33.94 30.56
CA THR A 352 4.64 -34.87 31.46
C THR A 352 5.31 -36.02 30.73
N HIS A 353 5.05 -36.20 29.43
CA HIS A 353 5.53 -37.30 28.59
C HIS A 353 5.86 -36.70 27.24
N PRO A 354 7.03 -37.01 26.66
CA PRO A 354 7.46 -36.31 25.42
C PRO A 354 6.46 -36.38 24.27
N SER A 355 5.81 -37.53 24.04
CA SER A 355 4.80 -37.61 23.00
C SER A 355 3.68 -36.58 23.19
N LEU A 356 3.51 -36.03 24.40
CA LEU A 356 2.49 -35.01 24.61
C LEU A 356 2.88 -33.65 24.05
N VAL A 357 4.14 -33.45 23.67
CA VAL A 357 4.61 -32.08 23.35
C VAL A 357 3.93 -31.50 22.12
N PRO A 358 3.93 -32.16 20.95
CA PRO A 358 3.32 -31.55 19.75
C PRO A 358 1.87 -31.20 19.95
N ASP A 359 1.07 -32.11 20.51
CA ASP A 359 -0.31 -31.77 20.80
C ASP A 359 -0.42 -30.49 21.62
N VAL A 360 0.44 -30.30 22.61
CA VAL A 360 0.45 -29.04 23.36
C VAL A 360 0.64 -27.86 22.43
N LEU A 361 1.70 -27.88 21.62
CA LEU A 361 1.90 -26.83 20.63
C LEU A 361 0.65 -26.61 19.77
N THR A 362 -0.11 -27.66 19.49
CA THR A 362 -1.33 -27.48 18.73
C THR A 362 -2.38 -26.76 19.56
N ILE A 363 -2.68 -27.29 20.74
CA ILE A 363 -3.73 -26.67 21.60
C ILE A 363 -3.45 -25.18 21.79
N TYR A 364 -2.17 -24.78 21.77
CA TYR A 364 -1.76 -23.37 22.00
C TYR A 364 -2.16 -22.51 20.83
N GLU A 365 -1.62 -22.84 19.65
CA GLU A 365 -1.96 -22.07 18.43
C GLU A 365 -3.45 -21.86 18.45
N GLN A 366 -4.20 -22.93 18.48
CA GLN A 366 -5.66 -22.76 18.37
C GLN A 366 -6.12 -21.72 19.38
N ILE A 367 -5.75 -21.88 20.65
CA ILE A 367 -6.29 -20.97 21.71
C ILE A 367 -5.71 -19.58 21.55
N ARG A 368 -4.53 -19.46 20.97
CA ARG A 368 -3.87 -18.14 20.90
C ARG A 368 -4.30 -17.39 19.64
N LYS A 369 -4.45 -18.10 18.53
CA LYS A 369 -4.82 -17.45 17.24
C LYS A 369 -6.20 -16.83 17.35
N SER A 370 -7.19 -17.59 17.84
CA SER A 370 -8.58 -17.09 17.93
C SER A 370 -8.61 -15.82 18.77
N ARG A 371 -7.66 -15.67 19.68
CA ARG A 371 -7.58 -14.46 20.51
C ARG A 371 -6.72 -13.43 19.80
N THR A 372 -5.56 -13.83 19.28
CA THR A 372 -4.71 -12.77 18.72
C THR A 372 -5.25 -12.18 17.42
N THR A 373 -6.02 -12.94 16.62
CA THR A 373 -6.63 -12.31 15.47
C THR A 373 -7.74 -11.35 15.90
N ARG A 374 -8.61 -11.76 16.82
CA ARG A 374 -9.70 -10.84 17.12
C ARG A 374 -9.19 -9.55 17.76
N VAL A 375 -7.99 -9.57 18.35
CA VAL A 375 -7.34 -8.32 18.77
C VAL A 375 -6.80 -7.57 17.55
N VAL A 376 -6.06 -8.27 16.69
CA VAL A 376 -5.52 -7.67 15.49
C VAL A 376 -6.61 -6.96 14.70
N ARG A 377 -7.80 -7.53 14.64
CA ARG A 377 -8.88 -6.82 13.97
C ARG A 377 -9.18 -5.52 14.66
N GLY A 378 -9.48 -5.58 15.96
CA GLY A 378 -9.81 -4.38 16.74
C GLY A 378 -8.82 -3.24 16.56
N SER A 379 -7.52 -3.51 16.73
CA SER A 379 -6.51 -2.49 16.43
C SER A 379 -6.79 -1.84 15.09
N THR A 380 -6.87 -2.63 14.01
CA THR A 380 -7.22 -2.04 12.71
C THR A 380 -8.49 -1.17 12.82
N LYS A 381 -9.58 -1.72 13.34
CA LYS A 381 -10.77 -0.89 13.53
C LYS A 381 -10.47 0.39 14.33
N GLN A 382 -9.74 0.28 15.45
CA GLN A 382 -9.40 1.51 16.18
C GLN A 382 -8.71 2.52 15.25
N ARG A 383 -7.74 2.06 14.46
CA ARG A 383 -7.12 2.94 13.47
C ARG A 383 -8.19 3.71 12.69
N ASP A 384 -9.17 2.99 12.14
CA ASP A 384 -10.15 3.66 11.29
C ASP A 384 -10.88 4.75 12.05
N ILE A 385 -11.15 4.52 13.34
CA ILE A 385 -11.76 5.56 14.19
C ILE A 385 -10.80 6.72 14.41
N PHE A 386 -9.55 6.41 14.77
CA PHE A 386 -8.64 7.49 15.13
C PHE A 386 -8.38 8.40 13.94
N HIS A 387 -8.24 7.83 12.75
CA HIS A 387 -7.65 8.55 11.63
C HIS A 387 -8.67 9.27 10.76
N MET A 388 -9.94 9.24 11.13
CA MET A 388 -10.98 9.85 10.32
C MET A 388 -10.62 11.28 9.96
N PRO A 389 -10.74 11.66 8.70
CA PRO A 389 -10.64 13.07 8.32
C PRO A 389 -11.91 13.81 8.69
N ASP A 390 -11.76 15.14 8.78
CA ASP A 390 -12.90 16.02 9.04
C ASP A 390 -13.92 15.91 7.90
N GLY A 391 -15.20 15.78 8.28
CA GLY A 391 -16.26 15.53 7.34
C GLY A 391 -17.47 14.90 8.00
N PRO A 392 -18.47 14.53 7.19
CA PRO A 392 -19.68 13.88 7.73
C PRO A 392 -19.42 12.65 8.60
N ARG A 393 -18.49 11.77 8.21
CA ARG A 393 -18.23 10.58 9.00
C ARG A 393 -17.56 10.94 10.32
N GLN A 394 -16.69 11.94 10.31
CA GLN A 394 -16.13 12.46 11.56
C GLN A 394 -17.21 13.08 12.44
N ARG A 395 -18.07 13.91 11.85
CA ARG A 395 -19.14 14.49 12.63
C ARG A 395 -20.00 13.39 13.29
N GLU A 396 -20.32 12.33 12.55
CA GLU A 396 -21.11 11.26 13.16
C GLU A 396 -20.35 10.53 14.25
N ARG A 397 -19.09 10.16 14.00
CA ARG A 397 -18.29 9.55 15.05
C ARG A 397 -18.40 10.34 16.34
N ASP A 398 -17.98 11.62 16.30
CA ASP A 398 -18.02 12.49 17.48
C ASP A 398 -19.40 12.50 18.12
N ARG A 399 -20.43 12.67 17.30
CA ARG A 399 -21.79 12.65 17.82
C ARG A 399 -22.04 11.41 18.63
N GLN A 400 -21.71 10.24 18.08
CA GLN A 400 -21.98 8.97 18.76
C GLN A 400 -21.19 8.88 20.05
N LEU A 401 -19.88 9.11 19.98
CA LEU A 401 -19.07 9.14 21.19
C LEU A 401 -19.79 9.91 22.29
N LEU A 402 -20.13 11.18 22.04
CA LEU A 402 -20.68 11.99 23.12
C LEU A 402 -22.08 11.51 23.52
N THR A 403 -22.94 11.23 22.54
CA THR A 403 -24.34 10.95 22.83
C THR A 403 -24.53 9.67 23.64
N TYR A 404 -23.84 8.60 23.27
CA TYR A 404 -24.07 7.31 23.90
C TYR A 404 -23.00 6.97 24.94
N ALA A 405 -22.31 7.98 25.50
CA ALA A 405 -21.26 7.71 26.49
C ALA A 405 -21.82 7.09 27.76
N ASP A 406 -23.09 7.39 28.07
CA ASP A 406 -23.80 6.84 29.21
C ASP A 406 -24.82 5.82 28.79
N ASN A 407 -24.71 5.30 27.60
CA ASN A 407 -25.68 4.38 27.09
C ASN A 407 -24.97 3.55 26.03
N LEU A 408 -23.95 2.82 26.48
CA LEU A 408 -23.06 2.15 25.55
C LEU A 408 -23.81 1.10 24.73
N PHE A 409 -23.23 0.74 23.58
CA PHE A 409 -23.78 -0.26 22.68
C PHE A 409 -22.62 -0.95 21.98
N GLU A 410 -22.87 -2.15 21.44
CA GLU A 410 -21.82 -2.81 20.66
C GLU A 410 -21.65 -2.10 19.33
N GLY A 411 -20.38 -1.85 19.00
CA GLY A 411 -20.04 -0.98 17.90
C GLY A 411 -19.76 0.46 18.28
N TYR A 412 -19.66 0.76 19.57
CA TYR A 412 -19.31 2.09 20.02
C TYR A 412 -17.93 2.48 19.47
N PRO A 413 -17.79 3.69 18.91
CA PRO A 413 -16.54 4.05 18.21
C PRO A 413 -15.26 3.99 19.05
N ASN A 414 -15.34 3.74 20.34
CA ASN A 414 -14.16 3.51 21.16
C ASN A 414 -14.16 2.03 21.48
N GLN A 415 -13.21 1.29 20.91
CA GLN A 415 -13.18 -0.14 21.19
C GLN A 415 -12.87 -0.43 22.65
N TRP A 416 -12.16 0.46 23.34
CA TRP A 416 -11.86 0.28 24.75
C TRP A 416 -13.11 0.39 25.60
N ALA A 417 -14.09 1.16 25.16
CA ALA A 417 -15.30 1.37 25.95
C ALA A 417 -16.44 0.49 25.50
N ASP A 418 -16.34 -0.09 24.32
CA ASP A 418 -17.33 -1.02 23.79
C ASP A 418 -17.72 -2.04 24.86
N PRO A 419 -19.02 -2.13 25.23
CA PRO A 419 -19.43 -3.02 26.33
C PRO A 419 -19.22 -4.50 26.06
N VAL A 420 -19.04 -4.92 24.80
CA VAL A 420 -18.68 -6.30 24.47
C VAL A 420 -17.17 -6.47 24.33
N PHE A 421 -16.54 -5.72 23.43
CA PHE A 421 -15.10 -5.87 23.24
C PHE A 421 -14.34 -5.67 24.55
N GLN A 422 -14.75 -4.69 25.37
CA GLN A 422 -13.95 -4.28 26.54
C GLN A 422 -13.76 -5.41 27.56
N PRO A 423 -14.82 -6.00 28.12
CA PRO A 423 -14.62 -7.12 29.06
C PRO A 423 -13.89 -8.28 28.44
N TRP A 424 -14.15 -8.57 27.17
CA TRP A 424 -13.42 -9.65 26.51
C TRP A 424 -11.92 -9.36 26.51
N LEU A 425 -11.55 -8.12 26.18
CA LEU A 425 -10.13 -7.81 26.05
C LEU A 425 -9.44 -7.87 27.40
N TYR A 426 -10.06 -7.26 28.41
CA TYR A 426 -9.41 -7.07 29.69
C TYR A 426 -9.76 -8.14 30.70
N GLY A 427 -10.81 -8.91 30.47
CA GLY A 427 -11.16 -9.97 31.37
C GLY A 427 -10.51 -11.29 31.08
N TYR A 428 -9.66 -11.34 30.06
CA TYR A 428 -9.16 -12.61 29.56
C TYR A 428 -8.06 -13.11 30.48
N ASN A 429 -8.19 -14.37 30.86
CA ASN A 429 -7.28 -15.04 31.77
C ASN A 429 -6.63 -16.13 30.93
N ALA A 430 -5.39 -15.91 30.51
CA ALA A 430 -4.72 -16.88 29.67
C ALA A 430 -4.67 -18.23 30.36
N PHE A 431 -4.39 -18.23 31.66
CA PHE A 431 -4.29 -19.47 32.41
C PHE A 431 -5.59 -20.28 32.31
N GLU A 432 -6.71 -19.68 32.69
CA GLU A 432 -7.95 -20.44 32.75
C GLU A 432 -8.33 -20.96 31.37
N GLU A 433 -8.07 -20.16 30.34
CA GLU A 433 -8.46 -20.56 29.00
C GLU A 433 -7.63 -21.76 28.54
N ALA A 434 -6.31 -21.72 28.78
CA ALA A 434 -5.49 -22.85 28.41
C ALA A 434 -5.88 -24.09 29.20
N GLU A 435 -6.32 -23.93 30.44
CA GLU A 435 -6.78 -25.09 31.19
C GLU A 435 -8.06 -25.66 30.59
N LYS A 436 -9.05 -24.81 30.34
CA LYS A 436 -10.26 -25.26 29.64
C LYS A 436 -9.90 -26.06 28.39
N ALA A 437 -8.91 -25.56 27.63
CA ALA A 437 -8.52 -26.21 26.39
C ALA A 437 -7.89 -27.56 26.64
N TRP A 438 -7.03 -27.67 27.67
CA TRP A 438 -6.43 -28.96 27.98
C TRP A 438 -7.51 -29.97 28.32
N GLN A 439 -8.51 -29.55 29.09
CA GLN A 439 -9.61 -30.47 29.41
C GLN A 439 -10.35 -30.90 28.16
N LYS A 440 -10.67 -29.94 27.29
CA LYS A 440 -11.26 -30.32 26.00
C LYS A 440 -10.39 -31.35 25.28
N TYR A 441 -9.07 -31.15 25.29
CA TYR A 441 -8.19 -32.11 24.66
C TYR A 441 -8.27 -33.50 25.31
N LEU A 442 -8.45 -33.54 26.63
CA LEU A 442 -8.54 -34.82 27.33
C LEU A 442 -9.86 -35.53 27.04
N ARG A 443 -10.94 -34.80 26.78
CA ARG A 443 -12.17 -35.42 26.32
C ARG A 443 -12.16 -35.69 24.81
N GLY A 444 -11.01 -35.64 24.15
CA GLY A 444 -10.92 -35.86 22.72
C GLY A 444 -11.62 -34.84 21.82
N HIS A 445 -11.63 -33.56 22.22
CA HIS A 445 -12.46 -32.55 21.58
C HIS A 445 -11.64 -31.41 20.98
N ILE A 446 -10.40 -31.70 20.58
CA ILE A 446 -9.51 -30.73 19.96
C ILE A 446 -9.15 -31.25 18.57
N PHE A 447 -9.54 -30.49 17.54
CA PHE A 447 -9.21 -30.81 16.16
C PHE A 447 -7.69 -30.72 15.94
N GLY A 448 -7.17 -31.55 15.06
CA GLY A 448 -5.81 -31.38 14.58
C GLY A 448 -4.71 -32.01 15.40
N THR A 449 -5.03 -32.62 16.54
CA THR A 449 -4.07 -33.28 17.41
C THR A 449 -3.80 -34.71 16.95
N THR A 450 -2.69 -35.25 17.47
CA THR A 450 -2.32 -36.64 17.22
C THR A 450 -2.90 -37.59 18.26
N GLY A 451 -3.59 -37.08 19.27
CA GLY A 451 -4.17 -37.93 20.28
C GLY A 451 -3.19 -38.68 21.14
N ALA A 452 -2.00 -38.10 21.38
CA ALA A 452 -1.00 -38.71 22.26
C ALA A 452 -1.57 -39.12 23.61
N PHE A 453 -2.48 -38.33 24.16
CA PHE A 453 -3.05 -38.64 25.46
C PHE A 453 -3.72 -40.01 25.49
N ARG A 454 -4.12 -40.55 24.34
CA ARG A 454 -4.81 -41.84 24.35
C ARG A 454 -3.88 -42.95 24.82
N GLU A 455 -2.73 -43.07 24.16
CA GLU A 455 -1.78 -44.14 24.49
C GLU A 455 -1.22 -43.97 25.89
N LEU A 456 -1.44 -42.82 26.53
CA LEU A 456 -0.82 -42.55 27.84
C LEU A 456 -1.82 -42.74 28.98
N GLY A 457 -3.02 -43.21 28.68
CA GLY A 457 -3.97 -43.54 29.75
C GLY A 457 -4.78 -42.35 30.23
N MET A 458 -4.50 -41.16 29.71
CA MET A 458 -5.31 -39.97 30.06
C MET A 458 -6.62 -40.01 29.28
N GLY A 459 -7.72 -39.53 29.85
CA GLY A 459 -9.02 -39.67 29.17
C GLY A 459 -10.16 -39.12 30.02
N THR B 21 -28.26 17.81 21.52
CA THR B 21 -28.91 18.46 20.40
C THR B 21 -28.75 19.97 20.51
N SER B 22 -27.51 20.43 20.63
CA SER B 22 -27.28 21.85 20.73
C SER B 22 -27.77 22.55 19.46
N TYR B 23 -27.86 23.88 19.53
CA TYR B 23 -28.32 24.65 18.37
C TYR B 23 -27.36 24.44 17.22
N GLN B 24 -27.94 24.35 16.03
CA GLN B 24 -27.18 24.29 14.79
C GLN B 24 -27.85 25.28 13.85
N CYS B 25 -27.11 26.32 13.49
CA CYS B 25 -27.63 27.36 12.62
C CYS B 25 -27.51 26.93 11.16
N ARG B 26 -28.55 27.19 10.39
CA ARG B 26 -28.55 26.97 8.96
C ARG B 26 -28.15 28.27 8.26
N VAL B 27 -26.96 28.28 7.66
CA VAL B 27 -26.33 29.45 7.06
C VAL B 27 -26.26 29.27 5.56
N ALA B 28 -26.93 30.14 4.82
CA ALA B 28 -26.87 30.15 3.37
C ALA B 28 -25.89 31.24 2.96
N VAL B 29 -24.79 30.83 2.32
CA VAL B 29 -23.81 31.74 1.74
C VAL B 29 -24.14 31.91 0.26
N VAL B 30 -24.28 33.17 -0.17
CA VAL B 30 -24.56 33.48 -1.56
C VAL B 30 -23.24 33.83 -2.24
N GLY B 31 -22.68 32.87 -2.98
CA GLY B 31 -21.50 33.05 -3.82
C GLY B 31 -20.35 32.14 -3.46
N ALA B 32 -19.86 31.40 -4.46
CA ALA B 32 -18.75 30.48 -4.28
C ALA B 32 -17.40 31.16 -4.46
N GLY B 33 -17.26 32.40 -3.98
CA GLY B 33 -16.00 33.10 -4.09
C GLY B 33 -15.13 32.89 -2.86
N LEU B 34 -13.85 33.24 -2.99
CA LEU B 34 -12.91 32.97 -1.90
C LEU B 34 -13.52 33.30 -0.55
N GLY B 35 -14.14 34.48 -0.43
CA GLY B 35 -14.82 34.81 0.80
C GLY B 35 -15.88 33.79 1.16
N GLY B 36 -16.82 33.55 0.25
CA GLY B 36 -17.90 32.62 0.54
C GLY B 36 -17.38 31.28 1.01
N LEU B 37 -16.44 30.71 0.27
CA LEU B 37 -15.90 29.41 0.65
C LEU B 37 -15.24 29.50 2.01
N SER B 38 -14.55 30.61 2.30
CA SER B 38 -13.87 30.77 3.59
C SER B 38 -14.87 30.79 4.73
N ALA B 39 -15.96 31.52 4.55
CA ALA B 39 -17.03 31.51 5.52
C ALA B 39 -17.61 30.11 5.69
N ALA B 40 -17.88 29.42 4.59
CA ALA B 40 -18.46 28.09 4.70
C ALA B 40 -17.52 27.16 5.43
N ILE B 41 -16.21 27.25 5.17
CA ILE B 41 -15.27 26.39 5.87
C ILE B 41 -15.27 26.71 7.36
N GLY B 42 -15.05 27.98 7.71
CA GLY B 42 -14.96 28.35 9.12
C GLY B 42 -16.23 28.01 9.87
N ILE B 43 -17.38 28.32 9.28
CA ILE B 43 -18.65 28.07 9.94
C ILE B 43 -18.94 26.59 10.04
N THR B 44 -18.65 25.80 9.00
CA THR B 44 -18.86 24.37 9.12
C THR B 44 -18.02 23.81 10.26
N LEU B 45 -16.74 24.21 10.32
CA LEU B 45 -15.85 23.73 11.38
C LEU B 45 -16.32 24.18 12.76
N ALA B 46 -17.07 25.29 12.84
CA ALA B 46 -17.62 25.69 14.14
C ALA B 46 -18.89 24.93 14.52
N GLY B 47 -19.43 24.09 13.64
CA GLY B 47 -20.54 23.27 14.07
C GLY B 47 -21.89 23.68 13.54
N HIS B 48 -21.95 24.28 12.36
CA HIS B 48 -23.23 24.74 11.81
C HIS B 48 -23.39 24.27 10.37
N LYS B 49 -24.61 24.39 9.85
CA LYS B 49 -24.94 23.80 8.56
C LYS B 49 -24.90 24.90 7.50
N VAL B 50 -23.87 24.87 6.64
CA VAL B 50 -23.72 25.88 5.59
C VAL B 50 -24.15 25.28 4.26
N THR B 51 -24.92 26.05 3.50
CA THR B 51 -25.19 25.75 2.09
C THR B 51 -24.70 26.94 1.29
N ILE B 52 -24.13 26.67 0.13
CA ILE B 52 -23.62 27.71 -0.77
C ILE B 52 -24.49 27.72 -2.01
N LEU B 53 -24.81 28.93 -2.50
CA LEU B 53 -25.65 29.10 -3.70
C LEU B 53 -24.89 30.00 -4.66
N GLU B 54 -24.20 29.38 -5.64
CA GLU B 54 -23.50 30.11 -6.68
C GLU B 54 -24.38 30.16 -7.91
N GLN B 55 -24.33 31.27 -8.64
CA GLN B 55 -25.21 31.45 -9.82
C GLN B 55 -24.61 30.72 -11.02
N ALA B 56 -23.28 30.64 -11.07
CA ALA B 56 -22.63 30.04 -12.24
C ALA B 56 -23.07 28.61 -12.40
N PRO B 57 -22.84 27.98 -13.57
CA PRO B 57 -23.18 26.58 -13.75
C PRO B 57 -21.99 25.71 -13.38
N GLN B 58 -20.82 26.32 -13.24
CA GLN B 58 -19.58 25.58 -12.90
C GLN B 58 -18.85 26.38 -11.82
N LEU B 59 -18.11 25.72 -10.94
CA LEU B 59 -17.47 26.44 -9.81
C LEU B 59 -16.05 26.87 -10.19
N GLY B 60 -15.69 26.83 -11.45
CA GLY B 60 -14.35 27.34 -11.83
C GLY B 60 -14.16 28.82 -11.49
N GLU B 61 -12.91 29.29 -11.44
CA GLU B 61 -12.64 30.74 -11.24
C GLU B 61 -11.28 31.05 -11.85
N VAL B 62 -11.26 31.48 -13.10
CA VAL B 62 -9.98 31.74 -13.81
C VAL B 62 -9.49 33.13 -13.42
N GLY B 63 -8.20 33.38 -13.65
CA GLY B 63 -7.67 34.71 -13.37
C GLY B 63 -6.17 34.71 -13.49
N ALA B 64 -5.52 35.58 -12.74
CA ALA B 64 -4.04 35.58 -12.73
C ALA B 64 -3.56 35.04 -11.39
N GLY B 65 -2.56 35.71 -10.83
CA GLY B 65 -2.01 35.28 -9.54
C GLY B 65 -2.64 36.02 -8.40
N ILE B 66 -2.76 35.34 -7.26
CA ILE B 66 -3.24 35.99 -6.02
C ILE B 66 -2.14 35.76 -4.99
N GLN B 67 -1.87 36.77 -4.16
CA GLN B 67 -0.82 36.65 -3.13
C GLN B 67 -1.48 36.30 -1.80
N ILE B 68 -0.93 35.34 -1.10
CA ILE B 68 -1.41 34.88 0.20
C ILE B 68 -0.39 35.26 1.25
N PRO B 69 -0.48 36.46 1.82
CA PRO B 69 0.51 36.91 2.79
C PRO B 69 0.31 36.16 4.09
N PRO B 70 1.12 36.42 5.12
CA PRO B 70 0.99 35.63 6.35
C PRO B 70 -0.37 35.78 7.02
N ASN B 71 -0.99 36.96 6.93
CA ASN B 71 -2.27 37.09 7.60
C ASN B 71 -3.37 36.24 6.95
N SER B 72 -3.17 35.80 5.72
CA SER B 72 -4.06 34.84 5.06
C SER B 72 -3.57 33.39 5.17
N SER B 73 -2.28 33.16 4.97
CA SER B 73 -1.75 31.81 5.05
C SER B 73 -1.96 31.22 6.43
N ARG B 74 -1.85 32.03 7.50
CA ARG B 74 -1.96 31.40 8.82
C ARG B 74 -3.38 30.92 9.06
N ILE B 75 -4.37 31.71 8.62
CA ILE B 75 -5.76 31.23 8.64
C ILE B 75 -5.87 29.91 7.88
N LEU B 76 -5.40 29.89 6.63
CA LEU B 76 -5.55 28.67 5.84
C LEU B 76 -4.86 27.50 6.52
N ARG B 77 -3.68 27.74 7.11
CA ARG B 77 -2.94 26.69 7.80
C ARG B 77 -3.79 26.08 8.91
N GLN B 78 -4.53 26.92 9.64
CA GLN B 78 -5.42 26.35 10.65
C GLN B 78 -6.44 25.37 10.06
N TRP B 79 -6.67 25.40 8.74
CA TRP B 79 -7.62 24.49 8.08
C TRP B 79 -6.90 23.35 7.34
N GLY B 80 -5.62 23.15 7.63
CA GLY B 80 -4.91 22.02 7.08
C GLY B 80 -4.61 22.15 5.61
N LEU B 81 -4.56 23.38 5.11
CA LEU B 81 -4.44 23.60 3.69
C LEU B 81 -3.02 23.91 3.24
N LEU B 82 -2.06 24.02 4.16
CA LEU B 82 -0.71 24.44 3.75
C LEU B 82 -0.05 23.48 2.78
N PRO B 83 -0.05 22.15 2.98
CA PRO B 83 0.51 21.26 1.96
C PRO B 83 -0.09 21.48 0.57
N ALA B 84 -1.43 21.48 0.49
CA ALA B 84 -2.05 21.64 -0.81
C ALA B 84 -1.54 22.91 -1.51
N LEU B 85 -1.41 24.02 -0.76
CA LEU B 85 -0.95 25.28 -1.34
C LEU B 85 0.52 25.21 -1.73
N GLU B 86 1.35 24.61 -0.87
CA GLU B 86 2.75 24.42 -1.21
C GLU B 86 2.89 23.75 -2.57
N GLU B 87 2.03 22.78 -2.87
CA GLU B 87 2.19 22.05 -4.14
C GLU B 87 2.12 22.96 -5.36
N VAL B 88 1.38 24.06 -5.28
CA VAL B 88 1.04 24.83 -6.47
C VAL B 88 1.46 26.28 -6.36
N SER B 89 2.16 26.66 -5.32
CA SER B 89 2.50 28.06 -5.14
C SER B 89 3.99 28.21 -4.88
N VAL B 90 4.44 29.44 -5.01
CA VAL B 90 5.82 29.81 -4.86
C VAL B 90 5.93 30.71 -3.64
N ARG B 91 7.08 30.62 -2.95
CA ARG B 91 7.46 31.57 -1.91
C ARG B 91 8.44 32.59 -2.50
N PRO B 92 7.99 33.73 -2.97
CA PRO B 92 8.96 34.74 -3.44
C PRO B 92 9.90 35.15 -2.29
N LEU B 93 11.18 35.36 -2.66
CA LEU B 93 12.23 35.69 -1.68
C LEU B 93 12.06 37.09 -1.12
N ASP B 94 11.74 38.07 -1.97
CA ASP B 94 11.47 39.42 -1.48
C ASP B 94 10.50 40.17 -2.40
N SER B 95 10.06 41.31 -1.91
CA SER B 95 9.18 42.21 -2.62
C SER B 95 9.93 43.50 -2.91
N VAL B 96 10.00 43.90 -4.19
CA VAL B 96 10.93 44.93 -4.65
C VAL B 96 10.15 46.05 -5.32
N LEU B 97 10.48 47.30 -4.96
CA LEU B 97 10.01 48.50 -5.66
C LEU B 97 11.17 49.07 -6.46
N ARG B 98 10.87 49.47 -7.72
CA ARG B 98 11.85 49.90 -8.70
C ARG B 98 11.34 51.11 -9.48
N SER B 99 12.28 51.84 -10.10
CA SER B 99 11.90 52.95 -10.96
C SER B 99 11.58 52.44 -12.36
N TYR B 100 10.60 53.10 -13.00
CA TYR B 100 10.14 52.61 -14.30
C TYR B 100 11.22 52.81 -15.38
N ARG B 101 11.97 53.90 -15.30
CA ARG B 101 12.89 54.23 -16.38
C ARG B 101 13.98 53.19 -16.53
N ASP B 102 14.67 52.86 -15.44
CA ASP B 102 15.86 52.04 -15.51
C ASP B 102 15.74 50.72 -14.78
N GLY B 103 14.63 50.45 -14.10
CA GLY B 103 14.55 49.29 -13.24
C GLY B 103 15.41 49.35 -12.00
N LYS B 104 15.79 50.56 -11.57
CA LYS B 104 16.71 50.70 -10.45
C LYS B 104 16.00 50.32 -9.15
N VAL B 105 16.61 49.43 -8.39
CA VAL B 105 16.02 49.02 -7.13
C VAL B 105 15.90 50.23 -6.21
N LEU B 106 14.71 50.44 -5.67
CA LEU B 106 14.44 51.51 -4.73
C LEU B 106 14.09 51.02 -3.34
N SER B 107 13.47 49.86 -3.22
CA SER B 107 13.19 49.28 -1.90
C SER B 107 13.10 47.77 -2.03
N ARG B 108 13.70 47.05 -1.09
CA ARG B 108 13.69 45.59 -1.12
C ARG B 108 13.31 45.06 0.26
N ILE B 109 12.12 44.49 0.37
CA ILE B 109 11.63 43.83 1.59
C ILE B 109 11.99 42.36 1.49
N ASN B 110 12.72 41.82 2.46
CA ASN B 110 13.01 40.40 2.39
C ASN B 110 11.89 39.60 3.02
N LEU B 111 11.24 38.77 2.22
CA LEU B 111 10.14 37.90 2.67
C LEU B 111 10.61 36.52 3.11
N VAL B 112 11.58 35.96 2.41
CA VAL B 112 12.14 34.68 2.82
C VAL B 112 13.61 34.93 3.17
N PRO B 113 14.02 34.79 4.44
CA PRO B 113 13.23 34.18 5.51
C PRO B 113 12.57 35.14 6.55
N GLY B 114 12.52 36.44 6.24
CA GLY B 114 12.15 37.42 7.26
C GLY B 114 10.70 37.33 7.72
N TYR B 115 9.75 37.42 6.77
CA TYR B 115 8.34 37.37 7.14
C TYR B 115 7.98 36.09 7.86
N GLU B 116 8.57 34.96 7.47
CA GLU B 116 8.16 33.73 8.17
C GLU B 116 8.72 33.71 9.56
N GLU B 117 9.87 34.36 9.76
CA GLU B 117 10.44 34.50 11.09
C GLU B 117 9.64 35.50 11.92
N ARG B 118 9.24 36.60 11.30
CA ARG B 118 8.63 37.70 12.05
C ARG B 118 7.14 37.57 12.20
N PHE B 119 6.46 36.95 11.23
CA PHE B 119 5.01 36.78 11.28
C PHE B 119 4.56 35.32 11.32
N GLY B 120 5.50 34.38 11.46
CA GLY B 120 5.19 32.97 11.64
C GLY B 120 4.28 32.27 10.64
N ALA B 121 4.18 32.78 9.41
CA ALA B 121 3.33 32.18 8.38
C ALA B 121 3.92 32.52 7.02
N PRO B 122 3.73 31.66 6.02
CA PRO B 122 4.37 31.88 4.72
C PRO B 122 3.67 32.97 3.90
N TYR B 123 4.40 33.46 2.89
CA TYR B 123 3.90 34.42 1.92
C TYR B 123 3.98 33.75 0.55
N TYR B 124 2.81 33.41 -0.02
CA TYR B 124 2.69 32.60 -1.23
C TYR B 124 2.24 33.44 -2.42
N HIS B 125 2.57 32.94 -3.61
CA HIS B 125 2.03 33.49 -4.88
C HIS B 125 1.41 32.29 -5.58
N ILE B 126 0.09 32.23 -5.72
CA ILE B 126 -0.64 31.11 -6.28
C ILE B 126 -1.56 31.60 -7.40
N HIS B 127 -1.59 30.85 -8.49
CA HIS B 127 -2.57 31.07 -9.55
C HIS B 127 -3.99 31.04 -8.98
N ARG B 128 -4.85 31.94 -9.49
CA ARG B 128 -6.16 32.07 -8.85
C ARG B 128 -7.00 30.80 -9.01
N ALA B 129 -6.98 30.17 -10.19
CA ALA B 129 -7.79 28.97 -10.38
C ALA B 129 -7.40 27.90 -9.37
N ASP B 130 -6.08 27.73 -9.15
CA ASP B 130 -5.57 26.75 -8.20
C ASP B 130 -6.07 27.05 -6.79
N PHE B 131 -5.89 28.29 -6.35
CA PHE B 131 -6.37 28.70 -5.02
C PHE B 131 -7.84 28.39 -4.85
N HIS B 132 -8.65 28.90 -5.75
CA HIS B 132 -10.09 28.69 -5.64
C HIS B 132 -10.41 27.21 -5.54
N ARG B 133 -9.74 26.38 -6.33
CA ARG B 133 -10.11 24.96 -6.37
C ARG B 133 -9.71 24.27 -5.08
N ILE B 134 -8.58 24.66 -4.48
CA ILE B 134 -8.18 24.06 -3.20
C ILE B 134 -9.19 24.41 -2.12
N LEU B 135 -9.76 25.62 -2.18
CA LEU B 135 -10.82 25.93 -1.22
C LEU B 135 -12.10 25.17 -1.51
N VAL B 136 -12.46 24.98 -2.79
CA VAL B 136 -13.69 24.23 -3.12
C VAL B 136 -13.52 22.77 -2.73
N ASP B 137 -12.33 22.22 -2.93
CA ASP B 137 -12.05 20.87 -2.45
C ASP B 137 -12.26 20.79 -0.95
N LYS B 138 -11.65 21.71 -0.20
CA LYS B 138 -11.83 21.65 1.25
C LYS B 138 -13.30 21.77 1.61
N ALA B 139 -13.99 22.75 1.03
CA ALA B 139 -15.40 22.93 1.32
C ALA B 139 -16.16 21.63 1.19
N ARG B 140 -16.00 20.97 0.04
CA ARG B 140 -16.77 19.76 -0.25
C ARG B 140 -16.35 18.60 0.66
N ALA B 141 -15.05 18.48 0.94
CA ALA B 141 -14.55 17.50 1.90
C ALA B 141 -15.27 17.56 3.23
N LEU B 142 -15.68 18.76 3.63
CA LEU B 142 -16.41 18.95 4.88
C LEU B 142 -17.89 18.64 4.73
N GLY B 143 -18.37 18.43 3.52
CA GLY B 143 -19.78 18.19 3.30
C GLY B 143 -20.65 19.40 3.10
N VAL B 144 -20.09 20.54 2.67
CA VAL B 144 -20.90 21.72 2.37
C VAL B 144 -21.66 21.47 1.09
N GLU B 145 -22.94 21.81 1.08
CA GLU B 145 -23.69 21.63 -0.14
C GLU B 145 -23.55 22.86 -1.04
N ILE B 146 -23.15 22.65 -2.29
CA ILE B 146 -22.92 23.74 -3.22
C ILE B 146 -23.95 23.62 -4.32
N LEU B 147 -24.95 24.51 -4.32
CA LEU B 147 -25.99 24.51 -5.33
C LEU B 147 -25.59 25.45 -6.46
N LEU B 148 -25.39 24.89 -7.65
CA LEU B 148 -25.09 25.73 -8.79
C LEU B 148 -26.39 26.16 -9.51
N GLY B 149 -26.22 27.10 -10.44
CA GLY B 149 -27.32 27.63 -11.23
C GLY B 149 -28.32 28.48 -10.49
N LYS B 150 -27.96 29.02 -9.33
CA LYS B 150 -28.90 29.76 -8.50
C LYS B 150 -28.62 31.26 -8.67
N SER B 151 -29.49 31.94 -9.41
CA SER B 151 -29.42 33.38 -9.61
C SER B 151 -30.46 34.05 -8.72
N VAL B 152 -30.00 34.75 -7.73
CA VAL B 152 -30.86 35.43 -6.78
C VAL B 152 -31.40 36.70 -7.41
N ARG B 153 -32.67 37.00 -7.17
CA ARG B 153 -33.23 38.29 -7.57
C ARG B 153 -33.86 39.06 -6.42
N THR B 154 -34.41 38.36 -5.44
CA THR B 154 -35.11 39.02 -4.31
C THR B 154 -34.74 38.36 -2.98
N ILE B 155 -34.79 39.12 -1.88
CA ILE B 155 -34.39 38.58 -0.55
C ILE B 155 -35.33 39.10 0.53
N ASP B 156 -35.82 38.21 1.40
CA ASP B 156 -36.67 38.61 2.55
C ASP B 156 -35.75 38.55 3.77
N PHE B 157 -35.25 39.70 4.21
CA PHE B 157 -34.24 39.72 5.29
C PHE B 157 -34.88 39.41 6.64
N ASN B 158 -36.21 39.42 6.71
CA ASN B 158 -36.91 39.22 8.00
C ASN B 158 -37.10 37.72 8.19
N ALA B 159 -37.77 37.06 7.26
CA ALA B 159 -37.87 35.59 7.34
C ALA B 159 -36.85 35.06 6.36
N PRO B 160 -35.61 34.82 6.80
CA PRO B 160 -34.58 34.49 5.85
C PRO B 160 -35.17 33.71 4.67
N SER B 161 -35.30 34.36 3.52
CA SER B 161 -35.75 33.66 2.30
C SER B 161 -35.09 34.29 1.08
N LEU B 162 -34.94 33.52 0.02
CA LEU B 162 -34.32 34.03 -1.24
C LEU B 162 -35.19 33.59 -2.41
N THR B 163 -35.48 34.49 -3.35
CA THR B 163 -36.24 34.10 -4.55
C THR B 163 -35.29 34.13 -5.76
N MET B 164 -35.31 33.08 -6.59
CA MET B 164 -34.42 32.95 -7.73
C MET B 164 -35.08 33.52 -8.98
N ALA B 165 -34.32 33.52 -10.08
CA ALA B 165 -34.88 33.98 -11.36
C ALA B 165 -35.94 33.03 -11.89
N ASP B 166 -35.86 31.76 -11.53
CA ASP B 166 -36.84 30.79 -11.99
C ASP B 166 -38.13 30.83 -11.18
N GLY B 167 -38.13 31.53 -10.05
CA GLY B 167 -39.31 31.67 -9.22
C GLY B 167 -39.31 30.83 -7.96
N SER B 168 -38.45 29.81 -7.87
CA SER B 168 -38.36 29.02 -6.67
C SER B 168 -37.92 29.88 -5.49
N VAL B 169 -38.16 29.37 -4.29
CA VAL B 169 -37.80 30.09 -3.07
C VAL B 169 -36.98 29.15 -2.19
N TYR B 170 -35.75 29.57 -1.86
CA TYR B 170 -34.95 28.87 -0.85
C TYR B 170 -35.22 29.53 0.48
N ASN B 171 -35.76 28.77 1.44
CA ASN B 171 -35.98 29.32 2.79
C ASN B 171 -35.67 28.27 3.85
N ASP B 172 -34.60 27.51 3.66
CA ASP B 172 -34.11 26.59 4.67
C ASP B 172 -32.89 27.21 5.32
N ALA B 173 -32.98 28.50 5.59
CA ALA B 173 -31.86 29.25 6.12
C ALA B 173 -32.33 30.09 7.28
N ASP B 174 -31.64 29.95 8.41
CA ASP B 174 -31.79 30.93 9.49
C ASP B 174 -31.03 32.21 9.18
N VAL B 175 -29.81 32.13 8.67
CA VAL B 175 -28.99 33.30 8.37
C VAL B 175 -28.55 33.26 6.93
N ILE B 176 -28.48 34.43 6.30
CA ILE B 176 -27.95 34.56 4.95
C ILE B 176 -26.70 35.42 4.99
N ILE B 177 -25.73 35.10 4.16
CA ILE B 177 -24.48 35.87 4.04
C ILE B 177 -24.24 36.13 2.55
N GLY B 178 -24.32 37.39 2.15
CA GLY B 178 -23.99 37.80 0.80
C GLY B 178 -22.50 37.90 0.54
N ALA B 179 -22.00 37.03 -0.34
CA ALA B 179 -20.60 36.93 -0.70
C ALA B 179 -20.48 36.69 -2.20
N ASP B 180 -21.36 37.35 -2.97
CA ASP B 180 -21.39 37.26 -4.43
C ASP B 180 -20.45 38.24 -5.09
N GLY B 181 -19.48 38.76 -4.34
CA GLY B 181 -18.43 39.53 -4.96
C GLY B 181 -18.87 40.93 -5.38
N LEU B 182 -18.20 41.45 -6.41
CA LEU B 182 -18.30 42.86 -6.77
C LEU B 182 -19.66 43.21 -7.39
N LYS B 183 -20.13 42.41 -8.35
CA LYS B 183 -21.46 42.61 -8.95
C LYS B 183 -22.51 41.94 -8.06
N SER B 184 -22.56 42.40 -6.82
CA SER B 184 -23.42 41.81 -5.80
C SER B 184 -24.87 42.26 -5.96
N VAL B 185 -25.78 41.29 -6.16
CA VAL B 185 -27.21 41.57 -6.07
C VAL B 185 -27.67 41.59 -4.60
N CYS B 186 -26.88 40.97 -3.71
CA CYS B 186 -27.19 40.99 -2.29
C CYS B 186 -27.07 42.40 -1.73
N ARG B 187 -25.99 43.09 -2.10
CA ARG B 187 -25.84 44.48 -1.70
C ARG B 187 -27.00 45.30 -2.23
N GLU B 188 -27.34 45.17 -3.53
CA GLU B 188 -28.41 45.99 -4.09
C GLU B 188 -29.73 45.72 -3.37
N GLN B 189 -30.02 44.47 -3.06
CA GLN B 189 -31.26 44.17 -2.35
C GLN B 189 -31.25 44.80 -0.96
N MET B 190 -30.13 44.66 -0.23
CA MET B 190 -30.07 45.26 1.10
C MET B 190 -30.29 46.76 1.05
N LEU B 191 -29.46 47.44 0.27
CA LEU B 191 -29.56 48.91 0.11
C LEU B 191 -30.98 49.31 -0.31
N GLY B 192 -31.53 48.65 -1.33
CA GLY B 192 -32.87 48.97 -1.84
C GLY B 192 -32.77 49.67 -3.17
N HIS B 193 -31.57 50.14 -3.49
CA HIS B 193 -31.32 50.84 -4.76
C HIS B 193 -30.18 50.17 -5.51
N PRO B 194 -30.10 50.31 -6.84
CA PRO B 194 -28.99 49.77 -7.59
C PRO B 194 -27.66 50.36 -7.09
N ASP B 195 -26.59 49.57 -7.18
CA ASP B 195 -25.24 50.04 -6.75
C ASP B 195 -24.22 49.32 -7.62
N PRO B 196 -24.19 49.59 -8.95
CA PRO B 196 -23.29 48.88 -9.84
C PRO B 196 -21.83 49.17 -9.51
N PRO B 197 -20.90 48.24 -9.82
CA PRO B 197 -19.49 48.52 -9.63
C PRO B 197 -19.04 49.55 -10.67
N HIS B 198 -18.03 50.37 -10.35
CA HIS B 198 -17.60 51.46 -11.25
C HIS B 198 -16.29 51.10 -11.95
N PHE B 199 -16.01 51.73 -13.09
CA PHE B 199 -14.73 51.48 -13.75
C PHE B 199 -13.70 52.45 -13.22
N THR B 200 -12.64 51.93 -12.61
CA THR B 200 -11.62 52.83 -12.07
C THR B 200 -11.05 53.74 -13.14
N GLY B 201 -11.23 53.40 -14.41
CA GLY B 201 -10.54 54.09 -15.46
C GLY B 201 -9.15 53.57 -15.75
N ASP B 202 -8.67 52.57 -15.02
CA ASP B 202 -7.42 51.91 -15.36
C ASP B 202 -7.69 50.60 -16.08
N LEU B 203 -6.70 50.17 -16.83
CA LEU B 203 -6.74 48.99 -17.67
C LEU B 203 -5.55 48.11 -17.32
N ALA B 204 -5.79 46.79 -17.23
CA ALA B 204 -4.76 45.85 -16.87
C ALA B 204 -4.40 45.00 -18.08
N TYR B 205 -3.11 44.82 -18.32
CA TYR B 205 -2.60 43.99 -19.40
C TYR B 205 -1.78 42.91 -18.75
N ARG B 206 -2.03 41.66 -19.13
CA ARG B 206 -1.30 40.53 -18.60
C ARG B 206 -0.58 39.80 -19.73
N ILE B 207 0.61 39.30 -19.43
CA ILE B 207 1.43 38.55 -20.35
C ILE B 207 2.07 37.44 -19.55
N ILE B 208 2.19 36.26 -20.15
CA ILE B 208 2.83 35.11 -19.53
C ILE B 208 4.06 34.79 -20.36
N VAL B 209 5.16 34.47 -19.70
CA VAL B 209 6.43 34.24 -20.39
C VAL B 209 7.13 33.08 -19.74
N LYS B 210 7.60 32.13 -20.54
CA LYS B 210 8.22 30.93 -20.00
C LYS B 210 9.53 31.29 -19.31
N ALA B 211 9.77 30.69 -18.14
CA ALA B 211 10.94 31.06 -17.35
C ALA B 211 12.22 30.55 -17.99
N GLU B 212 12.19 29.36 -18.60
CA GLU B 212 13.37 28.85 -19.31
C GLU B 212 13.77 29.79 -20.45
N ASP B 213 12.81 30.45 -21.08
CA ASP B 213 13.17 31.39 -22.14
C ASP B 213 13.85 32.62 -21.56
N MET B 214 13.58 32.93 -20.30
CA MET B 214 14.17 34.11 -19.68
C MET B 214 15.62 33.87 -19.28
N LYS B 215 15.92 32.65 -18.82
CA LYS B 215 17.32 32.32 -18.49
C LYS B 215 18.25 32.51 -19.67
N LYS B 216 17.74 32.47 -20.90
CA LYS B 216 18.60 32.60 -22.07
C LYS B 216 19.07 34.03 -22.33
N HIS B 217 18.47 35.02 -21.68
CA HIS B 217 18.87 36.41 -21.85
C HIS B 217 19.56 36.89 -20.59
N ASP B 218 20.68 37.60 -20.78
CA ASP B 218 21.45 38.08 -19.64
C ASP B 218 20.60 39.02 -18.79
N SER B 219 19.95 40.01 -19.40
CA SER B 219 19.29 41.03 -18.59
C SER B 219 18.14 40.46 -17.76
N LEU B 220 17.71 39.23 -18.03
CA LEU B 220 16.54 38.65 -17.39
C LEU B 220 16.89 37.48 -16.48
N ARG B 221 18.14 37.06 -16.41
CA ARG B 221 18.44 35.85 -15.63
C ARG B 221 18.24 36.10 -14.15
N GLU B 222 18.51 37.34 -13.70
CA GLU B 222 18.29 37.66 -12.28
C GLU B 222 16.89 37.29 -11.84
N LEU B 223 15.90 37.62 -12.65
CA LEU B 223 14.51 37.57 -12.20
C LEU B 223 14.04 36.16 -11.93
N VAL B 224 14.76 35.15 -12.40
CA VAL B 224 14.36 33.75 -12.24
C VAL B 224 15.25 33.03 -11.23
N GLU B 225 16.55 33.33 -11.23
CA GLU B 225 17.44 32.83 -10.20
C GLU B 225 17.10 33.41 -8.83
N HIS B 226 16.57 34.64 -8.78
CA HIS B 226 16.22 35.31 -7.52
C HIS B 226 14.72 35.63 -7.58
N PRO B 227 13.85 34.59 -7.47
CA PRO B 227 12.40 34.80 -7.70
C PRO B 227 11.77 35.83 -6.78
N SER B 228 11.34 36.96 -7.30
CA SER B 228 10.81 38.00 -6.43
C SER B 228 9.52 38.56 -7.01
N ILE B 229 8.83 39.37 -6.21
CA ILE B 229 7.73 40.18 -6.72
C ILE B 229 8.32 41.54 -7.03
N ASN B 230 8.55 41.83 -8.32
CA ASN B 230 9.12 43.11 -8.73
C ASN B 230 8.01 44.04 -9.21
N HIS B 231 7.98 45.26 -8.66
CA HIS B 231 7.06 46.30 -9.06
C HIS B 231 7.88 47.44 -9.66
N TRP B 232 7.50 47.90 -10.86
CA TRP B 232 8.06 49.08 -11.51
C TRP B 232 7.03 50.21 -11.38
N MET B 233 7.43 51.30 -10.74
CA MET B 233 6.53 52.42 -10.50
C MET B 233 6.79 53.50 -11.54
N GLY B 234 5.72 54.04 -12.13
CA GLY B 234 5.94 55.07 -13.11
C GLY B 234 4.69 55.86 -13.36
N PRO B 235 4.81 56.84 -14.22
CA PRO B 235 3.76 57.85 -14.38
C PRO B 235 2.41 57.26 -14.78
N ASN B 236 1.44 57.30 -13.84
CA ASN B 236 0.10 56.79 -14.06
C ASN B 236 0.09 55.31 -14.36
N SER B 237 1.21 54.63 -14.16
CA SER B 237 1.30 53.23 -14.53
C SER B 237 2.13 52.49 -13.50
N HIS B 238 1.88 51.19 -13.43
CA HIS B 238 2.81 50.36 -12.70
C HIS B 238 2.80 48.99 -13.33
N VAL B 239 3.95 48.34 -13.29
CA VAL B 239 4.09 46.98 -13.81
C VAL B 239 4.51 46.08 -12.65
N VAL B 240 3.89 44.91 -12.54
CA VAL B 240 4.29 43.92 -11.56
C VAL B 240 4.65 42.62 -12.28
N CYS B 241 5.73 41.98 -11.84
CA CYS B 241 6.21 40.71 -12.39
C CYS B 241 6.45 39.74 -11.26
N TYR B 242 6.02 38.50 -11.48
CA TYR B 242 6.19 37.45 -10.48
C TYR B 242 6.17 36.13 -11.23
N LEU B 243 6.60 35.07 -10.56
CA LEU B 243 6.63 33.73 -11.14
C LEU B 243 5.55 32.89 -10.48
N LEU B 244 4.85 32.08 -11.26
CA LEU B 244 3.96 31.09 -10.67
C LEU B 244 4.54 29.72 -10.91
N LYS B 245 4.15 28.78 -10.05
CA LYS B 245 4.84 27.49 -10.08
C LYS B 245 4.53 26.72 -11.34
N GLY B 246 3.25 26.70 -11.74
CA GLY B 246 2.73 25.65 -12.62
C GLY B 246 3.64 25.29 -13.77
N GLY B 247 3.97 26.27 -14.59
CA GLY B 247 4.70 25.96 -15.81
C GLY B 247 6.05 26.62 -15.94
N GLY B 248 6.61 27.07 -14.83
CA GLY B 248 7.69 28.03 -14.93
C GLY B 248 7.20 29.24 -15.71
N LEU B 249 5.96 29.64 -15.48
CA LEU B 249 5.36 30.74 -16.24
C LEU B 249 5.44 32.01 -15.40
N TYR B 250 6.08 33.01 -15.97
CA TYR B 250 6.33 34.29 -15.35
C TYR B 250 5.19 35.20 -15.78
N ASN B 251 4.44 35.75 -14.81
CA ASN B 251 3.34 36.66 -15.10
C ASN B 251 3.84 38.09 -15.06
N ILE B 252 3.32 38.91 -15.96
CA ILE B 252 3.71 40.32 -16.14
C ILE B 252 2.43 41.09 -16.36
N VAL B 253 2.08 41.94 -15.39
CA VAL B 253 0.84 42.70 -15.47
C VAL B 253 1.14 44.20 -15.39
N LEU B 254 0.56 44.94 -16.33
CA LEU B 254 0.73 46.38 -16.44
C LEU B 254 -0.62 47.02 -16.15
N ALA B 255 -0.68 47.90 -15.15
CA ALA B 255 -1.81 48.79 -14.92
C ALA B 255 -1.49 50.13 -15.56
N CYS B 256 -2.35 50.59 -16.46
CA CYS B 256 -2.09 51.81 -17.18
C CYS B 256 -3.45 52.48 -17.41
N PRO B 257 -3.48 53.74 -17.88
CA PRO B 257 -4.74 54.43 -18.09
C PRO B 257 -5.49 53.96 -19.35
N ASP B 258 -6.82 53.94 -19.30
CA ASP B 258 -7.64 53.59 -20.48
C ASP B 258 -7.81 54.82 -21.37
N ASP B 259 -6.71 55.37 -21.89
CA ASP B 259 -6.75 56.59 -22.73
C ASP B 259 -7.03 56.19 -24.17
N LEU B 260 -7.26 54.89 -24.41
CA LEU B 260 -7.54 54.39 -25.78
C LEU B 260 -9.05 54.16 -25.95
N PRO B 261 -9.68 54.63 -27.05
CA PRO B 261 -11.11 54.42 -27.28
C PRO B 261 -11.44 52.96 -27.61
N GLU B 262 -10.57 52.29 -28.37
CA GLU B 262 -10.82 50.89 -28.79
C GLU B 262 -10.93 50.00 -27.54
N LEU B 263 -11.78 48.97 -27.59
CA LEU B 263 -12.00 48.09 -26.41
C LEU B 263 -11.74 46.63 -26.80
N VAL B 264 -11.45 45.77 -25.82
CA VAL B 264 -11.25 44.32 -26.10
C VAL B 264 -10.36 44.18 -27.34
N ASN B 265 -9.20 44.83 -27.33
CA ASN B 265 -8.29 44.77 -28.51
C ASN B 265 -7.71 43.36 -28.63
N THR B 266 -7.27 42.97 -29.83
CA THR B 266 -6.74 41.59 -30.05
C THR B 266 -5.40 41.43 -29.34
N ALA B 267 -4.87 40.20 -29.28
CA ALA B 267 -3.59 39.94 -28.58
C ALA B 267 -2.48 40.83 -29.13
N LYS B 268 -2.27 40.80 -30.45
CA LYS B 268 -1.25 41.69 -31.08
C LYS B 268 -1.52 43.11 -30.62
N ALA B 269 -2.70 43.65 -30.92
CA ALA B 269 -3.10 44.98 -30.45
C ALA B 269 -2.64 45.12 -29.00
N ASP B 270 -3.09 44.21 -28.16
CA ASP B 270 -2.72 44.26 -26.73
C ASP B 270 -1.20 44.34 -26.64
N LEU B 271 -0.50 43.48 -27.38
CA LEU B 271 0.99 43.41 -27.26
C LEU B 271 1.62 44.67 -27.85
N LYS B 272 0.89 45.38 -28.70
CA LYS B 272 1.42 46.63 -29.30
C LYS B 272 1.22 47.73 -28.28
N GLU B 273 -0.02 47.92 -27.85
CA GLU B 273 -0.29 48.93 -26.81
C GLU B 273 0.76 48.74 -25.72
N MET B 274 0.96 47.51 -25.27
CA MET B 274 1.96 47.28 -24.24
C MET B 274 3.31 47.85 -24.66
N ARG B 275 3.79 47.51 -25.87
CA ARG B 275 5.10 47.99 -26.30
C ARG B 275 5.17 49.51 -26.32
N GLU B 276 4.04 50.17 -26.59
CA GLU B 276 4.07 51.63 -26.66
C GLU B 276 4.02 52.25 -25.27
N ARG B 277 3.36 51.57 -24.34
CA ARG B 277 3.44 51.95 -22.94
C ARG B 277 4.80 51.67 -22.35
N PHE B 278 5.61 50.79 -22.95
CA PHE B 278 6.92 50.43 -22.42
C PHE B 278 8.04 51.21 -23.07
N GLU B 279 7.71 52.30 -23.79
CA GLU B 279 8.72 53.03 -24.57
C GLU B 279 9.82 53.57 -23.67
N GLY B 280 9.45 54.43 -22.72
CA GLY B 280 10.46 54.95 -21.82
C GLY B 280 10.84 54.02 -20.69
N TRP B 281 10.25 52.82 -20.63
CA TRP B 281 10.37 51.98 -19.44
C TRP B 281 11.60 51.06 -19.54
N ASP B 282 11.93 50.41 -18.43
CA ASP B 282 13.04 49.46 -18.36
C ASP B 282 13.12 48.67 -19.66
N PRO B 283 14.27 48.67 -20.35
CA PRO B 283 14.40 47.83 -21.57
C PRO B 283 14.08 46.35 -21.32
N ARG B 284 14.37 45.83 -20.13
CA ARG B 284 14.00 44.47 -19.77
C ARG B 284 12.53 44.19 -20.03
N LEU B 285 11.67 45.21 -19.92
CA LEU B 285 10.26 44.97 -20.13
C LEU B 285 9.94 44.73 -21.62
N THR B 286 10.40 45.61 -22.50
CA THR B 286 10.13 45.33 -23.89
C THR B 286 10.85 44.07 -24.37
N LEU B 287 12.01 43.72 -23.80
CA LEU B 287 12.62 42.44 -24.16
C LEU B 287 11.75 41.27 -23.71
N LEU B 288 11.17 41.37 -22.50
CA LEU B 288 10.27 40.31 -22.05
C LEU B 288 9.08 40.17 -22.99
N LEU B 289 8.53 41.31 -23.41
CA LEU B 289 7.38 41.33 -24.31
C LEU B 289 7.52 40.31 -25.44
N SER B 290 8.73 40.13 -25.97
CA SER B 290 8.97 39.25 -27.11
C SER B 290 8.89 37.77 -26.77
N LEU B 291 8.84 37.40 -25.49
CA LEU B 291 8.81 36.00 -25.07
C LEU B 291 7.40 35.50 -24.77
N VAL B 292 6.38 36.26 -25.18
CA VAL B 292 5.03 36.00 -24.71
C VAL B 292 4.58 34.59 -25.07
N GLN B 293 3.62 34.08 -24.29
CA GLN B 293 2.85 32.89 -24.58
C GLN B 293 1.38 33.21 -24.80
N GLU B 294 0.80 33.95 -23.86
CA GLU B 294 -0.60 34.36 -23.91
C GLU B 294 -0.70 35.84 -23.56
N THR B 295 -1.77 36.48 -24.00
CA THR B 295 -2.09 37.84 -23.60
C THR B 295 -3.54 37.88 -23.14
N SER B 296 -3.79 38.69 -22.12
CA SER B 296 -5.15 39.00 -21.70
C SER B 296 -5.22 40.48 -21.39
N LYS B 297 -6.41 41.03 -21.47
CA LYS B 297 -6.62 42.44 -21.17
C LYS B 297 -8.01 42.59 -20.58
N TRP B 298 -8.08 43.23 -19.41
CA TRP B 298 -9.34 43.50 -18.73
C TRP B 298 -9.34 44.93 -18.22
N ARG B 299 -10.53 45.44 -17.94
CA ARG B 299 -10.72 46.76 -17.35
C ARG B 299 -10.93 46.58 -15.87
N LEU B 300 -10.12 47.25 -15.06
CA LEU B 300 -10.25 47.14 -13.61
C LEU B 300 -11.51 47.85 -13.15
N GLN B 301 -12.03 47.45 -11.98
CA GLN B 301 -13.15 48.13 -11.33
C GLN B 301 -13.01 47.97 -9.84
N ASN B 302 -13.81 48.73 -9.09
CA ASN B 302 -14.14 48.36 -7.70
C ASN B 302 -15.37 49.15 -7.26
N SER B 303 -15.62 49.16 -5.95
CA SER B 303 -16.84 49.70 -5.36
C SER B 303 -16.48 50.51 -4.13
N GLU B 304 -17.40 51.38 -3.76
CA GLU B 304 -17.15 52.30 -2.65
C GLU B 304 -17.59 51.65 -1.35
N GLU B 305 -16.93 52.07 -0.26
CA GLU B 305 -17.21 51.51 1.06
C GLU B 305 -18.65 51.81 1.44
N MET B 306 -19.29 50.85 2.12
CA MET B 306 -20.67 50.92 2.56
C MET B 306 -20.69 51.08 4.08
N ASP B 307 -21.58 51.93 4.57
CA ASP B 307 -21.64 52.21 6.00
C ASP B 307 -22.08 50.98 6.78
N LYS B 308 -23.03 50.22 6.25
CA LYS B 308 -23.58 49.08 6.98
C LYS B 308 -23.49 47.83 6.11
N TRP B 309 -23.11 46.72 6.74
CA TRP B 309 -23.09 45.40 6.16
C TRP B 309 -24.32 44.59 6.53
N SER B 310 -24.88 44.86 7.71
CA SER B 310 -25.96 44.09 8.33
C SER B 310 -27.33 44.66 7.97
N HIS B 311 -28.36 43.88 8.24
CA HIS B 311 -29.73 44.32 8.14
C HIS B 311 -30.38 44.26 9.50
N GLU B 312 -31.39 45.13 9.70
CA GLU B 312 -31.99 45.28 11.01
C GLU B 312 -32.47 43.96 11.56
N SER B 313 -32.88 43.04 10.68
CA SER B 313 -33.32 41.72 11.13
C SER B 313 -32.26 41.01 11.96
N GLY B 314 -30.99 41.30 11.71
CA GLY B 314 -29.91 40.49 12.25
C GLY B 314 -29.82 39.09 11.66
N LYS B 315 -30.42 38.86 10.49
CA LYS B 315 -30.39 37.57 9.80
C LYS B 315 -29.64 37.61 8.48
N PHE B 316 -28.99 38.73 8.18
CA PHE B 316 -28.26 38.96 6.93
C PHE B 316 -27.07 39.85 7.24
N VAL B 317 -25.96 39.56 6.55
CA VAL B 317 -24.76 40.39 6.62
C VAL B 317 -23.94 40.10 5.38
N LEU B 318 -23.13 41.07 4.97
CA LEU B 318 -22.31 40.96 3.77
C LEU B 318 -20.90 40.55 4.15
N MET B 319 -20.09 40.23 3.15
CA MET B 319 -18.69 39.92 3.40
C MET B 319 -17.91 40.05 2.10
N GLY B 320 -16.59 39.97 2.23
CA GLY B 320 -15.62 40.07 1.15
C GLY B 320 -15.90 41.23 0.21
N ASP B 321 -15.58 41.03 -1.06
CA ASP B 321 -15.72 42.09 -2.05
C ASP B 321 -17.14 42.61 -2.17
N ALA B 322 -18.13 41.97 -1.55
CA ALA B 322 -19.48 42.54 -1.60
C ALA B 322 -19.55 43.85 -0.84
N CYS B 323 -18.77 43.98 0.24
CA CYS B 323 -18.91 45.13 1.11
C CYS B 323 -17.63 45.95 1.24
N HIS B 324 -16.46 45.33 1.09
CA HIS B 324 -15.17 46.01 1.24
C HIS B 324 -14.25 45.72 0.05
N ALA B 325 -14.72 46.02 -1.17
CA ALA B 325 -13.82 45.86 -2.33
C ALA B 325 -12.58 46.73 -2.16
N THR B 326 -11.40 46.18 -2.48
CA THR B 326 -10.15 46.92 -2.28
C THR B 326 -9.41 47.04 -3.61
N LEU B 327 -8.85 48.21 -3.90
CA LEU B 327 -8.05 48.36 -5.13
C LEU B 327 -6.92 47.34 -5.06
N PRO B 328 -6.47 46.76 -6.18
CA PRO B 328 -5.51 45.67 -6.11
C PRO B 328 -4.07 46.11 -5.85
N TYR B 329 -3.81 46.90 -4.81
CA TYR B 329 -2.44 47.43 -4.66
C TYR B 329 -1.73 46.85 -3.44
N LEU B 330 -2.39 46.74 -2.30
CA LEU B 330 -1.65 46.25 -1.11
C LEU B 330 -1.60 44.73 -1.20
N ALA B 331 -2.44 44.12 -2.04
CA ALA B 331 -2.44 42.66 -2.27
C ALA B 331 -3.08 41.94 -1.09
N GLN B 332 -4.22 42.45 -0.62
CA GLN B 332 -4.86 41.88 0.58
C GLN B 332 -6.35 41.70 0.32
N GLY B 333 -6.81 41.90 -0.91
CA GLY B 333 -8.23 41.65 -1.15
C GLY B 333 -8.65 40.24 -0.75
N ALA B 334 -7.98 39.23 -1.33
CA ALA B 334 -8.29 37.85 -0.99
C ALA B 334 -7.96 37.58 0.47
N ALA B 335 -6.83 38.13 0.93
CA ALA B 335 -6.47 38.03 2.34
C ALA B 335 -7.59 38.48 3.26
N ILE B 336 -8.17 39.66 3.03
CA ILE B 336 -9.17 40.12 4.00
C ILE B 336 -10.51 39.43 3.81
N ALA B 337 -10.80 38.89 2.62
CA ALA B 337 -11.99 38.07 2.48
C ALA B 337 -11.84 36.77 3.26
N VAL B 338 -10.68 36.13 3.14
CA VAL B 338 -10.38 34.99 3.98
C VAL B 338 -10.53 35.34 5.46
N GLU B 339 -9.98 36.49 5.86
CA GLU B 339 -10.12 36.91 7.25
C GLU B 339 -11.60 37.03 7.64
N ASP B 340 -12.42 37.60 6.76
CA ASP B 340 -13.83 37.70 7.09
C ASP B 340 -14.40 36.33 7.39
N GLY B 341 -14.12 35.36 6.52
CA GLY B 341 -14.63 34.02 6.74
C GLY B 341 -14.14 33.41 8.04
N ALA B 342 -12.85 33.59 8.33
CA ALA B 342 -12.28 33.04 9.54
C ALA B 342 -12.93 33.64 10.78
N ALA B 343 -13.09 34.96 10.80
CA ALA B 343 -13.76 35.61 11.92
C ALA B 343 -15.19 35.10 12.06
N LEU B 344 -15.93 34.97 10.96
CA LEU B 344 -17.29 34.45 11.05
C LEU B 344 -17.29 33.09 11.74
N GLY B 345 -16.40 32.19 11.34
CA GLY B 345 -16.36 30.86 11.93
C GLY B 345 -16.04 30.92 13.40
N THR B 346 -14.96 31.62 13.75
CA THR B 346 -14.60 31.80 15.14
C THR B 346 -15.78 32.30 15.97
N LEU B 347 -16.55 33.25 15.43
CA LEU B 347 -17.62 33.81 16.25
C LEU B 347 -18.84 32.89 16.32
N PHE B 348 -19.21 32.27 15.20
CA PHE B 348 -20.34 31.33 15.22
C PHE B 348 -20.05 30.16 16.16
N ALA B 349 -18.78 29.80 16.33
CA ALA B 349 -18.47 28.71 17.25
C ALA B 349 -19.06 28.98 18.63
N HIS B 350 -19.18 30.24 19.02
CA HIS B 350 -19.81 30.57 20.29
C HIS B 350 -21.31 30.74 20.16
N ALA B 351 -21.88 30.52 18.98
CA ALA B 351 -23.31 30.68 18.77
C ALA B 351 -24.02 29.40 19.19
N THR B 352 -24.19 29.22 20.49
CA THR B 352 -24.79 28.02 21.05
C THR B 352 -26.28 28.16 21.33
N HIS B 353 -26.90 29.27 20.92
CA HIS B 353 -28.31 29.56 21.13
C HIS B 353 -28.75 30.47 20.00
N PRO B 354 -29.98 30.34 19.50
CA PRO B 354 -30.38 31.21 18.38
C PRO B 354 -30.29 32.68 18.71
N SER B 355 -30.58 33.08 19.94
CA SER B 355 -30.62 34.50 20.29
C SER B 355 -29.25 35.16 20.17
N LEU B 356 -28.18 34.36 20.12
CA LEU B 356 -26.82 34.86 20.03
C LEU B 356 -26.42 35.23 18.61
N VAL B 357 -27.12 34.71 17.60
CA VAL B 357 -26.69 34.96 16.24
C VAL B 357 -26.62 36.44 15.93
N PRO B 358 -27.65 37.25 16.20
CA PRO B 358 -27.56 38.67 15.82
C PRO B 358 -26.36 39.36 16.43
N ASP B 359 -26.05 39.02 17.69
CA ASP B 359 -24.89 39.60 18.34
C ASP B 359 -23.58 39.11 17.74
N VAL B 360 -23.56 37.88 17.21
CA VAL B 360 -22.40 37.40 16.46
C VAL B 360 -22.18 38.23 15.19
N LEU B 361 -23.29 38.54 14.50
CA LEU B 361 -23.17 39.34 13.28
C LEU B 361 -22.76 40.78 13.60
N THR B 362 -23.26 41.34 14.72
CA THR B 362 -22.83 42.68 15.11
C THR B 362 -21.33 42.72 15.42
N ILE B 363 -20.85 41.74 16.19
CA ILE B 363 -19.43 41.69 16.50
C ILE B 363 -18.60 41.54 15.23
N TYR B 364 -19.02 40.64 14.35
CA TYR B 364 -18.35 40.48 13.07
C TYR B 364 -18.25 41.81 12.32
N GLU B 365 -19.38 42.51 12.16
CA GLU B 365 -19.35 43.75 11.40
C GLU B 365 -18.42 44.78 12.01
N GLN B 366 -18.45 44.93 13.34
CA GLN B 366 -17.52 45.88 13.97
C GLN B 366 -16.07 45.53 13.66
N ILE B 367 -15.65 44.34 14.07
CA ILE B 367 -14.21 44.05 14.04
C ILE B 367 -13.73 43.91 12.61
N ARG B 368 -14.62 43.63 11.67
CA ARG B 368 -14.15 43.52 10.29
C ARG B 368 -14.21 44.85 9.56
N LYS B 369 -15.17 45.71 9.88
CA LYS B 369 -15.27 46.99 9.18
C LYS B 369 -14.11 47.90 9.57
N SER B 370 -13.75 47.91 10.86
CA SER B 370 -12.64 48.78 11.27
C SER B 370 -11.33 48.29 10.67
N ARG B 371 -11.21 46.98 10.42
CA ARG B 371 -10.01 46.41 9.79
C ARG B 371 -9.95 46.71 8.29
N THR B 372 -11.01 46.34 7.57
CA THR B 372 -10.98 46.53 6.12
C THR B 372 -10.93 48.00 5.73
N THR B 373 -11.61 48.91 6.44
CA THR B 373 -11.55 50.30 5.99
C THR B 373 -10.11 50.78 5.95
N ARG B 374 -9.36 50.48 7.01
CA ARG B 374 -7.95 50.81 7.02
C ARG B 374 -7.22 50.17 5.85
N VAL B 375 -7.60 48.95 5.49
CA VAL B 375 -6.88 48.29 4.40
C VAL B 375 -7.19 48.95 3.05
N VAL B 376 -8.46 49.30 2.83
CA VAL B 376 -8.86 49.98 1.60
C VAL B 376 -8.10 51.28 1.47
N ARG B 377 -8.03 52.03 2.57
CA ARG B 377 -7.31 53.30 2.59
C ARG B 377 -5.85 53.10 2.24
N GLY B 378 -5.24 52.07 2.82
CA GLY B 378 -3.84 51.83 2.53
C GLY B 378 -3.60 51.49 1.07
N SER B 379 -4.50 50.70 0.49
CA SER B 379 -4.38 50.39 -0.93
C SER B 379 -4.42 51.66 -1.76
N THR B 380 -5.36 52.57 -1.45
CA THR B 380 -5.43 53.81 -2.19
C THR B 380 -4.12 54.58 -2.08
N LYS B 381 -3.59 54.68 -0.86
N LYS B 381 -3.60 54.73 -0.86
CA LYS B 381 -2.32 55.38 -0.66
CA LYS B 381 -2.31 55.40 -0.68
C LYS B 381 -1.21 54.74 -1.48
C LYS B 381 -1.21 54.74 -1.52
N GLN B 382 -1.17 53.40 -1.52
CA GLN B 382 -0.15 52.71 -2.29
C GLN B 382 -0.27 53.00 -3.77
N ARG B 383 -1.50 53.08 -4.27
CA ARG B 383 -1.73 53.51 -5.65
C ARG B 383 -1.08 54.85 -5.92
N ASP B 384 -1.48 55.86 -5.12
CA ASP B 384 -0.94 57.21 -5.29
C ASP B 384 0.59 57.21 -5.25
N ILE B 385 1.17 56.35 -4.42
CA ILE B 385 2.63 56.25 -4.35
C ILE B 385 3.18 55.66 -5.65
N PHE B 386 2.63 54.53 -6.09
CA PHE B 386 3.14 53.87 -7.28
C PHE B 386 3.03 54.77 -8.49
N HIS B 387 2.04 55.63 -8.53
CA HIS B 387 1.64 56.23 -9.79
C HIS B 387 2.16 57.64 -10.01
N MET B 388 3.00 58.16 -9.11
CA MET B 388 3.47 59.53 -9.25
C MET B 388 4.16 59.73 -10.59
N PRO B 389 3.76 60.72 -11.39
CA PRO B 389 4.52 61.04 -12.59
C PRO B 389 5.89 61.54 -12.20
N ASP B 390 6.75 61.65 -13.21
CA ASP B 390 8.07 62.25 -13.00
C ASP B 390 7.90 63.70 -12.57
N GLY B 391 8.61 64.08 -11.52
CA GLY B 391 8.48 65.41 -10.97
C GLY B 391 9.15 65.52 -9.62
N PRO B 392 8.94 66.68 -8.97
CA PRO B 392 9.60 66.93 -7.67
C PRO B 392 9.14 65.97 -6.59
N ARG B 393 7.83 65.71 -6.48
CA ARG B 393 7.34 64.72 -5.52
C ARG B 393 7.95 63.37 -5.79
N GLN B 394 7.98 62.94 -7.06
CA GLN B 394 8.58 61.66 -7.44
C GLN B 394 10.03 61.58 -6.97
N ARG B 395 10.81 62.63 -7.21
CA ARG B 395 12.21 62.61 -6.81
C ARG B 395 12.34 62.56 -5.27
N GLU B 396 11.45 63.25 -4.54
CA GLU B 396 11.47 63.15 -3.08
C GLU B 396 11.11 61.74 -2.65
N ARG B 397 10.07 61.16 -3.25
CA ARG B 397 9.65 59.79 -2.93
C ARG B 397 10.80 58.81 -3.11
N ASP B 398 11.45 58.86 -4.28
CA ASP B 398 12.57 57.95 -4.50
C ASP B 398 13.68 58.22 -3.50
N ARG B 399 13.96 59.50 -3.20
CA ARG B 399 15.00 59.84 -2.22
C ARG B 399 14.69 59.22 -0.86
N GLN B 400 13.45 59.37 -0.40
CA GLN B 400 13.08 58.81 0.89
C GLN B 400 13.28 57.31 0.91
N LEU B 401 12.68 56.61 -0.07
CA LEU B 401 12.87 55.16 -0.15
C LEU B 401 14.34 54.77 0.01
N LEU B 402 15.21 55.33 -0.85
CA LEU B 402 16.62 54.95 -0.86
C LEU B 402 17.32 55.34 0.46
N THR B 403 17.19 56.61 0.86
CA THR B 403 17.92 57.13 2.01
C THR B 403 17.55 56.39 3.29
N TYR B 404 16.24 56.31 3.62
CA TYR B 404 15.80 55.72 4.88
C TYR B 404 15.41 54.25 4.76
N ALA B 405 15.77 53.57 3.65
CA ALA B 405 15.69 52.11 3.64
C ALA B 405 16.17 51.51 4.95
N ASP B 406 17.27 52.02 5.50
CA ASP B 406 17.88 51.40 6.68
C ASP B 406 17.40 52.01 7.99
N ASN B 407 16.48 52.99 7.95
CA ASN B 407 15.94 53.72 9.10
C ASN B 407 14.45 53.97 8.84
N LEU B 408 13.65 52.90 8.91
CA LEU B 408 12.24 52.98 8.59
C LEU B 408 11.52 53.91 9.56
N PHE B 409 10.37 54.40 9.12
CA PHE B 409 9.59 55.36 9.89
C PHE B 409 8.16 55.38 9.39
N GLU B 410 7.24 55.51 10.33
CA GLU B 410 5.84 55.66 9.98
C GLU B 410 5.68 56.77 8.95
N GLY B 411 5.00 56.46 7.86
CA GLY B 411 4.91 57.34 6.73
C GLY B 411 5.91 57.06 5.63
N TYR B 412 6.70 55.99 5.75
CA TYR B 412 7.59 55.57 4.68
C TYR B 412 6.78 55.31 3.42
N PRO B 413 7.26 55.74 2.24
CA PRO B 413 6.41 55.72 1.04
C PRO B 413 6.10 54.33 0.48
N ASN B 414 6.71 53.25 1.02
CA ASN B 414 6.31 51.89 0.72
C ASN B 414 5.52 51.34 1.91
N GLN B 415 4.21 51.24 1.74
CA GLN B 415 3.40 50.89 2.89
C GLN B 415 3.70 49.47 3.40
N TRP B 416 4.10 48.55 2.52
CA TRP B 416 4.53 47.24 3.00
C TRP B 416 5.70 47.36 3.94
N ALA B 417 6.47 48.43 3.86
CA ALA B 417 7.66 48.61 4.68
C ALA B 417 7.38 49.43 5.94
N ASP B 418 6.40 50.34 5.89
CA ASP B 418 6.05 51.21 7.02
C ASP B 418 6.08 50.43 8.31
N PRO B 419 6.92 50.84 9.27
CA PRO B 419 7.20 49.98 10.43
C PRO B 419 6.03 49.82 11.39
N VAL B 420 5.00 50.67 11.29
CA VAL B 420 3.75 50.45 12.01
C VAL B 420 2.76 49.66 11.17
N PHE B 421 2.50 50.11 9.94
CA PHE B 421 1.42 49.51 9.16
C PHE B 421 1.72 48.06 8.79
N GLN B 422 3.00 47.73 8.57
CA GLN B 422 3.41 46.39 8.16
C GLN B 422 3.05 45.31 9.18
N PRO B 423 3.48 45.40 10.45
CA PRO B 423 3.07 44.36 11.40
C PRO B 423 1.58 44.36 11.63
N TRP B 424 0.93 45.52 11.60
CA TRP B 424 -0.52 45.54 11.72
C TRP B 424 -1.15 44.68 10.64
N LEU B 425 -0.72 44.87 9.41
CA LEU B 425 -1.28 44.16 8.26
C LEU B 425 -0.95 42.67 8.31
N TYR B 426 0.34 42.32 8.43
CA TYR B 426 0.76 40.94 8.27
C TYR B 426 0.77 40.12 9.56
N GLY B 427 0.61 40.76 10.72
CA GLY B 427 0.59 40.10 12.01
C GLY B 427 -0.79 39.74 12.49
N TYR B 428 -1.81 40.30 11.82
CA TYR B 428 -3.20 40.17 12.24
C TYR B 428 -3.68 38.72 12.20
N ASN B 429 -4.37 38.31 13.26
CA ASN B 429 -4.76 36.91 13.42
C ASN B 429 -6.28 36.87 13.67
N ALA B 430 -7.03 36.70 12.57
CA ALA B 430 -8.47 36.96 12.62
C ALA B 430 -9.15 36.11 13.70
N PHE B 431 -8.59 34.94 13.97
CA PHE B 431 -9.11 34.09 15.05
C PHE B 431 -8.99 34.80 16.40
N GLU B 432 -7.78 35.22 16.74
CA GLU B 432 -7.51 35.76 18.07
C GLU B 432 -8.23 37.09 18.27
N GLU B 433 -8.37 37.88 17.21
CA GLU B 433 -9.12 39.14 17.29
C GLU B 433 -10.60 38.88 17.48
N ALA B 434 -11.15 37.86 16.80
CA ALA B 434 -12.54 37.47 17.05
C ALA B 434 -12.74 37.04 18.51
N GLU B 435 -11.77 36.32 19.08
CA GLU B 435 -11.86 35.90 20.48
C GLU B 435 -11.81 37.09 21.43
N LYS B 436 -10.83 37.99 21.28
CA LYS B 436 -10.83 39.24 22.05
C LYS B 436 -12.21 39.90 22.00
N ALA B 437 -12.79 40.01 20.81
CA ALA B 437 -14.09 40.64 20.72
C ALA B 437 -15.15 39.86 21.50
N TRP B 438 -15.10 38.52 21.43
CA TRP B 438 -16.09 37.73 22.17
C TRP B 438 -15.93 37.91 23.68
N GLN B 439 -14.69 37.98 24.15
CA GLN B 439 -14.40 38.18 25.57
C GLN B 439 -14.89 39.55 26.04
N LYS B 440 -14.71 40.59 25.20
CA LYS B 440 -15.31 41.89 25.49
C LYS B 440 -16.83 41.80 25.50
N TYR B 441 -17.40 41.07 24.54
CA TYR B 441 -18.85 40.94 24.47
C TYR B 441 -19.43 40.27 25.72
N LEU B 442 -18.71 39.31 26.31
CA LEU B 442 -19.25 38.65 27.50
C LEU B 442 -19.09 39.48 28.76
N ARG B 443 -18.27 40.52 28.74
CA ARG B 443 -18.18 41.45 29.87
C ARG B 443 -19.05 42.68 29.68
N GLY B 444 -19.95 42.67 28.70
CA GLY B 444 -20.81 43.79 28.37
C GLY B 444 -20.13 45.01 27.78
N HIS B 445 -19.14 44.83 26.91
CA HIS B 445 -18.33 45.94 26.41
C HIS B 445 -18.36 46.03 24.89
N ILE B 446 -19.47 45.67 24.27
CA ILE B 446 -19.60 45.81 22.82
C ILE B 446 -20.91 46.52 22.52
N PHE B 447 -20.81 47.62 21.82
CA PHE B 447 -21.96 48.45 21.51
C PHE B 447 -22.83 47.78 20.44
N GLY B 448 -24.13 48.02 20.50
CA GLY B 448 -25.06 47.60 19.46
C GLY B 448 -25.57 46.18 19.55
N THR B 449 -25.14 45.42 20.56
CA THR B 449 -25.60 44.08 20.85
C THR B 449 -26.99 44.11 21.47
N THR B 450 -27.66 42.95 21.45
CA THR B 450 -28.95 42.80 22.13
C THR B 450 -28.82 42.34 23.59
N GLY B 451 -27.63 41.91 24.01
CA GLY B 451 -27.49 41.40 25.36
C GLY B 451 -28.03 40.00 25.52
N ALA B 452 -28.09 39.23 24.43
CA ALA B 452 -28.60 37.88 24.52
C ALA B 452 -27.84 37.05 25.55
N PHE B 453 -26.56 37.37 25.80
CA PHE B 453 -25.77 36.51 26.67
C PHE B 453 -26.26 36.59 28.11
N ARG B 454 -26.79 37.75 28.53
CA ARG B 454 -27.22 37.90 29.92
C ARG B 454 -28.36 36.93 30.26
N GLU B 455 -29.32 36.79 29.35
CA GLU B 455 -30.44 35.86 29.57
C GLU B 455 -29.98 34.41 29.66
N LEU B 456 -28.89 34.04 28.98
CA LEU B 456 -28.39 32.68 28.98
C LEU B 456 -27.38 32.44 30.11
N GLY B 457 -27.29 33.37 31.06
CA GLY B 457 -26.33 33.25 32.14
C GLY B 457 -24.92 33.01 31.66
N MET B 458 -24.48 33.74 30.64
CA MET B 458 -23.12 33.58 30.12
C MET B 458 -22.16 34.64 30.63
N GLY B 459 -22.66 35.75 31.18
CA GLY B 459 -21.84 36.90 31.49
C GLY B 459 -20.64 36.65 32.39
N LEU B 460 -19.47 37.12 31.98
CA LEU B 460 -18.29 37.10 32.85
C LEU B 460 -18.12 38.39 33.62
N GLU B 461 -19.00 39.37 33.42
CA GLU B 461 -19.06 40.54 34.25
C GLU B 461 -20.10 41.52 33.68
N THR C 21 42.65 -48.56 -18.13
CA THR C 21 41.82 -47.71 -17.26
C THR C 21 42.42 -46.32 -17.02
N SER C 22 42.04 -45.34 -17.85
CA SER C 22 42.53 -43.97 -17.71
C SER C 22 42.13 -43.40 -16.35
N TYR C 23 42.80 -42.30 -15.98
CA TYR C 23 42.56 -41.67 -14.69
C TYR C 23 41.22 -40.94 -14.68
N GLN C 24 40.43 -41.13 -13.62
CA GLN C 24 39.20 -40.38 -13.45
C GLN C 24 39.32 -39.51 -12.20
N CYS C 25 39.41 -38.20 -12.39
CA CYS C 25 39.43 -37.28 -11.27
C CYS C 25 38.03 -37.13 -10.69
N ARG C 26 37.97 -37.12 -9.34
CA ARG C 26 36.74 -37.01 -8.56
C ARG C 26 36.54 -35.55 -8.20
N VAL C 27 35.53 -34.91 -8.78
CA VAL C 27 35.41 -33.46 -8.74
C VAL C 27 34.06 -33.08 -8.12
N ALA C 28 34.11 -32.27 -7.07
CA ALA C 28 32.93 -31.75 -6.42
C ALA C 28 32.73 -30.28 -6.77
N VAL C 29 31.58 -29.97 -7.36
CA VAL C 29 31.24 -28.62 -7.82
C VAL C 29 30.24 -28.01 -6.83
N VAL C 30 30.64 -26.92 -6.18
CA VAL C 30 29.81 -26.28 -5.16
C VAL C 30 28.84 -25.33 -5.84
N GLY C 31 27.66 -25.83 -6.19
CA GLY C 31 26.63 -24.94 -6.69
C GLY C 31 26.15 -25.41 -8.04
N ALA C 32 24.83 -25.39 -8.23
CA ALA C 32 24.22 -25.84 -9.47
C ALA C 32 23.81 -24.68 -10.37
N GLY C 33 24.45 -23.53 -10.22
CA GLY C 33 24.20 -22.43 -11.15
C GLY C 33 24.70 -22.78 -12.54
N LEU C 34 24.31 -21.94 -13.51
CA LEU C 34 24.74 -22.15 -14.89
C LEU C 34 26.23 -22.49 -14.96
N GLY C 35 27.06 -21.83 -14.14
CA GLY C 35 28.49 -22.11 -14.20
C GLY C 35 28.84 -23.46 -13.65
N GLY C 36 28.21 -23.83 -12.54
CA GLY C 36 28.38 -25.15 -11.97
C GLY C 36 27.96 -26.25 -12.91
N LEU C 37 26.73 -26.18 -13.43
CA LEU C 37 26.30 -27.15 -14.41
C LEU C 37 27.25 -27.19 -15.60
N SER C 38 27.71 -26.02 -16.07
CA SER C 38 28.61 -25.98 -17.22
C SER C 38 29.88 -26.76 -16.93
N ALA C 39 30.44 -26.57 -15.74
CA ALA C 39 31.67 -27.24 -15.36
C ALA C 39 31.43 -28.74 -15.22
N ALA C 40 30.28 -29.11 -14.63
CA ALA C 40 29.91 -30.52 -14.54
C ALA C 40 29.87 -31.17 -15.92
N ILE C 41 29.08 -30.59 -16.80
CA ILE C 41 28.88 -31.18 -18.15
C ILE C 41 30.22 -31.35 -18.86
N GLY C 42 31.01 -30.29 -18.97
CA GLY C 42 32.28 -30.36 -19.71
C GLY C 42 33.28 -31.34 -19.12
N ILE C 43 33.44 -31.34 -17.80
CA ILE C 43 34.48 -32.22 -17.20
C ILE C 43 34.05 -33.66 -17.39
N THR C 44 32.76 -33.94 -17.24
CA THR C 44 32.25 -35.31 -17.48
C THR C 44 32.60 -35.69 -18.93
N LEU C 45 32.22 -34.84 -19.88
CA LEU C 45 32.43 -35.16 -21.31
C LEU C 45 33.93 -35.31 -21.55
N ALA C 46 34.73 -34.89 -20.59
CA ALA C 46 36.19 -34.99 -20.73
C ALA C 46 36.62 -36.35 -20.19
N GLY C 47 35.85 -36.93 -19.28
CA GLY C 47 36.16 -38.29 -18.83
C GLY C 47 36.44 -38.36 -17.34
N HIS C 48 35.67 -37.64 -16.53
CA HIS C 48 35.96 -37.59 -15.07
C HIS C 48 34.65 -37.75 -14.30
N LYS C 49 34.73 -37.81 -12.98
CA LYS C 49 33.53 -38.03 -12.13
C LYS C 49 33.16 -36.70 -11.48
N VAL C 50 31.89 -36.30 -11.58
CA VAL C 50 31.51 -34.97 -11.07
C VAL C 50 30.34 -35.10 -10.10
N THR C 51 30.38 -34.39 -8.97
CA THR C 51 29.24 -34.39 -8.03
C THR C 51 28.88 -32.94 -7.69
N ILE C 52 27.61 -32.57 -7.91
CA ILE C 52 27.18 -31.20 -7.66
C ILE C 52 26.48 -31.14 -6.32
N LEU C 53 26.80 -30.11 -5.52
CA LEU C 53 26.22 -29.90 -4.19
C LEU C 53 25.61 -28.52 -4.15
N GLU C 54 24.34 -28.41 -4.55
CA GLU C 54 23.60 -27.15 -4.45
C GLU C 54 22.96 -27.03 -3.09
N GLN C 55 22.96 -25.81 -2.55
CA GLN C 55 22.47 -25.55 -1.19
C GLN C 55 20.93 -25.60 -1.14
N ALA C 56 20.26 -25.07 -2.17
CA ALA C 56 18.80 -25.01 -2.14
C ALA C 56 18.22 -26.42 -2.18
N PRO C 57 17.00 -26.59 -1.66
CA PRO C 57 16.42 -27.95 -1.57
C PRO C 57 16.04 -28.55 -2.92
N GLN C 58 15.56 -27.74 -3.88
CA GLN C 58 15.13 -28.23 -5.18
C GLN C 58 15.76 -27.41 -6.30
N LEU C 59 16.08 -28.07 -7.42
CA LEU C 59 16.83 -27.45 -8.52
C LEU C 59 15.87 -26.72 -9.46
N GLY C 60 15.34 -25.61 -8.97
CA GLY C 60 14.56 -24.71 -9.80
C GLY C 60 15.05 -23.29 -9.61
N GLU C 61 15.35 -22.59 -10.72
CA GLU C 61 15.92 -21.26 -10.68
C GLU C 61 14.88 -20.22 -11.09
N VAL C 62 14.50 -19.38 -10.13
CA VAL C 62 13.78 -18.14 -10.41
C VAL C 62 14.73 -17.22 -11.15
N GLY C 63 14.27 -16.64 -12.26
CA GLY C 63 15.15 -15.78 -13.02
C GLY C 63 14.36 -14.88 -13.94
N ALA C 64 15.11 -14.00 -14.59
CA ALA C 64 14.62 -13.12 -15.63
C ALA C 64 15.05 -13.71 -16.98
N GLY C 65 14.95 -12.93 -18.04
CA GLY C 65 15.56 -13.34 -19.30
C GLY C 65 17.07 -13.35 -19.18
N ILE C 66 17.71 -14.26 -19.93
CA ILE C 66 19.14 -14.22 -20.15
C ILE C 66 19.42 -14.29 -21.65
N GLN C 67 20.61 -13.80 -22.02
CA GLN C 67 21.08 -13.78 -23.39
C GLN C 67 22.16 -14.83 -23.53
N ILE C 68 21.98 -15.73 -24.51
CA ILE C 68 23.05 -16.65 -24.89
C ILE C 68 23.65 -16.13 -26.19
N PRO C 69 24.78 -15.42 -26.13
CA PRO C 69 25.38 -14.87 -27.33
C PRO C 69 26.20 -15.91 -28.06
N PRO C 70 26.72 -15.60 -29.26
CA PRO C 70 27.51 -16.60 -29.98
C PRO C 70 28.59 -17.27 -29.15
N ASN C 71 29.28 -16.55 -28.27
CA ASN C 71 30.45 -17.14 -27.61
C ASN C 71 30.07 -18.19 -26.56
N SER C 72 28.82 -18.19 -26.09
CA SER C 72 28.30 -19.26 -25.25
C SER C 72 27.42 -20.23 -26.03
N SER C 73 26.72 -19.77 -27.07
CA SER C 73 25.92 -20.70 -27.86
C SER C 73 26.80 -21.69 -28.64
N ARG C 74 27.90 -21.23 -29.25
CA ARG C 74 28.78 -22.20 -29.91
C ARG C 74 29.33 -23.22 -28.93
N ILE C 75 29.44 -22.85 -27.64
CA ILE C 75 29.87 -23.80 -26.61
C ILE C 75 28.79 -24.82 -26.33
N LEU C 76 27.56 -24.34 -26.16
CA LEU C 76 26.44 -25.25 -25.91
C LEU C 76 26.15 -26.14 -27.11
N ARG C 77 26.43 -25.68 -28.33
CA ARG C 77 26.07 -26.43 -29.53
C ARG C 77 26.90 -27.69 -29.64
N GLN C 78 28.20 -27.59 -29.38
CA GLN C 78 29.05 -28.77 -29.34
C GLN C 78 28.63 -29.74 -28.23
N TRP C 79 27.78 -29.31 -27.28
CA TRP C 79 27.13 -30.24 -26.36
C TRP C 79 25.69 -30.58 -26.80
N GLY C 80 25.39 -30.43 -28.10
CA GLY C 80 24.09 -30.75 -28.67
C GLY C 80 22.89 -30.27 -27.87
N LEU C 81 22.84 -28.97 -27.54
CA LEU C 81 21.68 -28.36 -26.93
C LEU C 81 20.97 -27.37 -27.84
N LEU C 82 21.56 -27.02 -28.99
CA LEU C 82 20.90 -26.12 -29.93
C LEU C 82 19.43 -26.44 -30.12
N PRO C 83 19.04 -27.63 -30.58
CA PRO C 83 17.60 -27.92 -30.73
C PRO C 83 16.79 -27.69 -29.47
N ALA C 84 17.30 -28.09 -28.30
CA ALA C 84 16.52 -27.94 -27.06
C ALA C 84 16.39 -26.48 -26.66
N LEU C 85 17.41 -25.67 -26.94
CA LEU C 85 17.36 -24.24 -26.60
C LEU C 85 16.43 -23.50 -27.54
N GLU C 86 16.53 -23.79 -28.84
CA GLU C 86 15.84 -23.02 -29.87
C GLU C 86 14.32 -23.16 -29.78
N GLU C 87 13.87 -24.19 -29.07
CA GLU C 87 12.45 -24.43 -28.85
C GLU C 87 11.87 -23.45 -27.82
N VAL C 88 12.71 -22.97 -26.91
CA VAL C 88 12.24 -22.15 -25.80
C VAL C 88 12.83 -20.75 -25.80
N SER C 89 13.48 -20.35 -26.89
CA SER C 89 14.15 -19.06 -26.94
C SER C 89 13.72 -18.32 -28.19
N VAL C 90 14.02 -17.03 -28.21
CA VAL C 90 13.75 -16.15 -29.34
C VAL C 90 15.06 -15.69 -29.96
N ARG C 91 15.06 -15.54 -31.27
CA ARG C 91 16.22 -14.96 -31.95
C ARG C 91 15.96 -13.49 -32.28
N PRO C 92 16.40 -12.53 -31.45
CA PRO C 92 16.13 -11.12 -31.76
C PRO C 92 16.87 -10.72 -33.02
N LEU C 93 16.22 -9.88 -33.83
CA LEU C 93 16.76 -9.51 -35.13
C LEU C 93 17.91 -8.53 -35.02
N ASP C 94 17.82 -7.58 -34.10
CA ASP C 94 18.92 -6.66 -33.88
C ASP C 94 18.91 -6.15 -32.45
N SER C 95 19.97 -5.42 -32.13
CA SER C 95 20.15 -4.73 -30.87
C SER C 95 20.19 -3.23 -31.16
N VAL C 96 19.36 -2.46 -30.47
CA VAL C 96 19.24 -1.03 -30.73
C VAL C 96 19.54 -0.26 -29.46
N LEU C 97 20.38 0.77 -29.58
CA LEU C 97 20.50 1.86 -28.63
C LEU C 97 19.66 3.03 -29.13
N ARG C 98 18.78 3.53 -28.25
CA ARG C 98 17.87 4.65 -28.50
C ARG C 98 17.95 5.68 -27.39
N SER C 99 17.65 6.92 -27.75
CA SER C 99 17.54 8.02 -26.80
C SER C 99 16.34 7.80 -25.87
N TYR C 100 16.51 8.15 -24.60
CA TYR C 100 15.39 8.08 -23.67
C TYR C 100 14.29 9.08 -24.02
N ARG C 101 14.64 10.26 -24.54
CA ARG C 101 13.66 11.32 -24.78
C ARG C 101 12.56 10.84 -25.73
N ASP C 102 12.96 10.51 -26.96
CA ASP C 102 12.02 10.23 -28.04
C ASP C 102 12.17 8.83 -28.63
N GLY C 103 13.05 8.01 -28.06
CA GLY C 103 13.31 6.70 -28.63
C GLY C 103 13.97 6.70 -29.98
N LYS C 104 14.50 7.83 -30.44
CA LYS C 104 15.26 7.84 -31.68
C LYS C 104 16.30 6.74 -31.64
N VAL C 105 16.40 5.99 -32.75
CA VAL C 105 17.45 4.98 -32.83
C VAL C 105 18.79 5.68 -33.05
N LEU C 106 19.78 5.28 -32.26
CA LEU C 106 21.13 5.82 -32.34
C LEU C 106 22.14 4.79 -32.81
N SER C 107 21.91 3.52 -32.49
CA SER C 107 22.78 2.46 -32.95
C SER C 107 21.97 1.19 -33.14
N ARG C 108 22.09 0.58 -34.32
CA ARG C 108 21.40 -0.69 -34.65
C ARG C 108 22.40 -1.71 -35.16
N ILE C 109 22.65 -2.76 -34.37
CA ILE C 109 23.47 -3.89 -34.77
C ILE C 109 22.55 -5.00 -35.23
N ASN C 110 22.80 -5.55 -36.41
CA ASN C 110 21.91 -6.58 -36.95
C ASN C 110 22.40 -7.94 -36.46
N LEU C 111 21.58 -8.60 -35.62
CA LEU C 111 21.94 -9.91 -35.08
C LEU C 111 21.54 -11.03 -36.02
N VAL C 112 20.38 -10.91 -36.65
CA VAL C 112 19.86 -11.94 -37.54
C VAL C 112 19.71 -11.37 -38.94
N PRO C 113 20.51 -11.79 -39.92
CA PRO C 113 21.43 -12.93 -39.86
C PRO C 113 22.88 -12.62 -39.51
N GLY C 114 23.20 -11.34 -39.22
CA GLY C 114 24.59 -10.93 -39.18
C GLY C 114 25.46 -11.75 -38.25
N TYR C 115 25.06 -11.88 -36.98
CA TYR C 115 25.89 -12.56 -35.99
C TYR C 115 26.10 -14.02 -36.34
N GLU C 116 25.03 -14.73 -36.74
CA GLU C 116 25.21 -16.13 -37.13
C GLU C 116 26.10 -16.28 -38.35
N GLU C 117 26.23 -15.22 -39.17
CA GLU C 117 27.09 -15.27 -40.34
C GLU C 117 28.53 -14.97 -39.99
N ARG C 118 28.74 -13.99 -39.13
CA ARG C 118 30.09 -13.59 -38.79
C ARG C 118 30.70 -14.42 -37.67
N PHE C 119 29.87 -15.00 -36.79
CA PHE C 119 30.38 -15.73 -35.64
C PHE C 119 29.93 -17.18 -35.60
N GLY C 120 29.24 -17.65 -36.62
CA GLY C 120 28.94 -19.05 -36.72
C GLY C 120 28.20 -19.61 -35.52
N ALA C 121 27.39 -18.79 -34.85
CA ALA C 121 26.53 -19.31 -33.79
C ALA C 121 25.38 -18.33 -33.59
N PRO C 122 24.24 -18.81 -33.13
CA PRO C 122 23.07 -17.94 -33.00
C PRO C 122 23.13 -17.10 -31.73
N TYR C 123 22.20 -16.17 -31.62
CA TYR C 123 22.07 -15.30 -30.45
C TYR C 123 20.66 -15.45 -29.87
N TYR C 124 20.56 -16.04 -28.67
CA TYR C 124 19.31 -16.53 -28.09
C TYR C 124 18.84 -15.70 -26.90
N HIS C 125 17.52 -15.57 -26.78
CA HIS C 125 16.87 -14.92 -25.64
C HIS C 125 16.02 -15.97 -24.96
N ILE C 126 16.41 -16.37 -23.75
CA ILE C 126 15.83 -17.54 -23.11
C ILE C 126 15.56 -17.22 -21.65
N HIS C 127 14.39 -17.62 -21.17
CA HIS C 127 14.11 -17.51 -19.75
C HIS C 127 15.09 -18.36 -18.96
N ARG C 128 15.58 -17.79 -17.86
CA ARG C 128 16.63 -18.43 -17.04
C ARG C 128 16.19 -19.79 -16.53
N ALA C 129 14.91 -19.95 -16.20
CA ALA C 129 14.40 -21.23 -15.73
C ALA C 129 14.57 -22.30 -16.81
N ASP C 130 14.17 -21.99 -18.05
CA ASP C 130 14.32 -22.95 -19.14
C ASP C 130 15.80 -23.30 -19.39
N PHE C 131 16.67 -22.29 -19.41
CA PHE C 131 18.10 -22.55 -19.60
C PHE C 131 18.65 -23.44 -18.50
N HIS C 132 18.27 -23.15 -17.25
CA HIS C 132 18.73 -23.97 -16.13
C HIS C 132 18.26 -25.40 -16.27
N ARG C 133 16.99 -25.58 -16.65
CA ARG C 133 16.44 -26.92 -16.75
C ARG C 133 17.11 -27.70 -17.87
N ILE C 134 17.35 -27.06 -19.01
CA ILE C 134 18.04 -27.75 -20.09
C ILE C 134 19.42 -28.19 -19.63
N LEU C 135 20.10 -27.35 -18.85
CA LEU C 135 21.45 -27.71 -18.42
C LEU C 135 21.41 -28.85 -17.38
N VAL C 136 20.45 -28.84 -16.46
CA VAL C 136 20.35 -29.94 -15.49
C VAL C 136 20.02 -31.24 -16.21
N ASP C 137 19.11 -31.19 -17.18
CA ASP C 137 18.74 -32.38 -17.93
C ASP C 137 19.96 -32.97 -18.64
N LYS C 138 20.72 -32.15 -19.36
CA LYS C 138 21.90 -32.69 -20.02
C LYS C 138 22.88 -33.25 -19.00
N ALA C 139 23.10 -32.53 -17.90
CA ALA C 139 24.08 -32.98 -16.92
C ALA C 139 23.70 -34.35 -16.39
N ARG C 140 22.42 -34.52 -16.03
CA ARG C 140 21.96 -35.81 -15.54
C ARG C 140 22.09 -36.90 -16.60
N ALA C 141 21.73 -36.60 -17.85
CA ALA C 141 21.93 -37.56 -18.93
C ALA C 141 23.38 -37.98 -19.03
N LEU C 142 24.32 -37.14 -18.61
CA LEU C 142 25.73 -37.50 -18.66
C LEU C 142 26.21 -38.23 -17.42
N GLY C 143 25.38 -38.37 -16.39
CA GLY C 143 25.76 -39.12 -15.21
C GLY C 143 26.36 -38.31 -14.10
N VAL C 144 26.04 -37.03 -13.98
CA VAL C 144 26.47 -36.24 -12.84
C VAL C 144 25.46 -36.41 -11.72
N GLU C 145 25.94 -36.67 -10.52
CA GLU C 145 25.05 -36.76 -9.38
C GLU C 145 24.85 -35.37 -8.80
N ILE C 146 23.60 -35.04 -8.46
CA ILE C 146 23.22 -33.72 -7.98
C ILE C 146 22.68 -33.90 -6.57
N LEU C 147 23.51 -33.61 -5.56
CA LEU C 147 23.12 -33.72 -4.16
C LEU C 147 22.50 -32.39 -3.73
N LEU C 148 21.23 -32.42 -3.38
CA LEU C 148 20.55 -31.19 -2.99
C LEU C 148 20.69 -30.95 -1.48
N GLY C 149 20.27 -29.76 -1.05
CA GLY C 149 20.26 -29.41 0.36
C GLY C 149 21.60 -29.45 1.04
N LYS C 150 22.70 -29.23 0.31
CA LYS C 150 24.06 -29.25 0.87
C LYS C 150 24.63 -27.84 0.79
N SER C 151 24.58 -27.11 1.91
CA SER C 151 25.11 -25.75 1.98
C SER C 151 26.43 -25.81 2.71
N VAL C 152 27.52 -25.76 1.95
CA VAL C 152 28.85 -25.80 2.55
C VAL C 152 29.07 -24.60 3.46
N ARG C 153 29.80 -24.83 4.55
CA ARG C 153 30.16 -23.78 5.51
C ARG C 153 31.63 -23.76 5.89
N THR C 154 32.39 -24.74 5.41
CA THR C 154 33.84 -24.82 5.72
C THR C 154 34.53 -25.69 4.68
N ILE C 155 35.86 -25.61 4.57
CA ILE C 155 36.58 -26.38 3.51
C ILE C 155 37.97 -26.80 4.00
N ASP C 156 38.47 -27.93 3.52
CA ASP C 156 39.88 -28.33 3.83
C ASP C 156 40.61 -28.37 2.50
N PHE C 157 41.13 -27.23 2.04
CA PHE C 157 41.79 -27.15 0.72
C PHE C 157 43.01 -28.09 0.70
N ASN C 158 43.85 -28.02 1.74
CA ASN C 158 45.08 -28.85 1.78
C ASN C 158 44.69 -30.33 1.71
N ALA C 159 43.71 -30.75 2.52
CA ALA C 159 43.23 -32.15 2.48
C ALA C 159 41.88 -32.20 1.76
N PRO C 160 41.83 -32.48 0.44
CA PRO C 160 40.57 -32.47 -0.31
C PRO C 160 39.39 -32.94 0.54
N SER C 161 38.56 -32.02 1.03
CA SER C 161 37.39 -32.37 1.86
C SER C 161 36.60 -31.10 2.19
N LEU C 162 35.29 -31.24 2.44
CA LEU C 162 34.43 -30.04 2.71
C LEU C 162 33.49 -30.36 3.87
N THR C 163 32.75 -29.36 4.38
CA THR C 163 31.83 -29.56 5.53
C THR C 163 30.53 -28.78 5.33
N MET C 164 29.39 -29.32 5.80
CA MET C 164 28.12 -28.64 5.60
C MET C 164 27.67 -27.95 6.90
N ALA C 165 26.51 -27.29 6.84
CA ALA C 165 26.04 -26.52 7.99
C ALA C 165 25.44 -27.41 9.06
N ASP C 166 24.99 -28.60 8.69
CA ASP C 166 24.48 -29.55 9.68
C ASP C 166 25.58 -30.39 10.33
N GLY C 167 26.76 -30.52 9.69
CA GLY C 167 27.89 -31.22 10.25
C GLY C 167 28.46 -32.31 9.38
N SER C 168 27.70 -32.82 8.40
CA SER C 168 28.18 -33.91 7.55
C SER C 168 29.37 -33.44 6.70
N VAL C 169 30.20 -34.39 6.30
CA VAL C 169 31.46 -34.10 5.62
C VAL C 169 31.55 -34.93 4.34
N TYR C 170 32.03 -34.30 3.27
CA TYR C 170 32.26 -34.93 1.98
C TYR C 170 33.76 -35.12 1.85
N ASN C 171 34.21 -36.38 1.93
CA ASN C 171 35.63 -36.67 1.83
C ASN C 171 36.03 -37.31 0.51
N ASP C 172 35.09 -37.91 -0.21
CA ASP C 172 35.43 -38.65 -1.43
C ASP C 172 35.45 -37.69 -2.63
N ALA C 173 36.52 -36.90 -2.70
CA ALA C 173 36.75 -35.98 -3.82
C ALA C 173 38.21 -35.55 -3.81
N ASP C 174 38.79 -35.41 -5.00
CA ASP C 174 40.18 -34.99 -5.15
C ASP C 174 40.32 -33.49 -5.35
N VAL C 175 39.39 -32.89 -6.08
CA VAL C 175 39.46 -31.49 -6.46
C VAL C 175 38.11 -30.85 -6.20
N ILE C 176 38.12 -29.55 -5.88
CA ILE C 176 36.90 -28.79 -5.60
C ILE C 176 36.83 -27.58 -6.53
N ILE C 177 35.61 -27.26 -6.98
CA ILE C 177 35.38 -26.15 -7.89
C ILE C 177 34.20 -25.35 -7.35
N GLY C 178 34.48 -24.13 -6.89
CA GLY C 178 33.48 -23.32 -6.23
C GLY C 178 32.66 -22.51 -7.21
N ALA C 179 31.37 -22.79 -7.30
CA ALA C 179 30.48 -22.14 -8.25
C ALA C 179 29.18 -21.71 -7.58
N ASP C 180 29.31 -20.97 -6.48
CA ASP C 180 28.16 -20.61 -5.64
C ASP C 180 27.76 -19.14 -5.77
N GLY C 181 28.31 -18.42 -6.74
CA GLY C 181 27.75 -17.16 -7.14
C GLY C 181 28.29 -15.97 -6.37
N LEU C 182 27.45 -14.93 -6.31
CA LEU C 182 27.89 -13.64 -5.78
C LEU C 182 28.20 -13.73 -4.28
N LYS C 183 27.29 -14.33 -3.53
CA LYS C 183 27.52 -14.61 -2.12
C LYS C 183 28.08 -16.03 -2.01
N SER C 184 29.42 -16.10 -1.96
CA SER C 184 30.18 -17.35 -2.00
C SER C 184 30.81 -17.64 -0.66
N VAL C 185 30.40 -18.75 -0.02
CA VAL C 185 31.13 -19.22 1.16
C VAL C 185 32.50 -19.77 0.75
N CYS C 186 32.61 -20.32 -0.46
CA CYS C 186 33.90 -20.85 -0.90
C CYS C 186 34.94 -19.75 -1.01
N ARG C 187 34.56 -18.58 -1.51
CA ARG C 187 35.50 -17.46 -1.57
C ARG C 187 35.85 -16.95 -0.19
N GLU C 188 34.88 -16.95 0.74
CA GLU C 188 35.13 -16.52 2.12
C GLU C 188 36.10 -17.48 2.83
N GLN C 189 35.98 -18.78 2.57
CA GLN C 189 36.91 -19.75 3.13
C GLN C 189 38.28 -19.62 2.48
N MET C 190 38.32 -19.50 1.16
CA MET C 190 39.60 -19.39 0.49
C MET C 190 40.39 -18.21 1.01
N LEU C 191 39.80 -17.01 1.01
CA LEU C 191 40.54 -15.85 1.47
C LEU C 191 40.91 -15.97 2.94
N GLY C 192 39.97 -16.40 3.77
CA GLY C 192 40.16 -16.45 5.20
C GLY C 192 39.54 -15.32 5.98
N HIS C 193 38.79 -14.44 5.33
CA HIS C 193 38.12 -13.35 6.02
C HIS C 193 36.76 -13.15 5.36
N PRO C 194 35.85 -12.42 6.00
CA PRO C 194 34.58 -12.11 5.32
C PRO C 194 34.80 -11.28 4.06
N ASP C 195 33.82 -11.36 3.16
CA ASP C 195 33.88 -10.71 1.86
C ASP C 195 32.47 -10.58 1.31
N PRO C 196 31.69 -9.60 1.77
CA PRO C 196 30.30 -9.46 1.34
C PRO C 196 30.21 -8.72 0.02
N PRO C 197 29.07 -8.81 -0.67
CA PRO C 197 28.90 -8.11 -1.94
C PRO C 197 28.74 -6.61 -1.75
N HIS C 198 29.47 -5.86 -2.59
CA HIS C 198 29.39 -4.41 -2.65
C HIS C 198 28.08 -3.98 -3.31
N PHE C 199 27.42 -2.98 -2.74
CA PHE C 199 26.25 -2.37 -3.38
C PHE C 199 26.70 -1.47 -4.52
N THR C 200 26.17 -1.73 -5.72
CA THR C 200 26.57 -0.91 -6.87
C THR C 200 26.14 0.54 -6.71
N GLY C 201 25.01 0.79 -6.07
CA GLY C 201 24.42 2.09 -6.02
C GLY C 201 23.21 2.24 -6.91
N ASP C 202 23.16 1.49 -8.01
CA ASP C 202 21.95 1.41 -8.82
C ASP C 202 21.01 0.35 -8.23
N LEU C 203 19.73 0.49 -8.53
CA LEU C 203 18.77 -0.59 -8.28
C LEU C 203 17.98 -0.83 -9.55
N ALA C 204 17.47 -2.06 -9.66
CA ALA C 204 16.89 -2.58 -10.89
C ALA C 204 15.44 -2.99 -10.66
N TYR C 205 14.55 -2.45 -11.49
CA TYR C 205 13.14 -2.84 -11.54
C TYR C 205 12.92 -3.76 -12.72
N ARG C 206 12.09 -4.78 -12.56
CA ARG C 206 11.68 -5.63 -13.68
C ARG C 206 10.16 -5.61 -13.83
N ILE C 207 9.72 -5.61 -15.08
CA ILE C 207 8.31 -5.55 -15.43
C ILE C 207 8.03 -6.60 -16.48
N ILE C 208 6.97 -7.37 -16.27
CA ILE C 208 6.48 -8.34 -17.25
C ILE C 208 5.20 -7.79 -17.85
N VAL C 209 5.08 -7.86 -19.18
CA VAL C 209 3.87 -7.41 -19.86
C VAL C 209 3.53 -8.45 -20.93
N LYS C 210 2.24 -8.68 -21.13
CA LYS C 210 1.81 -9.74 -22.04
C LYS C 210 1.93 -9.28 -23.48
N ALA C 211 2.49 -10.12 -24.35
CA ALA C 211 2.70 -9.67 -25.72
C ALA C 211 1.37 -9.51 -26.46
N GLU C 212 0.36 -10.32 -26.12
CA GLU C 212 -0.93 -10.17 -26.81
C GLU C 212 -1.53 -8.79 -26.54
N ASP C 213 -1.47 -8.34 -25.28
CA ASP C 213 -1.95 -7.01 -24.93
C ASP C 213 -1.18 -5.92 -25.66
N MET C 214 0.11 -6.14 -25.92
CA MET C 214 0.89 -5.17 -26.68
C MET C 214 0.46 -5.15 -28.13
N LYS C 215 0.26 -6.33 -28.74
CA LYS C 215 -0.24 -6.37 -30.11
C LYS C 215 -1.54 -5.60 -30.24
N LYS C 216 -2.27 -5.46 -29.13
CA LYS C 216 -3.51 -4.69 -29.20
C LYS C 216 -3.31 -3.18 -29.32
N HIS C 217 -2.08 -2.67 -29.25
CA HIS C 217 -1.83 -1.22 -29.33
C HIS C 217 -0.96 -0.89 -30.55
N ASP C 218 -1.34 0.18 -31.26
CA ASP C 218 -0.64 0.53 -32.49
C ASP C 218 0.81 0.92 -32.23
N SER C 219 1.05 1.74 -31.22
CA SER C 219 2.39 2.19 -30.87
C SER C 219 3.31 1.08 -30.36
N LEU C 220 2.77 -0.09 -30.03
CA LEU C 220 3.55 -1.14 -29.37
C LEU C 220 3.71 -2.42 -30.20
N ARG C 221 2.88 -2.61 -31.23
CA ARG C 221 2.93 -3.85 -32.00
C ARG C 221 4.35 -4.15 -32.48
N GLU C 222 5.01 -3.20 -33.16
CA GLU C 222 6.31 -3.51 -33.78
C GLU C 222 7.27 -4.22 -32.83
N LEU C 223 7.30 -3.83 -31.55
CA LEU C 223 8.23 -4.41 -30.58
C LEU C 223 8.05 -5.93 -30.42
N VAL C 224 6.90 -6.47 -30.82
CA VAL C 224 6.66 -7.91 -30.83
C VAL C 224 6.73 -8.49 -32.23
N GLU C 225 6.34 -7.72 -33.26
CA GLU C 225 6.43 -8.23 -34.62
C GLU C 225 7.84 -8.16 -35.19
N HIS C 226 8.71 -7.37 -34.56
CA HIS C 226 10.10 -7.19 -34.96
C HIS C 226 10.91 -7.32 -33.67
N PRO C 227 10.96 -8.54 -33.09
CA PRO C 227 11.56 -8.70 -31.75
C PRO C 227 13.03 -8.33 -31.74
N SER C 228 13.39 -7.29 -30.99
CA SER C 228 14.76 -6.85 -30.88
C SER C 228 15.11 -6.68 -29.42
N ILE C 229 16.38 -6.40 -29.15
CA ILE C 229 16.79 -5.94 -27.83
C ILE C 229 16.85 -4.42 -27.88
N ASN C 230 15.90 -3.74 -27.23
CA ASN C 230 15.88 -2.29 -27.21
C ASN C 230 16.49 -1.79 -25.91
N HIS C 231 17.49 -0.91 -26.03
CA HIS C 231 18.08 -0.22 -24.89
C HIS C 231 17.79 1.28 -25.01
N TRP C 232 17.01 1.82 -24.07
CA TRP C 232 16.76 3.26 -23.93
C TRP C 232 17.76 3.86 -22.96
N MET C 233 18.71 4.63 -23.47
CA MET C 233 19.72 5.30 -22.65
C MET C 233 19.17 6.65 -22.17
N GLY C 234 19.49 6.99 -20.92
CA GLY C 234 19.02 8.21 -20.32
C GLY C 234 19.89 8.67 -19.19
N PRO C 235 19.40 9.65 -18.44
CA PRO C 235 20.20 10.21 -17.33
C PRO C 235 20.37 9.25 -16.17
N ASN C 236 21.57 8.68 -16.03
CA ASN C 236 21.88 7.79 -14.92
C ASN C 236 20.94 6.60 -14.85
N SER C 237 20.12 6.44 -15.88
CA SER C 237 19.12 5.39 -15.98
C SER C 237 19.27 4.76 -17.34
N HIS C 238 18.82 3.51 -17.45
CA HIS C 238 18.65 2.92 -18.77
C HIS C 238 17.61 1.83 -18.67
N VAL C 239 16.94 1.56 -19.79
CA VAL C 239 15.91 0.56 -19.88
C VAL C 239 16.30 -0.44 -20.96
N VAL C 240 16.06 -1.73 -20.71
CA VAL C 240 16.21 -2.76 -21.72
C VAL C 240 14.89 -3.52 -21.84
N CYS C 241 14.48 -3.77 -23.08
CA CYS C 241 13.19 -4.37 -23.41
C CYS C 241 13.40 -5.47 -24.43
N TYR C 242 12.90 -6.67 -24.11
CA TYR C 242 13.07 -7.81 -25.00
C TYR C 242 11.92 -8.81 -24.85
N LEU C 243 11.68 -9.62 -25.89
CA LEU C 243 10.55 -10.58 -25.87
C LEU C 243 11.01 -11.99 -25.55
N LEU C 244 10.37 -12.66 -24.60
CA LEU C 244 10.73 -14.07 -24.27
C LEU C 244 9.64 -15.00 -24.81
N LYS C 245 10.03 -16.10 -25.45
CA LYS C 245 9.04 -17.02 -26.06
C LYS C 245 8.43 -17.92 -24.97
N GLY C 246 8.85 -17.73 -23.71
CA GLY C 246 8.36 -18.57 -22.61
C GLY C 246 6.84 -18.55 -22.53
N GLY C 247 6.24 -17.35 -22.53
CA GLY C 247 4.77 -17.23 -22.49
C GLY C 247 4.30 -15.86 -22.94
N GLY C 248 4.61 -15.46 -24.17
CA GLY C 248 4.23 -14.12 -24.66
C GLY C 248 4.44 -13.06 -23.59
N LEU C 249 5.63 -13.05 -22.98
CA LEU C 249 5.93 -12.08 -21.91
C LEU C 249 7.03 -11.13 -22.38
N TYR C 250 6.78 -9.83 -22.33
CA TYR C 250 7.78 -8.83 -22.74
C TYR C 250 8.47 -8.32 -21.48
N ASN C 251 9.79 -8.38 -21.45
CA ASN C 251 10.55 -7.97 -20.27
C ASN C 251 11.02 -6.53 -20.44
N ILE C 252 10.85 -5.74 -19.36
CA ILE C 252 11.30 -4.35 -19.30
C ILE C 252 12.07 -4.18 -18.00
N VAL C 253 13.39 -3.98 -18.10
CA VAL C 253 14.25 -3.84 -16.93
C VAL C 253 14.81 -2.42 -16.92
N LEU C 254 14.61 -1.74 -15.79
CA LEU C 254 15.11 -0.39 -15.59
C LEU C 254 16.23 -0.41 -14.57
N ALA C 255 17.33 0.27 -14.87
CA ALA C 255 18.39 0.50 -13.90
C ALA C 255 18.44 1.99 -13.60
N CYS C 256 18.26 2.35 -12.33
CA CYS C 256 18.33 3.77 -11.97
C CYS C 256 19.06 3.92 -10.65
N PRO C 257 19.39 5.16 -10.25
CA PRO C 257 20.07 5.33 -8.95
C PRO C 257 19.14 5.00 -7.78
N ASP C 258 19.75 4.51 -6.68
CA ASP C 258 19.00 4.15 -5.47
C ASP C 258 18.72 5.40 -4.63
N ASP C 259 17.83 6.23 -5.14
CA ASP C 259 17.50 7.49 -4.42
C ASP C 259 16.37 7.18 -3.44
N LEU C 260 16.08 5.90 -3.21
CA LEU C 260 14.92 5.53 -2.35
C LEU C 260 15.37 5.46 -0.90
N PRO C 261 14.74 6.23 0.01
CA PRO C 261 15.07 6.19 1.42
C PRO C 261 14.79 4.77 1.93
N GLU C 262 13.64 4.21 1.56
CA GLU C 262 13.31 2.82 1.97
C GLU C 262 12.74 2.07 0.76
N LEU C 263 12.77 0.75 0.79
CA LEU C 263 12.32 -0.04 -0.38
C LEU C 263 10.95 -0.63 -0.10
N VAL C 264 9.90 -0.10 -0.72
CA VAL C 264 8.52 -0.65 -0.54
C VAL C 264 8.26 -1.69 -1.61
N ASN C 265 8.44 -2.97 -1.28
CA ASN C 265 8.30 -4.05 -2.30
C ASN C 265 6.83 -4.27 -2.62
N THR C 266 6.09 -3.18 -2.89
CA THR C 266 4.66 -3.29 -3.27
C THR C 266 4.48 -2.80 -4.71
N ALA C 267 3.65 -3.48 -5.48
CA ALA C 267 3.38 -3.07 -6.87
C ALA C 267 2.90 -1.64 -6.88
N LYS C 268 1.96 -1.28 -5.99
CA LYS C 268 1.58 0.14 -6.03
C LYS C 268 2.80 1.05 -6.05
N ALA C 269 3.73 0.83 -5.12
CA ALA C 269 4.91 1.69 -5.03
C ALA C 269 5.81 1.48 -6.25
N ASP C 270 6.11 0.22 -6.56
CA ASP C 270 6.88 -0.07 -7.77
C ASP C 270 6.39 0.72 -8.97
N LEU C 271 5.09 0.67 -9.26
CA LEU C 271 4.55 1.34 -10.44
C LEU C 271 4.69 2.86 -10.33
N LYS C 272 4.50 3.42 -9.13
CA LYS C 272 4.66 4.86 -8.95
C LYS C 272 6.07 5.32 -9.26
N GLU C 273 7.07 4.67 -8.66
CA GLU C 273 8.45 5.06 -8.89
C GLU C 273 8.84 4.87 -10.34
N MET C 274 8.30 3.85 -11.01
CA MET C 274 8.65 3.69 -12.42
C MET C 274 8.00 4.77 -13.27
N ARG C 275 6.73 5.08 -13.00
CA ARG C 275 6.08 6.20 -13.68
C ARG C 275 6.87 7.48 -13.52
N GLU C 276 7.31 7.76 -12.29
CA GLU C 276 8.11 8.96 -12.05
C GLU C 276 9.41 8.93 -12.86
N ARG C 277 10.09 7.79 -12.88
CA ARG C 277 11.35 7.71 -13.62
C ARG C 277 11.14 7.94 -15.11
N PHE C 278 10.02 7.46 -15.66
CA PHE C 278 9.78 7.62 -17.09
C PHE C 278 9.20 8.99 -17.45
N GLU C 279 9.26 9.98 -16.56
CA GLU C 279 8.83 11.33 -16.92
C GLU C 279 9.85 11.93 -17.89
N GLY C 280 9.37 12.42 -19.03
CA GLY C 280 10.26 12.88 -20.05
C GLY C 280 10.87 11.79 -20.89
N TRP C 281 10.51 10.53 -20.63
CA TRP C 281 10.99 9.41 -21.44
C TRP C 281 9.98 9.14 -22.57
N ASP C 282 10.33 8.22 -23.48
CA ASP C 282 9.47 7.93 -24.63
C ASP C 282 8.04 7.66 -24.14
N PRO C 283 7.01 8.13 -24.86
CA PRO C 283 5.63 7.82 -24.45
C PRO C 283 5.35 6.33 -24.38
N ARG C 284 5.92 5.57 -25.31
CA ARG C 284 5.69 4.13 -25.32
C ARG C 284 6.11 3.48 -24.01
N LEU C 285 7.10 4.03 -23.30
CA LEU C 285 7.55 3.43 -22.06
C LEU C 285 6.56 3.61 -20.91
N THR C 286 5.73 4.64 -20.91
CA THR C 286 4.68 4.71 -19.89
C THR C 286 3.43 3.97 -20.36
N LEU C 287 3.14 4.00 -21.67
CA LEU C 287 2.06 3.16 -22.17
C LEU C 287 2.32 1.70 -21.84
N LEU C 288 3.57 1.24 -21.94
CA LEU C 288 3.88 -0.12 -21.52
C LEU C 288 3.56 -0.33 -20.05
N LEU C 289 3.80 0.69 -19.24
CA LEU C 289 3.56 0.59 -17.80
C LEU C 289 2.10 0.37 -17.50
N SER C 290 1.22 0.95 -18.30
CA SER C 290 -0.20 0.69 -18.10
C SER C 290 -0.54 -0.80 -18.23
N LEU C 291 0.30 -1.58 -18.92
CA LEU C 291 -0.01 -2.98 -19.25
C LEU C 291 0.71 -3.99 -18.35
N VAL C 292 1.20 -3.55 -17.19
CA VAL C 292 2.00 -4.42 -16.34
C VAL C 292 1.22 -5.65 -15.86
N GLN C 293 1.95 -6.73 -15.59
CA GLN C 293 1.44 -7.93 -14.92
C GLN C 293 2.02 -8.06 -13.52
N GLU C 294 3.35 -8.08 -13.41
CA GLU C 294 4.05 -8.20 -12.13
C GLU C 294 5.21 -7.20 -12.07
N THR C 295 5.56 -6.77 -10.84
CA THR C 295 6.74 -5.96 -10.57
C THR C 295 7.67 -6.64 -9.56
N SER C 296 8.96 -6.49 -9.79
CA SER C 296 10.01 -6.87 -8.86
C SER C 296 11.12 -5.84 -8.98
N LYS C 297 11.69 -5.45 -7.83
CA LYS C 297 12.86 -4.58 -7.82
C LYS C 297 13.90 -5.12 -6.86
N TRP C 298 15.15 -5.03 -7.31
CA TRP C 298 16.34 -5.54 -6.63
C TRP C 298 17.25 -4.36 -6.32
N ARG C 299 18.19 -4.60 -5.42
CA ARG C 299 19.36 -3.76 -5.23
C ARG C 299 20.55 -4.44 -5.88
N LEU C 300 21.10 -3.82 -6.92
CA LEU C 300 22.17 -4.45 -7.66
C LEU C 300 23.40 -4.64 -6.77
N GLN C 301 24.21 -5.64 -7.12
CA GLN C 301 25.46 -5.93 -6.41
C GLN C 301 26.50 -6.42 -7.40
N ASN C 302 27.77 -6.32 -7.00
CA ASN C 302 28.88 -6.92 -7.74
C ASN C 302 30.01 -7.19 -6.75
N SER C 303 31.00 -7.95 -7.20
CA SER C 303 32.15 -8.31 -6.38
C SER C 303 33.43 -7.96 -7.13
N GLU C 304 34.43 -7.45 -6.41
CA GLU C 304 35.65 -6.99 -7.06
C GLU C 304 36.52 -8.17 -7.45
N GLU C 305 37.35 -7.96 -8.48
CA GLU C 305 38.22 -9.00 -8.99
C GLU C 305 39.21 -9.42 -7.91
N MET C 306 39.70 -10.66 -8.04
CA MET C 306 40.50 -11.29 -7.00
C MET C 306 41.88 -11.59 -7.55
N ASP C 307 42.90 -11.33 -6.74
CA ASP C 307 44.26 -11.60 -7.14
C ASP C 307 44.46 -13.06 -7.54
N LYS C 308 43.95 -14.00 -6.71
CA LYS C 308 44.11 -15.41 -7.01
C LYS C 308 42.77 -16.14 -6.91
N TRP C 309 42.60 -17.11 -7.81
CA TRP C 309 41.50 -18.08 -7.76
C TRP C 309 41.98 -19.48 -7.37
N SER C 310 43.23 -19.83 -7.69
CA SER C 310 43.86 -21.08 -7.26
C SER C 310 44.25 -20.98 -5.80
N HIS C 311 44.06 -22.09 -5.08
CA HIS C 311 44.67 -22.26 -3.76
C HIS C 311 46.07 -22.84 -3.93
N GLU C 312 46.98 -22.47 -3.00
CA GLU C 312 48.36 -22.94 -3.09
C GLU C 312 48.45 -24.46 -3.08
N SER C 313 47.42 -25.14 -2.57
CA SER C 313 47.40 -26.60 -2.50
C SER C 313 47.23 -27.24 -3.88
N GLY C 314 46.87 -26.46 -4.90
CA GLY C 314 46.61 -27.01 -6.21
C GLY C 314 45.50 -28.03 -6.24
N LYS C 315 44.49 -27.90 -5.37
CA LYS C 315 43.38 -28.84 -5.31
C LYS C 315 42.02 -28.15 -5.20
N PHE C 316 41.97 -26.84 -5.46
CA PHE C 316 40.74 -26.06 -5.37
C PHE C 316 40.82 -24.86 -6.30
N VAL C 317 39.69 -24.51 -6.94
CA VAL C 317 39.64 -23.32 -7.80
C VAL C 317 38.21 -22.80 -7.91
N LEU C 318 38.08 -21.49 -8.04
CA LEU C 318 36.77 -20.88 -8.18
C LEU C 318 36.41 -20.71 -9.66
N MET C 319 35.15 -20.39 -9.90
CA MET C 319 34.66 -20.13 -11.25
C MET C 319 33.47 -19.19 -11.16
N GLY C 320 33.10 -18.61 -12.31
CA GLY C 320 31.93 -17.77 -12.48
C GLY C 320 31.88 -16.55 -11.59
N ASP C 321 30.65 -16.05 -11.36
CA ASP C 321 30.41 -14.87 -10.52
C ASP C 321 31.06 -14.95 -9.14
N ALA C 322 31.50 -16.11 -8.69
CA ALA C 322 32.23 -16.18 -7.43
C ALA C 322 33.54 -15.40 -7.50
N CYS C 323 34.21 -15.41 -8.65
CA CYS C 323 35.50 -14.71 -8.75
C CYS C 323 35.51 -13.52 -9.72
N HIS C 324 34.62 -13.50 -10.71
CA HIS C 324 34.56 -12.45 -11.71
C HIS C 324 33.12 -11.99 -11.87
N ALA C 325 32.48 -11.63 -10.75
CA ALA C 325 31.11 -11.14 -10.83
C ALA C 325 31.08 -9.81 -11.61
N THR C 326 30.16 -9.72 -12.55
CA THR C 326 30.14 -8.64 -13.52
C THR C 326 28.89 -7.78 -13.33
N LEU C 327 29.02 -6.50 -13.65
CA LEU C 327 27.85 -5.64 -13.82
C LEU C 327 27.01 -6.14 -14.99
N PRO C 328 25.66 -5.99 -14.93
CA PRO C 328 24.81 -6.65 -15.93
C PRO C 328 24.73 -5.95 -17.29
N TYR C 329 25.62 -5.01 -17.57
CA TYR C 329 25.39 -4.11 -18.70
C TYR C 329 25.76 -4.73 -20.05
N LEU C 330 26.79 -5.60 -20.09
CA LEU C 330 27.19 -6.20 -21.36
C LEU C 330 26.45 -7.49 -21.70
N ALA C 331 25.77 -8.11 -20.75
CA ALA C 331 25.06 -9.37 -20.99
C ALA C 331 26.05 -10.49 -21.35
N GLN C 332 26.97 -10.79 -20.40
CA GLN C 332 27.96 -11.84 -20.56
C GLN C 332 28.25 -12.62 -19.28
N GLY C 333 27.42 -12.49 -18.24
CA GLY C 333 27.72 -13.19 -17.00
C GLY C 333 27.54 -14.68 -17.13
N ALA C 334 26.34 -15.10 -17.54
CA ALA C 334 26.11 -16.49 -17.89
C ALA C 334 27.06 -16.92 -19.00
N ALA C 335 27.25 -16.05 -19.99
CA ALA C 335 28.17 -16.35 -21.08
C ALA C 335 29.53 -16.77 -20.53
N ILE C 336 30.16 -15.92 -19.72
CA ILE C 336 31.52 -16.24 -19.31
C ILE C 336 31.55 -17.34 -18.27
N ALA C 337 30.47 -17.52 -17.50
CA ALA C 337 30.37 -18.72 -16.67
C ALA C 337 30.46 -19.97 -17.53
N VAL C 338 29.65 -20.03 -18.58
CA VAL C 338 29.67 -21.14 -19.51
C VAL C 338 31.06 -21.30 -20.12
N GLU C 339 31.67 -20.20 -20.52
CA GLU C 339 33.04 -20.30 -21.01
C GLU C 339 33.93 -20.94 -19.98
N ASP C 340 33.72 -20.59 -18.70
CA ASP C 340 34.53 -21.13 -17.62
C ASP C 340 34.44 -22.65 -17.61
N GLY C 341 33.21 -23.16 -17.46
CA GLY C 341 33.00 -24.59 -17.56
C GLY C 341 33.67 -25.19 -18.78
N ALA C 342 33.55 -24.52 -19.92
CA ALA C 342 34.08 -25.07 -21.15
C ALA C 342 35.60 -25.20 -21.09
N ALA C 343 36.28 -24.22 -20.50
CA ALA C 343 37.73 -24.25 -20.47
C ALA C 343 38.23 -25.26 -19.43
N LEU C 344 37.51 -25.37 -18.30
CA LEU C 344 37.77 -26.45 -17.34
C LEU C 344 37.73 -27.80 -18.05
N GLY C 345 36.62 -28.09 -18.73
CA GLY C 345 36.49 -29.34 -19.43
C GLY C 345 37.64 -29.56 -20.38
N THR C 346 37.81 -28.65 -21.35
CA THR C 346 38.87 -28.77 -22.34
C THR C 346 40.20 -29.09 -21.68
N LEU C 347 40.48 -28.50 -20.51
CA LEU C 347 41.78 -28.71 -19.87
C LEU C 347 41.85 -30.06 -19.17
N PHE C 348 40.80 -30.43 -18.43
CA PHE C 348 40.73 -31.74 -17.79
C PHE C 348 40.80 -32.87 -18.80
N ALA C 349 40.43 -32.60 -20.04
CA ALA C 349 40.61 -33.61 -21.07
C ALA C 349 42.07 -33.95 -21.25
N HIS C 350 42.97 -33.04 -20.91
CA HIS C 350 44.41 -33.32 -20.96
C HIS C 350 44.95 -33.78 -19.62
N ALA C 351 44.12 -33.85 -18.59
CA ALA C 351 44.56 -34.28 -17.26
C ALA C 351 44.39 -35.79 -17.16
N THR C 352 45.33 -36.50 -17.79
CA THR C 352 45.28 -37.95 -17.80
C THR C 352 46.00 -38.58 -16.60
N HIS C 353 46.57 -37.77 -15.70
CA HIS C 353 47.42 -38.20 -14.57
C HIS C 353 47.20 -37.26 -13.39
N PRO C 354 47.24 -37.73 -12.14
CA PRO C 354 46.89 -36.83 -11.02
C PRO C 354 47.89 -35.71 -10.79
N SER C 355 49.16 -35.88 -11.20
CA SER C 355 50.13 -34.80 -11.08
C SER C 355 49.87 -33.65 -12.03
N LEU C 356 49.10 -33.88 -13.11
CA LEU C 356 48.80 -32.80 -14.06
C LEU C 356 47.70 -31.86 -13.55
N VAL C 357 46.86 -32.30 -12.58
CA VAL C 357 45.69 -31.48 -12.22
C VAL C 357 46.03 -30.13 -11.68
N PRO C 358 46.97 -29.98 -10.73
CA PRO C 358 47.32 -28.63 -10.24
C PRO C 358 47.59 -27.62 -11.36
N ASP C 359 48.42 -28.01 -12.33
CA ASP C 359 48.78 -27.12 -13.42
C ASP C 359 47.57 -26.84 -14.27
N VAL C 360 46.66 -27.86 -14.37
CA VAL C 360 45.36 -27.69 -15.02
C VAL C 360 44.64 -26.52 -14.37
N LEU C 361 44.52 -26.47 -13.02
CA LEU C 361 43.81 -25.32 -12.40
C LEU C 361 44.55 -24.00 -12.65
N THR C 362 45.88 -24.06 -12.63
CA THR C 362 46.66 -22.86 -12.90
C THR C 362 46.37 -22.29 -14.28
N ILE C 363 46.38 -23.15 -15.29
CA ILE C 363 46.15 -22.69 -16.65
C ILE C 363 44.75 -22.13 -16.77
N TYR C 364 43.77 -22.87 -16.25
CA TYR C 364 42.42 -22.33 -16.24
C TYR C 364 42.39 -20.92 -15.68
N GLU C 365 43.03 -20.73 -14.52
CA GLU C 365 43.00 -19.42 -13.87
C GLU C 365 43.57 -18.35 -14.80
N GLN C 366 44.77 -18.57 -15.32
CA GLN C 366 45.38 -17.55 -16.16
C GLN C 366 44.45 -17.16 -17.31
N ILE C 367 44.03 -18.15 -18.11
CA ILE C 367 43.35 -17.86 -19.38
C ILE C 367 41.93 -17.39 -19.15
N ARG C 368 41.30 -17.75 -18.02
CA ARG C 368 39.97 -17.22 -17.73
C ARG C 368 40.02 -15.87 -17.06
N LYS C 369 41.07 -15.58 -16.29
CA LYS C 369 41.20 -14.28 -15.64
C LYS C 369 41.45 -13.18 -16.66
N SER C 370 42.39 -13.42 -17.58
CA SER C 370 42.62 -12.47 -18.67
C SER C 370 41.31 -12.07 -19.35
N ARG C 371 40.55 -13.06 -19.79
CA ARG C 371 39.28 -12.79 -20.45
C ARG C 371 38.28 -12.06 -19.55
N THR C 372 38.07 -12.56 -18.32
CA THR C 372 36.99 -12.04 -17.50
C THR C 372 37.26 -10.59 -17.07
N THR C 373 38.54 -10.20 -16.93
CA THR C 373 38.82 -8.82 -16.51
C THR C 373 38.52 -7.85 -17.63
N ARG C 374 38.78 -8.23 -18.88
CA ARG C 374 38.43 -7.37 -20.00
C ARG C 374 36.92 -7.33 -20.19
N VAL C 375 36.21 -8.42 -19.90
CA VAL C 375 34.76 -8.34 -19.97
C VAL C 375 34.23 -7.38 -18.92
N VAL C 376 34.87 -7.37 -17.75
CA VAL C 376 34.44 -6.49 -16.66
C VAL C 376 34.73 -5.03 -17.00
N ARG C 377 35.90 -4.78 -17.59
CA ARG C 377 36.21 -3.45 -18.11
C ARG C 377 35.14 -2.98 -19.07
N GLY C 378 34.88 -3.77 -20.11
CA GLY C 378 33.83 -3.40 -21.06
C GLY C 378 32.50 -3.12 -20.38
N SER C 379 32.15 -3.93 -19.36
CA SER C 379 30.87 -3.71 -18.69
C SER C 379 30.83 -2.34 -18.06
N THR C 380 31.91 -1.94 -17.38
CA THR C 380 31.93 -0.62 -16.79
C THR C 380 31.87 0.48 -17.86
N LYS C 381 32.55 0.29 -19.00
CA LYS C 381 32.49 1.30 -20.06
C LYS C 381 31.06 1.46 -20.58
N GLN C 382 30.35 0.33 -20.75
CA GLN C 382 28.95 0.39 -21.15
C GLN C 382 28.10 1.12 -20.11
N ARG C 383 28.36 0.86 -18.83
CA ARG C 383 27.73 1.62 -17.76
C ARG C 383 27.87 3.12 -18.00
N ASP C 384 29.12 3.60 -18.10
CA ASP C 384 29.39 5.04 -18.29
C ASP C 384 28.70 5.58 -19.54
N ILE C 385 28.65 4.78 -20.61
CA ILE C 385 28.01 5.22 -21.85
C ILE C 385 26.52 5.39 -21.63
N PHE C 386 25.84 4.31 -21.24
CA PHE C 386 24.38 4.29 -21.18
C PHE C 386 23.84 5.41 -20.31
N HIS C 387 24.56 5.77 -19.26
CA HIS C 387 23.98 6.55 -18.18
C HIS C 387 24.26 8.04 -18.25
N MET C 388 24.86 8.55 -19.33
CA MET C 388 25.21 9.97 -19.38
C MET C 388 23.98 10.84 -19.20
N PRO C 389 23.99 11.77 -18.25
CA PRO C 389 22.93 12.77 -18.20
C PRO C 389 23.03 13.75 -19.34
N ASP C 390 21.93 14.48 -19.55
CA ASP C 390 21.79 15.36 -20.69
C ASP C 390 22.80 16.50 -20.62
N GLY C 391 23.53 16.73 -21.72
CA GLY C 391 24.51 17.80 -21.73
C GLY C 391 25.56 17.59 -22.78
N PRO C 392 26.61 18.41 -22.78
CA PRO C 392 27.55 18.37 -23.91
C PRO C 392 28.09 16.98 -24.18
N ARG C 393 28.50 16.26 -23.13
CA ARG C 393 29.04 14.91 -23.30
C ARG C 393 28.02 13.99 -23.94
N GLN C 394 26.77 14.05 -23.45
CA GLN C 394 25.70 13.23 -24.01
C GLN C 394 25.45 13.56 -25.48
N ARG C 395 25.43 14.85 -25.83
CA ARG C 395 25.20 15.22 -27.23
C ARG C 395 26.32 14.70 -28.12
N GLU C 396 27.56 14.79 -27.65
CA GLU C 396 28.67 14.25 -28.42
C GLU C 396 28.59 12.73 -28.53
N ARG C 397 28.24 12.05 -27.42
CA ARG C 397 27.95 10.62 -27.43
C ARG C 397 27.03 10.27 -28.58
N ASP C 398 25.86 10.92 -28.60
CA ASP C 398 24.85 10.66 -29.61
C ASP C 398 25.38 10.99 -31.02
N ARG C 399 26.06 12.12 -31.18
CA ARG C 399 26.55 12.48 -32.51
C ARG C 399 27.56 11.47 -33.02
N GLN C 400 28.36 10.88 -32.12
CA GLN C 400 29.34 9.89 -32.58
C GLN C 400 28.64 8.60 -32.93
N LEU C 401 27.68 8.19 -32.10
CA LEU C 401 26.88 7.04 -32.46
C LEU C 401 26.34 7.17 -33.86
N LEU C 402 25.76 8.34 -34.18
CA LEU C 402 25.08 8.50 -35.46
C LEU C 402 26.07 8.64 -36.61
N THR C 403 27.09 9.48 -36.43
CA THR C 403 27.94 9.86 -37.56
C THR C 403 28.77 8.67 -38.04
N TYR C 404 29.38 7.93 -37.12
CA TYR C 404 30.34 6.90 -37.48
C TYR C 404 29.76 5.49 -37.43
N ALA C 405 28.44 5.34 -37.58
CA ALA C 405 27.84 4.00 -37.59
C ALA C 405 28.40 3.13 -38.72
N ASP C 406 28.61 3.71 -39.90
CA ASP C 406 29.08 2.96 -41.07
C ASP C 406 30.56 3.18 -41.33
N ASN C 407 31.24 3.88 -40.44
CA ASN C 407 32.67 4.09 -40.53
C ASN C 407 33.22 3.88 -39.12
N LEU C 408 33.17 2.65 -38.62
CA LEU C 408 33.42 2.41 -37.21
C LEU C 408 34.85 2.78 -36.81
N PHE C 409 35.06 2.93 -35.51
CA PHE C 409 36.37 3.21 -34.93
C PHE C 409 36.39 2.63 -33.53
N GLU C 410 37.60 2.44 -33.01
CA GLU C 410 37.75 1.90 -31.66
C GLU C 410 37.32 2.95 -30.63
N GLY C 411 36.36 2.60 -29.78
CA GLY C 411 35.87 3.50 -28.77
C GLY C 411 34.49 4.08 -29.02
N TYR C 412 33.86 3.66 -30.11
CA TYR C 412 32.48 3.99 -30.43
C TYR C 412 31.56 3.64 -29.25
N PRO C 413 30.62 4.51 -28.89
CA PRO C 413 29.82 4.29 -27.65
C PRO C 413 29.12 2.96 -27.53
N ASN C 414 28.90 2.26 -28.64
CA ASN C 414 28.34 0.89 -28.51
C ASN C 414 29.52 -0.07 -28.43
N GLN C 415 29.80 -0.59 -27.24
CA GLN C 415 30.93 -1.51 -27.06
C GLN C 415 30.65 -2.77 -27.85
N TRP C 416 29.37 -3.09 -28.07
CA TRP C 416 28.97 -4.30 -28.83
C TRP C 416 29.30 -4.11 -30.31
N ALA C 417 29.47 -2.87 -30.75
CA ALA C 417 29.76 -2.58 -32.17
C ALA C 417 31.23 -2.26 -32.34
N ASP C 418 31.92 -1.91 -31.26
CA ASP C 418 33.34 -1.52 -31.39
C ASP C 418 33.95 -2.51 -32.37
N PRO C 419 34.51 -2.04 -33.49
CA PRO C 419 35.03 -2.94 -34.50
C PRO C 419 36.09 -3.91 -33.98
N VAL C 420 36.57 -3.74 -32.74
CA VAL C 420 37.67 -4.59 -32.21
C VAL C 420 37.20 -5.42 -31.03
N PHE C 421 36.34 -4.84 -30.20
CA PHE C 421 35.86 -5.55 -28.98
C PHE C 421 34.71 -6.49 -29.35
N GLN C 422 33.95 -6.12 -30.38
CA GLN C 422 32.80 -6.96 -30.78
C GLN C 422 33.33 -8.32 -31.20
N PRO C 423 34.25 -8.38 -32.18
CA PRO C 423 34.77 -9.65 -32.63
C PRO C 423 35.46 -10.40 -31.49
N TRP C 424 36.31 -9.73 -30.71
CA TRP C 424 36.99 -10.35 -29.58
C TRP C 424 35.96 -11.00 -28.66
N LEU C 425 34.91 -10.26 -28.33
CA LEU C 425 33.90 -10.76 -27.41
C LEU C 425 33.12 -11.93 -28.00
N TYR C 426 32.75 -11.88 -29.29
CA TYR C 426 31.85 -12.91 -29.80
C TYR C 426 32.55 -14.03 -30.56
N GLY C 427 33.79 -13.83 -30.98
CA GLY C 427 34.51 -14.87 -31.68
C GLY C 427 35.41 -15.69 -30.82
N TYR C 428 35.41 -15.42 -29.52
CA TYR C 428 36.20 -16.19 -28.58
C TYR C 428 35.65 -17.62 -28.48
N ASN C 429 36.54 -18.59 -28.57
CA ASN C 429 36.19 -20.00 -28.58
C ASN C 429 36.88 -20.60 -27.37
N ALA C 430 36.14 -20.72 -26.25
CA ALA C 430 36.77 -21.16 -25.00
C ALA C 430 37.60 -22.41 -25.22
N PHE C 431 37.06 -23.36 -25.99
CA PHE C 431 37.77 -24.61 -26.27
C PHE C 431 39.13 -24.34 -26.89
N GLU C 432 39.13 -23.60 -28.01
CA GLU C 432 40.37 -23.47 -28.77
C GLU C 432 41.40 -22.67 -27.98
N GLU C 433 40.95 -21.71 -27.18
CA GLU C 433 41.87 -20.99 -26.30
C GLU C 433 42.44 -21.90 -25.20
N ALA C 434 41.61 -22.79 -24.65
CA ALA C 434 42.15 -23.77 -23.72
C ALA C 434 43.22 -24.64 -24.39
N GLU C 435 42.99 -25.01 -25.65
CA GLU C 435 43.96 -25.84 -26.36
C GLU C 435 45.26 -25.08 -26.59
N LYS C 436 45.15 -23.82 -27.05
CA LYS C 436 46.32 -22.97 -27.21
C LYS C 436 47.12 -22.90 -25.93
N ALA C 437 46.41 -22.81 -24.79
CA ALA C 437 47.06 -22.76 -23.48
C ALA C 437 47.80 -24.05 -23.17
N TRP C 438 47.14 -25.20 -23.33
CA TRP C 438 47.79 -26.48 -23.05
C TRP C 438 49.00 -26.72 -23.93
N GLN C 439 48.95 -26.27 -25.18
CA GLN C 439 50.13 -26.40 -26.04
C GLN C 439 51.25 -25.48 -25.57
N LYS C 440 50.91 -24.26 -25.09
CA LYS C 440 51.92 -23.39 -24.48
C LYS C 440 52.53 -24.03 -23.23
N TYR C 441 51.70 -24.70 -22.44
CA TYR C 441 52.18 -25.40 -21.25
C TYR C 441 53.13 -26.53 -21.62
N LEU C 442 52.83 -27.28 -22.69
CA LEU C 442 53.71 -28.40 -23.04
C LEU C 442 55.03 -27.91 -23.63
N ARG C 443 55.05 -26.69 -24.16
CA ARG C 443 56.34 -26.09 -24.53
C ARG C 443 57.16 -25.74 -23.30
N GLY C 444 56.56 -25.82 -22.11
CA GLY C 444 57.10 -25.29 -20.89
C GLY C 444 57.00 -23.78 -20.73
N HIS C 445 55.92 -23.15 -21.19
CA HIS C 445 55.85 -21.70 -21.33
C HIS C 445 54.70 -21.11 -20.52
N ILE C 446 54.29 -21.78 -19.44
CA ILE C 446 53.20 -21.30 -18.60
C ILE C 446 53.73 -21.12 -17.18
N PHE C 447 53.43 -19.97 -16.61
CA PHE C 447 53.99 -19.53 -15.35
C PHE C 447 53.16 -20.03 -14.18
N GLY C 448 53.83 -20.33 -13.07
CA GLY C 448 53.15 -20.76 -11.87
C GLY C 448 52.76 -22.21 -11.83
N THR C 449 53.28 -23.02 -12.75
CA THR C 449 52.99 -24.43 -12.85
C THR C 449 54.01 -25.21 -12.04
N THR C 450 53.64 -26.44 -11.65
CA THR C 450 54.59 -27.30 -10.95
C THR C 450 55.62 -27.93 -11.88
N GLY C 451 55.34 -28.00 -13.18
CA GLY C 451 56.22 -28.66 -14.12
C GLY C 451 55.94 -30.13 -14.34
N ALA C 452 54.70 -30.58 -14.12
CA ALA C 452 54.41 -32.01 -14.04
C ALA C 452 54.54 -32.71 -15.40
N PHE C 453 54.34 -31.98 -16.50
CA PHE C 453 54.46 -32.59 -17.82
C PHE C 453 55.89 -33.06 -18.13
N ARG C 454 56.91 -32.46 -17.50
CA ARG C 454 58.27 -32.95 -17.67
C ARG C 454 58.42 -34.36 -17.11
N GLU C 455 58.02 -34.55 -15.84
CA GLU C 455 58.17 -35.81 -15.12
C GLU C 455 57.39 -36.96 -15.74
N LEU C 456 56.54 -36.70 -16.73
CA LEU C 456 55.81 -37.75 -17.43
C LEU C 456 56.19 -37.79 -18.91
N GLY C 457 57.32 -37.18 -19.28
CA GLY C 457 57.81 -37.27 -20.64
C GLY C 457 56.91 -36.66 -21.71
N MET C 458 56.41 -35.47 -21.45
CA MET C 458 55.63 -34.72 -22.43
C MET C 458 56.44 -33.51 -22.91
N GLY C 459 55.92 -32.83 -23.93
CA GLY C 459 56.58 -31.67 -24.46
C GLY C 459 57.00 -31.87 -25.91
N THR D 21 -43.08 10.90 -7.81
CA THR D 21 -41.84 10.28 -8.25
C THR D 21 -40.93 9.94 -7.05
N SER D 22 -40.92 8.67 -6.70
CA SER D 22 -40.02 8.21 -5.65
C SER D 22 -38.60 8.21 -6.17
N TYR D 23 -37.63 8.35 -5.25
CA TYR D 23 -36.23 8.25 -5.64
C TYR D 23 -35.98 6.89 -6.22
N GLN D 24 -35.31 6.85 -7.37
CA GLN D 24 -34.88 5.59 -7.98
C GLN D 24 -33.37 5.70 -8.20
N CYS D 25 -32.60 4.91 -7.47
CA CYS D 25 -31.16 4.90 -7.71
C CYS D 25 -30.86 4.12 -8.98
N ARG D 26 -29.94 4.64 -9.78
CA ARG D 26 -29.50 3.95 -10.98
C ARG D 26 -28.27 3.14 -10.63
N VAL D 27 -28.38 1.83 -10.65
CA VAL D 27 -27.30 0.94 -10.24
C VAL D 27 -26.73 0.24 -11.46
N ALA D 28 -25.44 0.46 -11.72
CA ALA D 28 -24.70 -0.25 -12.75
C ALA D 28 -23.90 -1.41 -12.13
N VAL D 29 -24.28 -2.63 -12.47
CA VAL D 29 -23.62 -3.84 -12.03
C VAL D 29 -22.66 -4.28 -13.13
N VAL D 30 -21.38 -4.44 -12.81
CA VAL D 30 -20.40 -4.88 -13.80
C VAL D 30 -20.21 -6.37 -13.62
N GLY D 31 -20.87 -7.17 -14.47
CA GLY D 31 -20.67 -8.64 -14.54
C GLY D 31 -21.98 -9.37 -14.30
N ALA D 32 -22.32 -10.27 -15.23
CA ALA D 32 -23.57 -11.02 -15.15
C ALA D 32 -23.39 -12.39 -14.51
N GLY D 33 -22.41 -12.57 -13.61
CA GLY D 33 -22.30 -13.79 -12.84
C GLY D 33 -23.39 -13.89 -11.78
N LEU D 34 -23.35 -15.00 -11.04
CA LEU D 34 -24.40 -15.31 -10.07
C LEU D 34 -24.59 -14.20 -9.03
N GLY D 35 -23.48 -13.64 -8.53
CA GLY D 35 -23.60 -12.47 -7.67
C GLY D 35 -24.23 -11.28 -8.37
N GLY D 36 -23.76 -10.97 -9.58
CA GLY D 36 -24.27 -9.78 -10.25
C GLY D 36 -25.75 -9.90 -10.43
N LEU D 37 -26.17 -11.03 -10.99
CA LEU D 37 -27.58 -11.29 -11.17
C LEU D 37 -28.37 -11.17 -9.86
N SER D 38 -27.88 -11.79 -8.76
CA SER D 38 -28.65 -11.75 -7.52
C SER D 38 -28.79 -10.32 -7.00
N ALA D 39 -27.70 -9.53 -7.06
CA ALA D 39 -27.81 -8.11 -6.69
C ALA D 39 -28.83 -7.40 -7.57
N ALA D 40 -28.75 -7.64 -8.87
CA ALA D 40 -29.68 -7.06 -9.83
C ALA D 40 -31.12 -7.32 -9.42
N ILE D 41 -31.44 -8.59 -9.17
CA ILE D 41 -32.80 -8.97 -8.82
C ILE D 41 -33.23 -8.28 -7.53
N GLY D 42 -32.41 -8.39 -6.48
CA GLY D 42 -32.80 -7.80 -5.19
C GLY D 42 -33.02 -6.32 -5.29
N ILE D 43 -32.09 -5.60 -5.91
CA ILE D 43 -32.22 -4.17 -6.00
C ILE D 43 -33.39 -3.76 -6.87
N THR D 44 -33.65 -4.52 -7.95
CA THR D 44 -34.81 -4.18 -8.77
C THR D 44 -36.09 -4.36 -7.97
N LEU D 45 -36.27 -5.54 -7.37
CA LEU D 45 -37.39 -5.73 -6.46
C LEU D 45 -37.47 -4.63 -5.41
N ALA D 46 -36.34 -4.04 -4.99
CA ALA D 46 -36.37 -2.96 -4.02
C ALA D 46 -36.89 -1.64 -4.60
N GLY D 47 -36.98 -1.52 -5.92
CA GLY D 47 -37.60 -0.37 -6.55
C GLY D 47 -36.59 0.56 -7.17
N HIS D 48 -35.54 0.01 -7.74
CA HIS D 48 -34.47 0.84 -8.29
C HIS D 48 -34.17 0.33 -9.68
N LYS D 49 -33.37 1.09 -10.43
CA LYS D 49 -33.15 0.78 -11.84
C LYS D 49 -31.76 0.21 -11.99
N VAL D 50 -31.68 -1.06 -12.36
CA VAL D 50 -30.40 -1.74 -12.48
C VAL D 50 -30.09 -1.90 -13.95
N THR D 51 -28.80 -1.82 -14.26
CA THR D 51 -28.26 -2.21 -15.56
C THR D 51 -27.02 -3.03 -15.31
N ILE D 52 -26.87 -4.14 -16.05
CA ILE D 52 -25.72 -5.02 -15.97
C ILE D 52 -24.87 -4.81 -17.23
N LEU D 53 -23.55 -4.64 -17.04
CA LEU D 53 -22.60 -4.59 -18.16
C LEU D 53 -21.61 -5.75 -18.02
N GLU D 54 -21.71 -6.72 -18.94
CA GLU D 54 -20.88 -7.91 -19.00
C GLU D 54 -19.94 -7.82 -20.20
N GLN D 55 -18.67 -8.21 -20.01
CA GLN D 55 -17.71 -8.11 -21.12
C GLN D 55 -17.99 -9.13 -22.21
N ALA D 56 -18.73 -10.17 -21.91
CA ALA D 56 -18.91 -11.29 -22.81
C ALA D 56 -19.96 -10.99 -23.86
N PRO D 57 -19.79 -11.46 -25.12
CA PRO D 57 -20.72 -11.11 -26.17
C PRO D 57 -22.05 -11.87 -26.01
N GLN D 58 -22.01 -13.04 -25.40
CA GLN D 58 -23.23 -13.86 -25.15
C GLN D 58 -23.18 -14.37 -23.72
N LEU D 59 -24.28 -14.20 -22.99
CA LEU D 59 -24.35 -14.73 -21.60
C LEU D 59 -24.19 -16.24 -21.70
N GLY D 60 -23.81 -16.90 -20.61
CA GLY D 60 -23.56 -18.34 -20.70
C GLY D 60 -22.46 -18.79 -19.78
N GLU D 61 -22.81 -19.15 -18.56
CA GLU D 61 -21.78 -19.70 -17.64
C GLU D 61 -21.86 -21.22 -17.73
N VAL D 62 -20.76 -21.86 -18.10
CA VAL D 62 -20.69 -23.34 -18.21
C VAL D 62 -19.73 -23.81 -17.13
N GLY D 63 -20.00 -24.97 -16.56
CA GLY D 63 -19.15 -25.47 -15.46
C GLY D 63 -19.78 -26.68 -14.83
N ALA D 64 -19.32 -27.05 -13.65
CA ALA D 64 -19.83 -28.30 -13.06
C ALA D 64 -21.14 -28.03 -12.33
N GLY D 65 -21.24 -28.52 -11.11
CA GLY D 65 -22.49 -28.39 -10.36
C GLY D 65 -22.35 -27.41 -9.23
N ILE D 66 -23.41 -26.67 -8.96
CA ILE D 66 -23.42 -25.72 -7.81
C ILE D 66 -24.38 -26.29 -6.79
N GLN D 67 -24.09 -26.11 -5.51
CA GLN D 67 -24.99 -26.58 -4.47
C GLN D 67 -25.76 -25.40 -3.92
N ILE D 68 -27.07 -25.53 -3.79
CA ILE D 68 -27.90 -24.48 -3.22
C ILE D 68 -28.38 -24.94 -1.85
N PRO D 69 -27.64 -24.63 -0.78
CA PRO D 69 -28.07 -25.00 0.56
C PRO D 69 -29.17 -24.08 1.05
N PRO D 70 -29.70 -24.34 2.24
CA PRO D 70 -30.84 -23.54 2.71
C PRO D 70 -30.55 -22.04 2.80
N ASN D 71 -29.33 -21.62 3.12
CA ASN D 71 -29.05 -20.17 3.22
C ASN D 71 -29.17 -19.48 1.86
N SER D 72 -28.87 -20.21 0.80
CA SER D 72 -29.15 -19.75 -0.54
C SER D 72 -30.62 -19.99 -0.93
N SER D 73 -31.16 -21.19 -0.68
CA SER D 73 -32.45 -21.51 -1.28
C SER D 73 -33.55 -20.67 -0.64
N ARG D 74 -33.45 -20.40 0.66
CA ARG D 74 -34.36 -19.44 1.32
C ARG D 74 -34.55 -18.18 0.48
N ILE D 75 -33.43 -17.59 0.04
CA ILE D 75 -33.42 -16.35 -0.73
C ILE D 75 -34.03 -16.56 -2.12
N LEU D 76 -33.57 -17.58 -2.83
CA LEU D 76 -34.15 -17.88 -4.14
C LEU D 76 -35.64 -18.19 -4.07
N ARG D 77 -36.10 -18.78 -2.97
CA ARG D 77 -37.52 -19.05 -2.80
C ARG D 77 -38.27 -17.75 -2.69
N GLN D 78 -37.78 -16.83 -1.86
CA GLN D 78 -38.44 -15.54 -1.70
C GLN D 78 -38.60 -14.79 -3.00
N TRP D 79 -37.77 -15.08 -4.00
CA TRP D 79 -37.87 -14.46 -5.30
C TRP D 79 -38.70 -15.30 -6.28
N GLY D 80 -39.37 -16.35 -5.80
CA GLY D 80 -40.22 -17.15 -6.67
C GLY D 80 -39.46 -17.96 -7.68
N LEU D 81 -38.34 -18.54 -7.28
CA LEU D 81 -37.52 -19.31 -8.18
C LEU D 81 -37.46 -20.80 -7.82
N LEU D 82 -38.07 -21.22 -6.71
CA LEU D 82 -37.95 -22.62 -6.29
C LEU D 82 -38.46 -23.59 -7.34
N PRO D 83 -39.66 -23.41 -7.90
CA PRO D 83 -40.09 -24.27 -9.01
C PRO D 83 -39.04 -24.44 -10.09
N ALA D 84 -38.55 -23.33 -10.61
CA ALA D 84 -37.54 -23.38 -11.66
C ALA D 84 -36.36 -24.24 -11.24
N LEU D 85 -35.87 -24.04 -10.01
CA LEU D 85 -34.67 -24.73 -9.53
C LEU D 85 -34.91 -26.22 -9.33
N GLU D 86 -36.08 -26.58 -8.79
CA GLU D 86 -36.40 -27.99 -8.56
C GLU D 86 -36.49 -28.74 -9.88
N GLU D 87 -37.17 -28.18 -10.88
CA GLU D 87 -37.26 -28.90 -12.16
C GLU D 87 -35.92 -29.46 -12.62
N VAL D 88 -34.82 -28.77 -12.36
CA VAL D 88 -33.53 -29.09 -12.96
C VAL D 88 -32.50 -29.50 -11.94
N SER D 89 -32.90 -29.75 -10.71
CA SER D 89 -31.94 -30.09 -9.68
C SER D 89 -32.32 -31.42 -9.02
N VAL D 90 -31.29 -32.02 -8.44
CA VAL D 90 -31.42 -33.25 -7.67
C VAL D 90 -31.36 -32.87 -6.20
N ARG D 91 -32.11 -33.58 -5.38
CA ARG D 91 -32.08 -33.32 -3.96
C ARG D 91 -31.27 -34.43 -3.35
N PRO D 92 -29.98 -34.24 -3.11
CA PRO D 92 -29.20 -35.32 -2.53
C PRO D 92 -29.76 -35.65 -1.15
N LEU D 93 -29.75 -36.95 -0.84
CA LEU D 93 -30.27 -37.45 0.42
C LEU D 93 -29.34 -37.10 1.59
N ASP D 94 -28.05 -37.37 1.42
CA ASP D 94 -27.08 -37.24 2.48
C ASP D 94 -25.79 -36.61 1.94
N SER D 95 -25.04 -35.98 2.82
CA SER D 95 -23.69 -35.55 2.54
C SER D 95 -22.77 -36.44 3.36
N VAL D 96 -21.87 -37.16 2.68
CA VAL D 96 -21.08 -38.22 3.31
C VAL D 96 -19.59 -37.97 3.10
N LEU D 97 -18.81 -38.14 4.18
CA LEU D 97 -17.36 -38.14 4.12
C LEU D 97 -16.88 -39.56 4.31
N ARG D 98 -15.94 -39.97 3.46
CA ARG D 98 -15.41 -41.30 3.41
C ARG D 98 -13.89 -41.25 3.37
N SER D 99 -13.29 -42.39 3.66
CA SER D 99 -11.84 -42.56 3.58
C SER D 99 -11.45 -42.91 2.14
N TYR D 100 -10.25 -42.49 1.73
CA TYR D 100 -9.86 -42.70 0.33
C TYR D 100 -9.51 -44.16 0.06
N ARG D 101 -9.02 -44.88 1.09
CA ARG D 101 -8.45 -46.21 0.84
C ARG D 101 -9.53 -47.22 0.50
N ASP D 102 -10.58 -47.27 1.31
CA ASP D 102 -11.64 -48.25 1.14
C ASP D 102 -13.02 -47.65 0.91
N GLY D 103 -13.17 -46.32 0.95
CA GLY D 103 -14.49 -45.76 0.91
C GLY D 103 -15.29 -45.92 2.18
N LYS D 104 -14.65 -46.25 3.28
CA LYS D 104 -15.34 -46.39 4.55
C LYS D 104 -15.97 -45.05 4.95
N VAL D 105 -17.31 -44.96 4.88
CA VAL D 105 -18.05 -43.85 5.49
C VAL D 105 -17.48 -43.50 6.87
N LEU D 106 -17.10 -42.22 7.08
CA LEU D 106 -16.70 -41.67 8.37
C LEU D 106 -17.69 -40.66 8.93
N SER D 107 -18.32 -39.86 8.09
CA SER D 107 -19.35 -38.98 8.62
C SER D 107 -20.54 -38.90 7.67
N ARG D 108 -21.75 -38.92 8.23
CA ARG D 108 -22.94 -38.79 7.41
C ARG D 108 -23.79 -37.68 8.00
N ILE D 109 -24.18 -36.73 7.15
CA ILE D 109 -25.09 -35.64 7.50
C ILE D 109 -26.34 -35.88 6.68
N ASN D 110 -27.48 -35.99 7.34
CA ASN D 110 -28.69 -36.21 6.60
C ASN D 110 -29.22 -34.88 6.10
N LEU D 111 -29.49 -34.80 4.79
CA LEU D 111 -30.07 -33.61 4.15
C LEU D 111 -31.56 -33.73 3.89
N VAL D 112 -32.03 -34.89 3.47
CA VAL D 112 -33.45 -35.12 3.31
C VAL D 112 -33.87 -36.16 4.35
N PRO D 113 -34.75 -35.83 5.30
CA PRO D 113 -35.47 -34.54 5.40
C PRO D 113 -34.82 -33.53 6.33
N GLY D 114 -33.57 -33.81 6.74
CA GLY D 114 -33.03 -33.16 7.91
C GLY D 114 -32.96 -31.66 7.77
N TYR D 115 -32.28 -31.19 6.73
CA TYR D 115 -32.07 -29.76 6.56
C TYR D 115 -33.38 -29.03 6.28
N GLU D 116 -34.29 -29.64 5.50
CA GLU D 116 -35.57 -28.97 5.29
C GLU D 116 -36.30 -28.79 6.63
N GLU D 117 -36.10 -29.70 7.58
CA GLU D 117 -36.87 -29.64 8.83
C GLU D 117 -36.22 -28.72 9.82
N ARG D 118 -34.89 -28.66 9.79
CA ARG D 118 -34.12 -27.84 10.71
C ARG D 118 -33.93 -26.41 10.22
N PHE D 119 -33.95 -26.19 8.90
CA PHE D 119 -33.65 -24.87 8.34
C PHE D 119 -34.67 -24.39 7.32
N GLY D 120 -35.84 -25.01 7.28
CA GLY D 120 -36.94 -24.60 6.43
C GLY D 120 -36.63 -24.31 4.98
N ALA D 121 -35.70 -25.05 4.39
CA ALA D 121 -35.37 -24.77 3.00
C ALA D 121 -34.68 -25.98 2.40
N PRO D 122 -34.88 -26.24 1.12
CA PRO D 122 -34.32 -27.43 0.51
C PRO D 122 -32.86 -27.21 0.18
N TYR D 123 -32.24 -28.27 -0.31
CA TYR D 123 -30.81 -28.37 -0.51
C TYR D 123 -30.62 -29.01 -1.88
N TYR D 124 -30.32 -28.20 -2.89
CA TYR D 124 -30.36 -28.60 -4.28
C TYR D 124 -28.96 -28.75 -4.84
N HIS D 125 -28.81 -29.59 -5.86
CA HIS D 125 -27.57 -29.68 -6.62
C HIS D 125 -27.98 -29.49 -8.08
N ILE D 126 -27.45 -28.43 -8.71
CA ILE D 126 -27.91 -27.96 -10.01
C ILE D 126 -26.67 -27.76 -10.86
N HIS D 127 -26.84 -27.80 -12.18
CA HIS D 127 -25.70 -27.59 -13.08
C HIS D 127 -25.53 -26.09 -13.28
N ARG D 128 -24.28 -25.62 -13.37
CA ARG D 128 -24.08 -24.17 -13.30
C ARG D 128 -24.88 -23.47 -14.38
N ALA D 129 -24.89 -24.01 -15.60
CA ALA D 129 -25.56 -23.36 -16.70
C ALA D 129 -27.04 -23.11 -16.40
N ASP D 130 -27.74 -24.11 -15.85
CA ASP D 130 -29.17 -24.01 -15.56
C ASP D 130 -29.45 -23.01 -14.45
N PHE D 131 -28.63 -23.01 -13.38
CA PHE D 131 -28.78 -21.99 -12.35
C PHE D 131 -28.62 -20.60 -12.97
N HIS D 132 -27.53 -20.40 -13.70
CA HIS D 132 -27.25 -19.07 -14.24
C HIS D 132 -28.40 -18.64 -15.13
N ARG D 133 -28.96 -19.56 -15.94
CA ARG D 133 -30.02 -19.14 -16.86
C ARG D 133 -31.30 -18.85 -16.10
N ILE D 134 -31.57 -19.61 -15.03
CA ILE D 134 -32.74 -19.32 -14.22
C ILE D 134 -32.67 -17.88 -13.68
N LEU D 135 -31.47 -17.50 -13.21
CA LEU D 135 -31.30 -16.12 -12.73
C LEU D 135 -31.42 -15.11 -13.86
N VAL D 136 -30.82 -15.40 -15.03
CA VAL D 136 -30.83 -14.44 -16.14
C VAL D 136 -32.25 -14.15 -16.57
N ASP D 137 -33.04 -15.22 -16.70
CA ASP D 137 -34.45 -15.10 -17.02
C ASP D 137 -35.17 -14.25 -15.97
N LYS D 138 -34.94 -14.53 -14.70
CA LYS D 138 -35.63 -13.73 -13.68
C LYS D 138 -35.27 -12.26 -13.85
N ALA D 139 -33.97 -11.96 -13.97
CA ALA D 139 -33.48 -10.60 -14.18
C ALA D 139 -34.18 -9.93 -15.35
N ARG D 140 -34.26 -10.63 -16.49
CA ARG D 140 -34.96 -10.05 -17.64
C ARG D 140 -36.43 -9.84 -17.35
N ALA D 141 -37.10 -10.84 -16.79
CA ALA D 141 -38.52 -10.72 -16.49
C ALA D 141 -38.82 -9.51 -15.62
N LEU D 142 -37.84 -8.95 -14.93
CA LEU D 142 -38.00 -7.79 -14.06
C LEU D 142 -37.54 -6.49 -14.75
N GLY D 143 -37.23 -6.55 -16.04
CA GLY D 143 -36.80 -5.37 -16.75
C GLY D 143 -35.34 -5.03 -16.63
N VAL D 144 -34.51 -5.92 -16.11
CA VAL D 144 -33.11 -5.60 -15.99
C VAL D 144 -32.49 -5.52 -17.39
N GLU D 145 -31.83 -4.40 -17.68
CA GLU D 145 -31.08 -4.27 -18.93
C GLU D 145 -29.70 -4.93 -18.82
N ILE D 146 -29.43 -5.85 -19.71
CA ILE D 146 -28.14 -6.55 -19.74
C ILE D 146 -27.41 -6.10 -20.99
N LEU D 147 -26.43 -5.24 -20.82
CA LEU D 147 -25.61 -4.79 -21.94
C LEU D 147 -24.45 -5.78 -22.11
N LEU D 148 -24.42 -6.45 -23.26
CA LEU D 148 -23.34 -7.40 -23.50
C LEU D 148 -22.14 -6.72 -24.19
N GLY D 149 -21.03 -7.46 -24.24
CA GLY D 149 -19.79 -7.00 -24.85
C GLY D 149 -19.26 -5.69 -24.34
N LYS D 150 -19.44 -5.38 -23.07
CA LYS D 150 -18.98 -4.12 -22.51
C LYS D 150 -17.81 -4.40 -21.59
N SER D 151 -16.60 -4.12 -22.07
CA SER D 151 -15.40 -4.36 -21.31
C SER D 151 -14.91 -3.05 -20.71
N VAL D 152 -14.80 -2.99 -19.38
CA VAL D 152 -14.48 -1.76 -18.66
C VAL D 152 -12.96 -1.63 -18.57
N ARG D 153 -12.43 -0.42 -18.74
CA ARG D 153 -11.00 -0.18 -18.70
C ARG D 153 -10.59 0.69 -17.55
N THR D 154 -11.40 1.73 -17.30
CA THR D 154 -11.17 2.72 -16.27
C THR D 154 -12.48 3.00 -15.56
N ILE D 155 -12.39 3.21 -14.25
CA ILE D 155 -13.54 3.56 -13.44
C ILE D 155 -13.23 4.88 -12.75
N ASP D 156 -14.14 5.83 -12.86
CA ASP D 156 -14.09 6.99 -11.99
C ASP D 156 -15.12 6.74 -10.91
N PHE D 157 -14.65 6.66 -9.68
CA PHE D 157 -15.55 6.33 -8.58
C PHE D 157 -16.28 7.56 -8.07
N ASN D 158 -15.77 8.78 -8.34
CA ASN D 158 -16.28 9.97 -7.64
C ASN D 158 -17.50 10.53 -8.34
N ALA D 159 -17.48 10.49 -9.65
CA ALA D 159 -18.66 10.72 -10.45
C ALA D 159 -18.85 9.43 -11.20
N PRO D 160 -19.80 8.59 -10.82
CA PRO D 160 -19.78 7.19 -11.29
C PRO D 160 -19.71 7.14 -12.81
N SER D 161 -18.59 6.63 -13.30
CA SER D 161 -18.33 6.52 -14.73
C SER D 161 -17.58 5.23 -15.01
N LEU D 162 -17.88 4.62 -16.15
CA LEU D 162 -17.09 3.51 -16.67
C LEU D 162 -16.61 3.88 -18.06
N THR D 163 -15.30 3.96 -18.24
CA THR D 163 -14.72 4.17 -19.56
C THR D 163 -14.45 2.82 -20.20
N MET D 164 -14.94 2.62 -21.41
CA MET D 164 -14.90 1.32 -22.08
C MET D 164 -13.68 1.20 -22.98
N ALA D 165 -13.39 -0.06 -23.35
CA ALA D 165 -12.27 -0.34 -24.24
C ALA D 165 -12.42 0.36 -25.60
N ASP D 166 -13.66 0.59 -26.03
CA ASP D 166 -13.94 1.31 -27.26
C ASP D 166 -13.86 2.82 -27.08
N GLY D 167 -13.56 3.31 -25.89
CA GLY D 167 -13.44 4.73 -25.65
C GLY D 167 -14.70 5.37 -25.16
N SER D 168 -15.87 4.74 -25.31
CA SER D 168 -17.10 5.38 -24.81
C SER D 168 -17.07 5.48 -23.28
N VAL D 169 -18.05 6.18 -22.75
CA VAL D 169 -18.18 6.34 -21.32
C VAL D 169 -19.63 6.09 -20.94
N TYR D 170 -19.85 5.21 -19.95
CA TYR D 170 -21.17 4.95 -19.40
C TYR D 170 -21.31 5.77 -18.11
N ASN D 171 -22.29 6.68 -18.08
CA ASN D 171 -22.45 7.58 -16.92
C ASN D 171 -23.88 7.63 -16.42
N ASP D 172 -24.74 6.72 -16.90
CA ASP D 172 -26.12 6.65 -16.46
C ASP D 172 -26.28 5.89 -15.15
N ALA D 173 -25.35 6.08 -14.21
CA ALA D 173 -25.35 5.31 -12.98
C ALA D 173 -25.10 6.21 -11.77
N ASP D 174 -25.95 6.07 -10.75
CA ASP D 174 -25.68 6.71 -9.47
C ASP D 174 -24.73 5.90 -8.60
N VAL D 175 -24.79 4.58 -8.71
CA VAL D 175 -23.95 3.68 -7.91
C VAL D 175 -23.45 2.58 -8.83
N ILE D 176 -22.22 2.11 -8.59
CA ILE D 176 -21.65 1.01 -9.35
C ILE D 176 -21.33 -0.14 -8.41
N ILE D 177 -21.43 -1.37 -8.93
CA ILE D 177 -21.29 -2.57 -8.12
C ILE D 177 -20.41 -3.56 -8.87
N GLY D 178 -19.21 -3.82 -8.35
CA GLY D 178 -18.31 -4.76 -8.99
C GLY D 178 -18.72 -6.19 -8.73
N ALA D 179 -19.16 -6.89 -9.77
CA ALA D 179 -19.55 -8.29 -9.63
C ALA D 179 -18.94 -9.12 -10.73
N ASP D 180 -17.65 -8.90 -11.01
CA ASP D 180 -17.00 -9.51 -12.16
C ASP D 180 -16.03 -10.58 -11.76
N GLY D 181 -16.16 -11.09 -10.54
CA GLY D 181 -15.62 -12.40 -10.25
C GLY D 181 -14.17 -12.38 -9.81
N LEU D 182 -13.50 -13.50 -10.12
CA LEU D 182 -12.16 -13.73 -9.56
C LEU D 182 -11.13 -12.86 -10.25
N LYS D 183 -11.26 -12.70 -11.57
CA LYS D 183 -10.46 -11.76 -12.36
C LYS D 183 -11.26 -10.47 -12.50
N SER D 184 -11.10 -9.61 -11.52
CA SER D 184 -11.93 -8.42 -11.37
C SER D 184 -11.11 -7.24 -11.86
N VAL D 185 -11.58 -6.60 -12.93
CA VAL D 185 -11.09 -5.27 -13.24
C VAL D 185 -11.56 -4.29 -12.17
N CYS D 186 -12.72 -4.54 -11.56
CA CYS D 186 -13.21 -3.59 -10.55
C CYS D 186 -12.31 -3.59 -9.31
N ARG D 187 -11.86 -4.77 -8.87
CA ARG D 187 -10.93 -4.83 -7.74
C ARG D 187 -9.64 -4.08 -8.06
N GLU D 188 -9.11 -4.27 -9.27
CA GLU D 188 -7.82 -3.70 -9.64
C GLU D 188 -7.92 -2.19 -9.78
N GLN D 189 -9.00 -1.72 -10.38
CA GLN D 189 -9.28 -0.30 -10.42
C GLN D 189 -9.38 0.30 -9.02
N MET D 190 -10.10 -0.37 -8.11
CA MET D 190 -10.29 0.25 -6.79
C MET D 190 -8.98 0.28 -6.00
N LEU D 191 -8.25 -0.82 -6.00
CA LEU D 191 -6.99 -0.87 -5.25
C LEU D 191 -5.96 0.07 -5.85
N GLY D 192 -5.90 0.15 -7.18
CA GLY D 192 -5.00 1.07 -7.85
C GLY D 192 -3.73 0.43 -8.36
N HIS D 193 -3.68 -0.88 -8.39
CA HIS D 193 -2.56 -1.66 -8.89
C HIS D 193 -3.12 -2.97 -9.41
N PRO D 194 -2.33 -3.76 -10.15
CA PRO D 194 -2.77 -5.11 -10.49
C PRO D 194 -2.90 -5.97 -9.24
N ASP D 195 -3.87 -6.89 -9.31
CA ASP D 195 -4.18 -7.90 -8.33
C ASP D 195 -4.84 -9.07 -9.02
N PRO D 196 -4.08 -9.90 -9.75
CA PRO D 196 -4.67 -11.03 -10.44
C PRO D 196 -4.93 -12.17 -9.48
N PRO D 197 -5.71 -13.16 -9.88
CA PRO D 197 -5.87 -14.34 -9.02
C PRO D 197 -4.54 -15.06 -8.91
N HIS D 198 -4.37 -15.79 -7.80
CA HIS D 198 -3.19 -16.63 -7.62
C HIS D 198 -3.60 -18.08 -7.77
N PHE D 199 -2.75 -18.88 -8.39
CA PHE D 199 -2.99 -20.31 -8.52
C PHE D 199 -2.83 -20.97 -7.16
N THR D 200 -3.78 -21.85 -6.79
CA THR D 200 -3.63 -22.54 -5.50
C THR D 200 -2.48 -23.52 -5.51
N GLY D 201 -2.13 -24.08 -6.67
CA GLY D 201 -1.18 -25.15 -6.73
C GLY D 201 -1.81 -26.51 -6.83
N ASP D 202 -3.14 -26.60 -6.71
CA ASP D 202 -3.89 -27.80 -7.02
C ASP D 202 -4.53 -27.70 -8.41
N LEU D 203 -5.04 -28.85 -8.82
CA LEU D 203 -5.50 -29.14 -10.15
C LEU D 203 -6.78 -29.92 -10.00
N ALA D 204 -7.73 -29.72 -10.90
CA ALA D 204 -9.03 -30.33 -10.83
C ALA D 204 -9.33 -31.13 -12.09
N TYR D 205 -9.64 -32.40 -11.93
CA TYR D 205 -10.21 -33.21 -13.02
C TYR D 205 -11.71 -33.41 -12.79
N ARG D 206 -12.52 -33.15 -13.82
CA ARG D 206 -13.94 -33.47 -13.80
C ARG D 206 -14.24 -34.55 -14.83
N ILE D 207 -15.03 -35.54 -14.42
CA ILE D 207 -15.44 -36.64 -15.28
C ILE D 207 -16.96 -36.73 -15.24
N ILE D 208 -17.57 -37.03 -16.38
CA ILE D 208 -19.01 -37.26 -16.46
C ILE D 208 -19.25 -38.72 -16.80
N VAL D 209 -20.20 -39.34 -16.12
CA VAL D 209 -20.56 -40.74 -16.33
C VAL D 209 -22.08 -40.87 -16.40
N LYS D 210 -22.56 -41.73 -17.29
CA LYS D 210 -24.00 -41.98 -17.42
C LYS D 210 -24.54 -42.76 -16.22
N ALA D 211 -25.65 -42.30 -15.66
CA ALA D 211 -26.23 -43.11 -14.58
C ALA D 211 -26.79 -44.41 -15.12
N GLU D 212 -27.38 -44.38 -16.32
CA GLU D 212 -27.80 -45.62 -16.96
C GLU D 212 -26.68 -46.62 -16.99
N ASP D 213 -25.43 -46.15 -17.03
CA ASP D 213 -24.32 -47.08 -17.12
C ASP D 213 -23.88 -47.59 -15.75
N MET D 214 -24.01 -46.76 -14.72
CA MET D 214 -23.65 -47.21 -13.39
C MET D 214 -24.65 -48.24 -12.86
N LYS D 215 -25.95 -48.09 -13.20
CA LYS D 215 -26.94 -49.09 -12.80
C LYS D 215 -26.62 -50.48 -13.33
N LYS D 216 -25.69 -50.60 -14.28
CA LYS D 216 -25.36 -51.92 -14.84
C LYS D 216 -24.22 -52.60 -14.10
N HIS D 217 -23.61 -51.91 -13.13
CA HIS D 217 -22.54 -52.48 -12.32
C HIS D 217 -23.05 -52.53 -10.90
N ASP D 218 -22.95 -53.70 -10.27
CA ASP D 218 -23.51 -53.88 -8.92
C ASP D 218 -22.77 -53.06 -7.87
N SER D 219 -21.49 -52.79 -8.08
CA SER D 219 -20.75 -52.02 -7.06
C SER D 219 -21.04 -50.54 -7.15
N LEU D 220 -21.63 -50.09 -8.25
CA LEU D 220 -21.87 -48.67 -8.51
C LEU D 220 -23.34 -48.28 -8.48
N ARG D 221 -24.23 -49.27 -8.54
CA ARG D 221 -25.66 -49.02 -8.68
C ARG D 221 -26.19 -48.14 -7.56
N GLU D 222 -25.90 -48.49 -6.31
CA GLU D 222 -26.52 -47.76 -5.21
C GLU D 222 -26.22 -46.26 -5.27
N LEU D 223 -25.04 -45.87 -5.75
CA LEU D 223 -24.71 -44.43 -5.83
C LEU D 223 -25.71 -43.64 -6.65
N VAL D 224 -26.46 -44.28 -7.53
CA VAL D 224 -27.47 -43.61 -8.33
C VAL D 224 -28.88 -43.75 -7.76
N GLU D 225 -29.13 -44.76 -6.91
CA GLU D 225 -30.43 -44.90 -6.28
C GLU D 225 -30.48 -44.19 -4.93
N HIS D 226 -29.32 -44.00 -4.29
CA HIS D 226 -29.20 -43.29 -3.02
C HIS D 226 -28.32 -42.07 -3.30
N PRO D 227 -28.77 -41.16 -4.17
CA PRO D 227 -27.89 -40.06 -4.59
C PRO D 227 -27.56 -39.18 -3.39
N SER D 228 -26.26 -39.10 -3.11
CA SER D 228 -25.72 -38.26 -2.06
C SER D 228 -24.51 -37.54 -2.61
N ILE D 229 -23.96 -36.63 -1.80
CA ILE D 229 -22.70 -35.98 -2.12
C ILE D 229 -21.62 -36.77 -1.39
N ASN D 230 -20.84 -37.57 -2.14
CA ASN D 230 -19.80 -38.43 -1.56
C ASN D 230 -18.45 -37.75 -1.67
N HIS D 231 -17.78 -37.59 -0.54
CA HIS D 231 -16.44 -37.00 -0.49
C HIS D 231 -15.49 -38.07 0.03
N TRP D 232 -14.49 -38.42 -0.77
CA TRP D 232 -13.42 -39.31 -0.36
C TRP D 232 -12.24 -38.43 0.00
N MET D 233 -11.88 -38.45 1.28
CA MET D 233 -10.77 -37.68 1.83
C MET D 233 -9.49 -38.49 1.77
N GLY D 234 -8.47 -37.94 1.13
CA GLY D 234 -7.19 -38.59 1.12
C GLY D 234 -6.01 -37.66 1.26
N PRO D 235 -4.79 -38.19 0.94
CA PRO D 235 -3.55 -37.39 1.02
C PRO D 235 -3.41 -36.28 -0.01
N ASN D 236 -3.70 -35.03 0.41
CA ASN D 236 -3.51 -33.83 -0.39
C ASN D 236 -4.32 -33.84 -1.66
N SER D 237 -5.34 -34.69 -1.68
CA SER D 237 -6.29 -34.76 -2.78
C SER D 237 -7.63 -35.19 -2.19
N HIS D 238 -8.69 -34.92 -2.94
CA HIS D 238 -9.98 -35.41 -2.51
C HIS D 238 -10.84 -35.65 -3.75
N VAL D 239 -11.81 -36.53 -3.63
CA VAL D 239 -12.75 -36.77 -4.72
C VAL D 239 -14.15 -36.48 -4.22
N VAL D 240 -14.96 -35.87 -5.08
CA VAL D 240 -16.39 -35.60 -4.77
C VAL D 240 -17.16 -36.17 -5.97
N CYS D 241 -18.16 -37.01 -5.70
CA CYS D 241 -18.94 -37.65 -6.78
C CYS D 241 -20.42 -37.41 -6.53
N TYR D 242 -21.14 -36.88 -7.52
CA TYR D 242 -22.56 -36.52 -7.31
C TYR D 242 -23.38 -36.64 -8.60
N LEU D 243 -24.71 -36.64 -8.48
CA LEU D 243 -25.62 -36.72 -9.65
C LEU D 243 -26.24 -35.35 -9.94
N LEU D 244 -26.31 -34.95 -11.20
CA LEU D 244 -26.83 -33.58 -11.48
C LEU D 244 -28.20 -33.65 -12.18
N LYS D 245 -28.53 -34.74 -12.89
CA LYS D 245 -29.90 -34.88 -13.47
C LYS D 245 -29.95 -34.49 -14.95
N GLY D 246 -28.90 -33.85 -15.46
CA GLY D 246 -28.90 -33.40 -16.87
C GLY D 246 -29.30 -34.52 -17.77
N GLY D 247 -28.69 -35.68 -17.59
CA GLY D 247 -29.08 -36.87 -18.36
C GLY D 247 -28.60 -38.05 -17.56
N GLY D 248 -29.01 -38.11 -16.30
CA GLY D 248 -28.44 -39.15 -15.42
C GLY D 248 -26.97 -38.95 -15.43
N LEU D 249 -26.52 -37.71 -15.27
CA LEU D 249 -25.06 -37.45 -15.41
C LEU D 249 -24.37 -37.37 -14.05
N TYR D 250 -23.61 -38.41 -13.72
CA TYR D 250 -22.87 -38.47 -12.44
C TYR D 250 -21.53 -37.77 -12.64
N ASN D 251 -21.24 -36.79 -11.79
CA ASN D 251 -20.00 -36.00 -11.97
C ASN D 251 -19.01 -36.41 -10.89
N ILE D 252 -17.81 -36.80 -11.29
CA ILE D 252 -16.73 -37.20 -10.35
C ILE D 252 -15.61 -36.16 -10.49
N VAL D 253 -15.29 -35.45 -9.42
CA VAL D 253 -14.26 -34.38 -9.49
C VAL D 253 -13.10 -34.71 -8.55
N LEU D 254 -11.87 -34.66 -9.05
CA LEU D 254 -10.67 -34.89 -8.20
C LEU D 254 -9.90 -33.58 -8.04
N ALA D 255 -9.50 -33.28 -6.81
CA ALA D 255 -8.64 -32.11 -6.56
C ALA D 255 -7.31 -32.66 -6.12
N CYS D 256 -6.27 -32.41 -6.88
CA CYS D 256 -4.96 -33.01 -6.57
C CYS D 256 -3.91 -31.94 -6.78
N PRO D 257 -2.66 -32.16 -6.34
CA PRO D 257 -1.60 -31.21 -6.57
C PRO D 257 -1.19 -31.06 -8.04
N ASP D 258 -0.78 -29.86 -8.47
CA ASP D 258 -0.24 -29.68 -9.84
C ASP D 258 1.24 -30.02 -9.74
N ASP D 259 1.57 -31.29 -9.57
CA ASP D 259 2.98 -31.73 -9.37
C ASP D 259 3.53 -32.28 -10.68
N LEU D 260 2.84 -32.01 -11.80
CA LEU D 260 3.28 -32.53 -13.12
C LEU D 260 3.78 -31.36 -13.97
N PRO D 261 4.70 -31.61 -14.95
CA PRO D 261 5.22 -30.54 -15.81
C PRO D 261 4.27 -30.21 -16.96
N GLU D 262 4.02 -28.92 -17.21
CA GLU D 262 3.15 -28.49 -18.33
C GLU D 262 1.82 -29.25 -18.26
N LEU D 263 1.29 -29.67 -19.42
CA LEU D 263 0.00 -30.41 -19.46
C LEU D 263 -0.19 -31.00 -20.86
N VAL D 264 -1.01 -32.05 -20.99
CA VAL D 264 -1.29 -32.68 -22.31
C VAL D 264 -2.71 -32.30 -22.73
N ASN D 265 -3.66 -32.30 -21.79
CA ASN D 265 -5.05 -31.88 -22.08
C ASN D 265 -5.75 -32.96 -22.92
N THR D 266 -5.05 -34.00 -23.35
CA THR D 266 -5.71 -35.11 -24.08
C THR D 266 -6.40 -36.01 -23.06
N ALA D 267 -7.67 -36.32 -23.30
CA ALA D 267 -8.38 -37.27 -22.41
C ALA D 267 -7.45 -38.41 -22.06
N LYS D 268 -6.88 -39.06 -23.06
CA LYS D 268 -6.03 -40.24 -22.82
C LYS D 268 -5.08 -39.93 -21.66
N ALA D 269 -4.61 -38.69 -21.57
CA ALA D 269 -3.71 -38.29 -20.48
C ALA D 269 -4.56 -37.94 -19.28
N ASP D 270 -5.62 -37.19 -19.52
CA ASP D 270 -6.48 -36.77 -18.40
C ASP D 270 -6.87 -38.04 -17.64
N LEU D 271 -7.34 -39.07 -18.35
CA LEU D 271 -7.81 -40.30 -17.66
C LEU D 271 -6.64 -41.08 -17.07
N LYS D 272 -5.50 -41.12 -17.74
CA LYS D 272 -4.33 -41.90 -17.24
C LYS D 272 -3.82 -41.25 -15.96
N GLU D 273 -3.82 -39.93 -15.93
CA GLU D 273 -3.37 -39.20 -14.72
C GLU D 273 -4.35 -39.52 -13.60
N MET D 274 -5.65 -39.39 -13.86
CA MET D 274 -6.63 -39.80 -12.85
C MET D 274 -6.35 -41.22 -12.37
N ARG D 275 -6.18 -42.15 -13.30
CA ARG D 275 -5.99 -43.53 -12.90
C ARG D 275 -4.77 -43.68 -11.99
N GLU D 276 -3.66 -43.00 -12.30
CA GLU D 276 -2.54 -43.11 -11.36
C GLU D 276 -2.88 -42.45 -10.04
N ARG D 277 -3.73 -41.43 -10.09
CA ARG D 277 -4.00 -40.73 -8.84
C ARG D 277 -5.03 -41.44 -7.99
N PHE D 278 -5.72 -42.43 -8.55
CA PHE D 278 -6.68 -43.25 -7.84
C PHE D 278 -6.09 -44.58 -7.37
N GLU D 279 -4.81 -44.78 -7.58
CA GLU D 279 -4.19 -46.02 -7.06
C GLU D 279 -4.22 -45.98 -5.54
N GLY D 280 -4.64 -47.08 -4.91
CA GLY D 280 -4.75 -47.15 -3.45
C GLY D 280 -6.03 -46.53 -2.97
N TRP D 281 -6.91 -46.19 -3.90
CA TRP D 281 -8.17 -45.49 -3.55
C TRP D 281 -9.35 -46.41 -3.85
N ASP D 282 -10.52 -46.09 -3.29
CA ASP D 282 -11.73 -46.92 -3.51
C ASP D 282 -11.65 -47.47 -4.92
N PRO D 283 -11.75 -48.79 -5.09
CA PRO D 283 -11.68 -49.39 -6.40
C PRO D 283 -12.85 -48.92 -7.26
N ARG D 284 -13.91 -48.45 -6.62
CA ARG D 284 -15.13 -48.04 -7.35
C ARG D 284 -14.85 -46.77 -8.14
N LEU D 285 -13.92 -45.95 -7.66
CA LEU D 285 -13.56 -44.68 -8.33
C LEU D 285 -12.78 -45.00 -9.61
N THR D 286 -11.89 -45.98 -9.55
CA THR D 286 -11.15 -46.40 -10.75
C THR D 286 -12.10 -47.15 -11.67
N LEU D 287 -13.16 -47.74 -11.14
CA LEU D 287 -14.13 -48.39 -12.02
C LEU D 287 -14.98 -47.36 -12.74
N LEU D 288 -15.46 -46.35 -12.01
CA LEU D 288 -16.09 -45.19 -12.66
C LEU D 288 -15.21 -44.60 -13.74
N LEU D 289 -13.90 -44.75 -13.65
CA LEU D 289 -13.11 -44.19 -14.74
C LEU D 289 -13.35 -44.84 -16.10
N SER D 290 -13.94 -46.04 -16.19
CA SER D 290 -14.12 -46.65 -17.51
C SER D 290 -15.42 -46.27 -18.17
N LEU D 291 -16.29 -45.58 -17.45
CA LEU D 291 -17.61 -45.29 -17.96
C LEU D 291 -17.71 -43.87 -18.46
N VAL D 292 -16.57 -43.18 -18.63
CA VAL D 292 -16.51 -41.75 -18.98
C VAL D 292 -17.30 -41.43 -20.24
N GLN D 293 -17.96 -40.27 -20.22
CA GLN D 293 -18.53 -39.63 -21.41
C GLN D 293 -17.78 -38.39 -21.85
N GLU D 294 -17.24 -37.63 -20.90
CA GLU D 294 -16.46 -36.43 -21.18
C GLU D 294 -15.41 -36.28 -20.09
N THR D 295 -14.34 -35.54 -20.39
CA THR D 295 -13.30 -35.26 -19.41
C THR D 295 -12.89 -33.80 -19.49
N SER D 296 -12.64 -33.20 -18.31
CA SER D 296 -12.23 -31.81 -18.14
C SER D 296 -11.09 -31.78 -17.15
N LYS D 297 -10.24 -30.79 -17.28
CA LYS D 297 -9.17 -30.57 -16.32
C LYS D 297 -8.88 -29.09 -16.32
N TRP D 298 -8.57 -28.54 -15.14
CA TRP D 298 -8.16 -27.15 -15.06
C TRP D 298 -7.24 -26.98 -13.86
N ARG D 299 -6.61 -25.80 -13.79
CA ARG D 299 -5.77 -25.42 -12.64
C ARG D 299 -6.55 -24.44 -11.77
N LEU D 300 -6.53 -24.68 -10.46
CA LEU D 300 -7.40 -23.94 -9.54
C LEU D 300 -6.76 -22.63 -9.11
N GLN D 301 -7.62 -21.66 -8.75
CA GLN D 301 -7.16 -20.32 -8.38
C GLN D 301 -7.96 -19.80 -7.18
N ASN D 302 -7.38 -18.82 -6.48
CA ASN D 302 -8.01 -18.21 -5.32
C ASN D 302 -7.59 -16.74 -5.23
N SER D 303 -8.31 -15.99 -4.39
CA SER D 303 -8.09 -14.56 -4.18
C SER D 303 -7.99 -14.28 -2.69
N GLU D 304 -6.93 -13.55 -2.31
CA GLU D 304 -6.75 -13.17 -0.91
C GLU D 304 -7.77 -12.10 -0.50
N GLU D 305 -8.43 -12.33 0.64
CA GLU D 305 -9.57 -11.52 1.06
C GLU D 305 -9.13 -10.08 1.27
N MET D 306 -10.06 -9.17 1.02
CA MET D 306 -9.74 -7.76 1.00
C MET D 306 -10.17 -7.10 2.29
N ASP D 307 -9.38 -6.12 2.72
CA ASP D 307 -9.74 -5.39 3.92
C ASP D 307 -10.99 -4.55 3.70
N LYS D 308 -11.08 -3.90 2.55
CA LYS D 308 -12.14 -2.95 2.27
C LYS D 308 -12.75 -3.27 0.91
N TRP D 309 -14.07 -3.16 0.82
CA TRP D 309 -14.83 -3.36 -0.42
C TRP D 309 -15.34 -2.07 -1.01
N SER D 310 -15.57 -1.07 -0.16
CA SER D 310 -16.09 0.23 -0.55
C SER D 310 -14.97 1.11 -1.07
N HIS D 311 -15.36 2.08 -1.88
CA HIS D 311 -14.55 3.24 -2.17
C HIS D 311 -15.08 4.38 -1.30
N GLU D 312 -14.17 5.20 -0.76
CA GLU D 312 -14.57 6.31 0.11
C GLU D 312 -15.64 7.22 -0.50
N SER D 313 -15.75 7.26 -1.83
CA SER D 313 -16.75 8.12 -2.47
C SER D 313 -18.18 7.67 -2.22
N GLY D 314 -18.38 6.50 -1.60
CA GLY D 314 -19.73 6.05 -1.29
C GLY D 314 -20.56 5.69 -2.50
N LYS D 315 -19.90 5.36 -3.60
CA LYS D 315 -20.56 5.21 -4.89
C LYS D 315 -20.24 3.87 -5.55
N PHE D 316 -19.35 3.10 -4.96
CA PHE D 316 -18.88 1.83 -5.50
C PHE D 316 -18.76 0.84 -4.36
N VAL D 317 -19.06 -0.43 -4.63
CA VAL D 317 -18.81 -1.52 -3.70
C VAL D 317 -18.66 -2.81 -4.48
N LEU D 318 -17.79 -3.67 -3.99
CA LEU D 318 -17.58 -4.98 -4.60
C LEU D 318 -18.53 -6.00 -3.99
N MET D 319 -18.69 -7.13 -4.67
CA MET D 319 -19.54 -8.20 -4.16
C MET D 319 -19.10 -9.51 -4.79
N GLY D 320 -19.37 -10.61 -4.09
CA GLY D 320 -19.09 -11.92 -4.64
C GLY D 320 -17.60 -12.16 -4.76
N ASP D 321 -17.23 -13.08 -5.65
CA ASP D 321 -15.84 -13.47 -5.81
C ASP D 321 -14.90 -12.30 -6.09
N ALA D 322 -15.43 -11.13 -6.44
CA ALA D 322 -14.53 -10.00 -6.64
C ALA D 322 -13.84 -9.61 -5.34
N CYS D 323 -14.52 -9.81 -4.19
CA CYS D 323 -13.99 -9.41 -2.89
C CYS D 323 -13.81 -10.55 -1.90
N HIS D 324 -14.66 -11.58 -1.93
CA HIS D 324 -14.59 -12.69 -0.97
C HIS D 324 -14.69 -14.01 -1.69
N ALA D 325 -13.85 -14.19 -2.72
CA ALA D 325 -13.65 -15.50 -3.33
C ALA D 325 -13.33 -16.53 -2.27
N THR D 326 -14.10 -17.61 -2.26
CA THR D 326 -13.93 -18.71 -1.33
C THR D 326 -13.37 -19.90 -2.09
N LEU D 327 -12.48 -20.65 -1.45
CA LEU D 327 -12.14 -21.95 -2.00
C LEU D 327 -13.35 -22.86 -1.78
N PRO D 328 -13.54 -23.85 -2.65
CA PRO D 328 -14.87 -24.44 -2.85
C PRO D 328 -15.30 -25.47 -1.79
N TYR D 329 -14.48 -25.69 -0.73
CA TYR D 329 -14.60 -26.90 0.07
C TYR D 329 -15.86 -26.90 0.92
N LEU D 330 -16.26 -25.76 1.44
CA LEU D 330 -17.50 -25.71 2.21
C LEU D 330 -18.74 -25.63 1.35
N ALA D 331 -18.57 -25.56 0.03
CA ALA D 331 -19.66 -25.40 -0.95
C ALA D 331 -20.56 -24.19 -0.70
N GLN D 332 -19.94 -23.01 -0.51
CA GLN D 332 -20.70 -21.79 -0.26
C GLN D 332 -20.39 -20.60 -1.18
N GLY D 333 -19.59 -20.78 -2.24
CA GLY D 333 -19.28 -19.64 -3.10
C GLY D 333 -20.49 -18.87 -3.59
N ALA D 334 -21.27 -19.59 -4.41
CA ALA D 334 -22.51 -19.09 -4.96
C ALA D 334 -23.53 -18.78 -3.87
N ALA D 335 -23.55 -19.57 -2.79
CA ALA D 335 -24.40 -19.25 -1.64
C ALA D 335 -24.20 -17.82 -1.15
N ILE D 336 -22.96 -17.47 -0.77
CA ILE D 336 -22.80 -16.16 -0.15
C ILE D 336 -22.82 -15.04 -1.18
N ALA D 337 -22.56 -15.32 -2.45
CA ALA D 337 -22.89 -14.32 -3.48
C ALA D 337 -24.39 -14.00 -3.49
N VAL D 338 -25.23 -15.03 -3.56
CA VAL D 338 -26.67 -14.80 -3.49
C VAL D 338 -27.04 -14.01 -2.25
N GLU D 339 -26.45 -14.36 -1.10
CA GLU D 339 -26.71 -13.58 0.11
C GLU D 339 -26.32 -12.12 -0.10
N ASP D 340 -25.14 -11.89 -0.67
CA ASP D 340 -24.73 -10.53 -0.97
C ASP D 340 -25.84 -9.78 -1.70
N GLY D 341 -26.38 -10.38 -2.76
CA GLY D 341 -27.47 -9.74 -3.48
C GLY D 341 -28.68 -9.47 -2.62
N ALA D 342 -29.13 -10.46 -1.86
CA ALA D 342 -30.31 -10.28 -1.03
C ALA D 342 -30.11 -9.12 -0.07
N ALA D 343 -28.97 -9.08 0.60
CA ALA D 343 -28.70 -7.98 1.53
C ALA D 343 -28.70 -6.63 0.79
N LEU D 344 -27.99 -6.54 -0.32
CA LEU D 344 -28.11 -5.32 -1.12
C LEU D 344 -29.56 -4.98 -1.38
N GLY D 345 -30.38 -5.96 -1.75
CA GLY D 345 -31.75 -5.64 -2.10
C GLY D 345 -32.49 -5.09 -0.90
N THR D 346 -32.37 -5.78 0.22
CA THR D 346 -33.09 -5.39 1.41
C THR D 346 -32.64 -4.02 1.90
N LEU D 347 -31.33 -3.77 1.83
CA LEU D 347 -30.85 -2.47 2.26
C LEU D 347 -31.29 -1.37 1.29
N PHE D 348 -31.21 -1.62 -0.02
CA PHE D 348 -31.58 -0.61 -1.01
C PHE D 348 -33.05 -0.30 -0.96
N ALA D 349 -33.86 -1.19 -0.40
CA ALA D 349 -35.28 -0.86 -0.40
C ALA D 349 -35.55 0.30 0.58
N HIS D 350 -34.67 0.51 1.56
CA HIS D 350 -34.76 1.64 2.49
C HIS D 350 -34.14 2.94 1.96
N ALA D 351 -33.43 2.89 0.85
CA ALA D 351 -32.76 4.05 0.29
C ALA D 351 -33.77 4.89 -0.49
N THR D 352 -34.63 5.55 0.27
CA THR D 352 -35.72 6.33 -0.29
C THR D 352 -35.33 7.77 -0.56
N HIS D 353 -34.04 8.09 -0.51
CA HIS D 353 -33.50 9.43 -0.66
C HIS D 353 -32.04 9.22 -1.00
N PRO D 354 -31.48 9.96 -1.94
CA PRO D 354 -30.11 9.67 -2.38
C PRO D 354 -29.12 9.76 -1.26
N SER D 355 -29.28 10.69 -0.30
CA SER D 355 -28.27 10.86 0.74
C SER D 355 -28.15 9.61 1.61
N LEU D 356 -29.18 8.74 1.61
CA LEU D 356 -29.11 7.48 2.36
C LEU D 356 -28.22 6.44 1.68
N VAL D 357 -28.05 6.54 0.37
CA VAL D 357 -27.36 5.46 -0.34
C VAL D 357 -25.98 5.19 0.20
N PRO D 358 -25.06 6.16 0.28
CA PRO D 358 -23.71 5.83 0.79
C PRO D 358 -23.73 5.13 2.14
N ASP D 359 -24.78 5.31 2.95
CA ASP D 359 -24.78 4.65 4.24
C ASP D 359 -25.27 3.21 4.15
N VAL D 360 -26.24 2.92 3.29
CA VAL D 360 -26.59 1.53 3.07
C VAL D 360 -25.36 0.77 2.59
N LEU D 361 -24.67 1.29 1.58
CA LEU D 361 -23.43 0.63 1.18
C LEU D 361 -22.48 0.45 2.35
N THR D 362 -22.52 1.35 3.35
CA THR D 362 -21.62 1.14 4.48
C THR D 362 -22.09 -0.03 5.35
N ILE D 363 -23.40 -0.21 5.48
CA ILE D 363 -23.94 -1.29 6.30
C ILE D 363 -23.70 -2.63 5.63
N TYR D 364 -24.05 -2.71 4.34
CA TYR D 364 -23.80 -3.89 3.55
C TYR D 364 -22.38 -4.43 3.73
N GLU D 365 -21.37 -3.57 3.67
CA GLU D 365 -20.01 -4.09 3.81
C GLU D 365 -19.77 -4.69 5.19
N GLN D 366 -20.31 -4.03 6.23
CA GLN D 366 -20.07 -4.50 7.59
C GLN D 366 -20.71 -5.86 7.80
N ILE D 367 -22.02 -5.99 7.53
CA ILE D 367 -22.68 -7.26 7.82
C ILE D 367 -22.15 -8.36 6.91
N ARG D 368 -21.82 -8.03 5.66
CA ARG D 368 -21.40 -9.09 4.75
C ARG D 368 -19.95 -9.48 4.97
N LYS D 369 -19.07 -8.50 5.21
CA LYS D 369 -17.66 -8.84 5.42
C LYS D 369 -17.50 -9.82 6.56
N SER D 370 -17.96 -9.49 7.77
CA SER D 370 -17.93 -10.49 8.83
C SER D 370 -18.40 -11.84 8.29
N ARG D 371 -19.67 -11.95 7.83
CA ARG D 371 -20.12 -13.25 7.36
C ARG D 371 -19.07 -13.92 6.46
N THR D 372 -18.70 -13.28 5.35
CA THR D 372 -17.82 -13.98 4.41
C THR D 372 -16.48 -14.40 5.06
N THR D 373 -15.88 -13.57 5.92
CA THR D 373 -14.63 -13.98 6.57
C THR D 373 -14.76 -15.34 7.24
N ARG D 374 -15.80 -15.51 8.08
CA ARG D 374 -15.98 -16.80 8.76
C ARG D 374 -16.10 -17.92 7.75
N VAL D 375 -17.01 -17.80 6.77
CA VAL D 375 -17.14 -18.84 5.76
C VAL D 375 -15.79 -19.13 5.11
N VAL D 376 -15.05 -18.06 4.76
CA VAL D 376 -13.74 -18.27 4.17
C VAL D 376 -12.84 -19.10 5.10
N ARG D 377 -12.71 -18.70 6.39
CA ARG D 377 -12.01 -19.56 7.35
C ARG D 377 -12.55 -20.99 7.31
N GLY D 378 -13.85 -21.17 7.60
CA GLY D 378 -14.46 -22.49 7.48
C GLY D 378 -13.94 -23.26 6.29
N SER D 379 -14.00 -22.65 5.10
CA SER D 379 -13.60 -23.35 3.89
C SER D 379 -12.19 -23.89 4.01
N THR D 380 -11.26 -23.01 4.34
CA THR D 380 -9.86 -23.42 4.53
C THR D 380 -9.75 -24.60 5.52
N LYS D 381 -10.45 -24.54 6.67
CA LYS D 381 -10.45 -25.67 7.61
C LYS D 381 -10.90 -26.96 6.93
N GLN D 382 -11.98 -26.94 6.16
CA GLN D 382 -12.42 -28.14 5.42
C GLN D 382 -11.29 -28.65 4.53
N ARG D 383 -10.62 -27.76 3.79
CA ARG D 383 -9.50 -28.25 3.00
C ARG D 383 -8.49 -29.00 3.87
N ASP D 384 -8.01 -28.36 4.95
CA ASP D 384 -6.96 -28.98 5.77
C ASP D 384 -7.40 -30.35 6.26
N ILE D 385 -8.68 -30.48 6.61
CA ILE D 385 -9.24 -31.77 7.00
C ILE D 385 -9.25 -32.74 5.83
N PHE D 386 -9.75 -32.32 4.67
CA PHE D 386 -9.90 -33.27 3.57
C PHE D 386 -8.56 -33.80 3.12
N HIS D 387 -7.52 -32.99 3.17
CA HIS D 387 -6.27 -33.36 2.50
C HIS D 387 -5.20 -33.88 3.46
N MET D 388 -5.60 -34.31 4.67
CA MET D 388 -4.61 -34.83 5.61
C MET D 388 -3.91 -36.02 4.98
N PRO D 389 -2.60 -36.11 5.10
CA PRO D 389 -1.89 -37.32 4.67
C PRO D 389 -2.04 -38.41 5.73
N ASP D 390 -1.59 -39.61 5.37
CA ASP D 390 -1.68 -40.73 6.30
C ASP D 390 -0.68 -40.53 7.44
N GLY D 391 -1.14 -40.66 8.67
CA GLY D 391 -0.34 -40.39 9.83
C GLY D 391 -1.20 -40.36 11.08
N PRO D 392 -0.55 -40.10 12.22
CA PRO D 392 -1.30 -40.10 13.48
C PRO D 392 -2.45 -39.09 13.50
N ARG D 393 -2.28 -37.91 12.88
CA ARG D 393 -3.35 -36.93 12.87
C ARG D 393 -4.54 -37.44 12.08
N GLN D 394 -4.30 -37.98 10.89
CA GLN D 394 -5.41 -38.49 10.12
C GLN D 394 -6.16 -39.57 10.91
N ARG D 395 -5.42 -40.49 11.50
CA ARG D 395 -6.09 -41.51 12.29
C ARG D 395 -6.93 -40.86 13.38
N GLU D 396 -6.44 -39.77 13.98
CA GLU D 396 -7.18 -39.16 15.08
C GLU D 396 -8.45 -38.47 14.59
N ARG D 397 -8.40 -37.88 13.40
CA ARG D 397 -9.57 -37.26 12.80
C ARG D 397 -10.62 -38.30 12.49
N ASP D 398 -10.20 -39.41 11.89
CA ASP D 398 -11.11 -40.50 11.57
C ASP D 398 -11.72 -41.05 12.85
N ARG D 399 -10.90 -41.21 13.90
CA ARG D 399 -11.41 -41.74 15.16
C ARG D 399 -12.44 -40.80 15.77
N GLN D 400 -12.17 -39.49 15.72
CA GLN D 400 -13.13 -38.50 16.23
C GLN D 400 -14.43 -38.50 15.43
N LEU D 401 -14.33 -38.43 14.10
CA LEU D 401 -15.52 -38.44 13.26
C LEU D 401 -16.37 -39.66 13.54
N LEU D 402 -15.74 -40.81 13.76
CA LEU D 402 -16.51 -42.03 14.00
C LEU D 402 -17.11 -42.04 15.41
N THR D 403 -16.33 -41.61 16.41
CA THR D 403 -16.70 -41.80 17.80
C THR D 403 -17.72 -40.78 18.29
N TYR D 404 -17.56 -39.50 17.91
CA TYR D 404 -18.40 -38.46 18.48
C TYR D 404 -19.56 -38.09 17.55
N ALA D 405 -19.91 -38.97 16.63
CA ALA D 405 -20.95 -38.57 15.69
C ALA D 405 -22.29 -38.41 16.38
N ASP D 406 -22.51 -39.10 17.50
CA ASP D 406 -23.76 -39.08 18.27
C ASP D 406 -23.65 -38.23 19.49
N ASN D 407 -22.45 -37.69 19.72
CA ASN D 407 -22.17 -36.79 20.80
C ASN D 407 -21.30 -35.68 20.21
N LEU D 408 -21.91 -34.85 19.37
CA LEU D 408 -21.17 -33.92 18.53
C LEU D 408 -20.57 -32.77 19.34
N PHE D 409 -19.38 -32.33 18.96
CA PHE D 409 -18.71 -31.26 19.70
C PHE D 409 -18.17 -30.17 18.77
N GLU D 410 -18.02 -28.98 19.34
CA GLU D 410 -17.48 -27.86 18.57
C GLU D 410 -15.99 -28.10 18.31
N GLY D 411 -15.59 -28.00 17.06
CA GLY D 411 -14.30 -28.44 16.60
C GLY D 411 -14.29 -29.79 15.94
N TYR D 412 -15.47 -30.42 15.79
CA TYR D 412 -15.61 -31.72 15.13
C TYR D 412 -15.04 -31.64 13.71
N PRO D 413 -14.30 -32.63 13.28
CA PRO D 413 -13.48 -32.48 12.06
C PRO D 413 -14.27 -32.44 10.76
N ASN D 414 -15.59 -32.29 10.85
CA ASN D 414 -16.45 -32.11 9.69
C ASN D 414 -17.20 -30.80 9.85
N GLN D 415 -16.73 -29.74 9.16
CA GLN D 415 -17.23 -28.38 9.39
C GLN D 415 -18.72 -28.27 9.10
N TRP D 416 -19.27 -29.16 8.27
CA TRP D 416 -20.69 -29.10 7.97
C TRP D 416 -21.51 -29.57 9.15
N ALA D 417 -20.93 -30.43 9.98
CA ALA D 417 -21.64 -31.08 11.09
C ALA D 417 -21.33 -30.46 12.45
N ASP D 418 -20.37 -29.55 12.50
CA ASP D 418 -20.08 -28.81 13.72
C ASP D 418 -21.38 -28.31 14.37
N PRO D 419 -21.61 -28.60 15.66
CA PRO D 419 -22.86 -28.16 16.32
C PRO D 419 -23.05 -26.66 16.39
N VAL D 420 -22.00 -25.86 16.25
CA VAL D 420 -22.15 -24.41 16.27
C VAL D 420 -22.11 -23.82 14.87
N PHE D 421 -21.12 -24.23 14.08
CA PHE D 421 -20.94 -23.65 12.76
C PHE D 421 -22.07 -24.03 11.79
N GLN D 422 -22.62 -25.26 11.88
CA GLN D 422 -23.67 -25.67 10.95
C GLN D 422 -24.92 -24.81 11.04
N PRO D 423 -25.51 -24.55 12.20
CA PRO D 423 -26.74 -23.74 12.22
C PRO D 423 -26.48 -22.26 11.93
N TRP D 424 -25.26 -21.76 12.18
CA TRP D 424 -24.90 -20.40 11.75
C TRP D 424 -24.75 -20.35 10.22
N LEU D 425 -24.20 -21.42 9.64
CA LEU D 425 -24.05 -21.49 8.20
C LEU D 425 -25.40 -21.58 7.51
N TYR D 426 -26.26 -22.51 7.92
CA TYR D 426 -27.46 -22.78 7.13
C TYR D 426 -28.71 -22.03 7.61
N GLY D 427 -28.76 -21.59 8.86
CA GLY D 427 -29.90 -20.81 9.29
C GLY D 427 -29.83 -19.33 9.00
N TYR D 428 -28.69 -18.81 8.51
CA TYR D 428 -28.55 -17.39 8.16
C TYR D 428 -29.69 -16.92 7.28
N ASN D 429 -30.27 -15.78 7.60
CA ASN D 429 -31.30 -15.22 6.72
C ASN D 429 -30.88 -13.81 6.30
N ALA D 430 -30.34 -13.67 5.08
CA ALA D 430 -29.75 -12.40 4.68
C ALA D 430 -30.76 -11.28 4.78
N PHE D 431 -32.01 -11.56 4.42
CA PHE D 431 -33.07 -10.57 4.59
C PHE D 431 -33.13 -10.03 6.02
N GLU D 432 -33.35 -10.92 6.99
CA GLU D 432 -33.58 -10.47 8.35
C GLU D 432 -32.33 -9.85 8.96
N GLU D 433 -31.17 -10.44 8.72
CA GLU D 433 -29.93 -9.85 9.20
C GLU D 433 -29.76 -8.42 8.67
N ALA D 434 -30.14 -8.18 7.41
CA ALA D 434 -30.07 -6.83 6.86
C ALA D 434 -31.07 -5.90 7.56
N GLU D 435 -32.30 -6.37 7.79
CA GLU D 435 -33.28 -5.55 8.49
C GLU D 435 -32.79 -5.17 9.89
N LYS D 436 -32.33 -6.18 10.66
CA LYS D 436 -31.70 -5.93 11.95
C LYS D 436 -30.67 -4.81 11.85
N ALA D 437 -29.80 -4.89 10.84
CA ALA D 437 -28.77 -3.86 10.70
C ALA D 437 -29.37 -2.50 10.41
N TRP D 438 -30.46 -2.44 9.68
CA TRP D 438 -31.09 -1.16 9.42
C TRP D 438 -31.69 -0.57 10.69
N GLN D 439 -32.23 -1.42 11.58
CA GLN D 439 -32.73 -0.91 12.85
C GLN D 439 -31.58 -0.42 13.75
N LYS D 440 -30.49 -1.17 13.81
CA LYS D 440 -29.30 -0.60 14.43
C LYS D 440 -28.98 0.76 13.83
N TYR D 441 -28.98 0.88 12.49
CA TYR D 441 -28.65 2.16 11.85
C TYR D 441 -29.59 3.27 12.32
N LEU D 442 -30.90 3.02 12.36
CA LEU D 442 -31.79 4.08 12.82
C LEU D 442 -31.63 4.42 14.29
N ARG D 443 -31.19 3.49 15.14
CA ARG D 443 -31.00 3.93 16.53
C ARG D 443 -29.59 4.49 16.78
N GLY D 444 -28.86 4.80 15.72
CA GLY D 444 -27.54 5.41 15.81
C GLY D 444 -26.43 4.49 16.22
N HIS D 445 -26.40 3.27 15.69
CA HIS D 445 -25.53 2.23 16.25
C HIS D 445 -24.63 1.60 15.21
N ILE D 446 -24.50 2.22 14.05
CA ILE D 446 -23.57 1.73 13.03
C ILE D 446 -22.44 2.73 12.90
N PHE D 447 -21.23 2.23 13.03
CA PHE D 447 -20.01 2.98 12.84
C PHE D 447 -19.79 3.21 11.35
N GLY D 448 -18.98 4.22 11.02
CA GLY D 448 -18.63 4.52 9.65
C GLY D 448 -19.72 5.20 8.83
N THR D 449 -20.89 5.43 9.41
CA THR D 449 -21.94 6.12 8.68
C THR D 449 -21.76 7.63 8.72
N THR D 450 -22.48 8.30 7.81
CA THR D 450 -22.55 9.77 7.77
C THR D 450 -23.73 10.29 8.56
N GLY D 451 -24.44 9.41 9.25
CA GLY D 451 -25.67 9.83 9.91
C GLY D 451 -26.74 10.41 9.01
N ALA D 452 -26.79 10.00 7.74
CA ALA D 452 -27.77 10.62 6.84
C ALA D 452 -29.18 10.56 7.41
N PHE D 453 -29.50 9.54 8.21
CA PHE D 453 -30.90 9.35 8.60
C PHE D 453 -31.38 10.50 9.47
N ARG D 454 -30.46 11.14 10.20
CA ARG D 454 -30.85 12.14 11.19
C ARG D 454 -31.48 13.35 10.50
N GLU D 455 -30.85 13.85 9.43
CA GLU D 455 -31.36 15.03 8.75
C GLU D 455 -32.72 14.80 8.10
N LEU D 456 -33.10 13.56 7.83
CA LEU D 456 -34.43 13.28 7.28
C LEU D 456 -35.44 12.99 8.38
N GLY D 457 -34.98 13.02 9.63
CA GLY D 457 -35.85 12.71 10.76
C GLY D 457 -36.35 11.29 10.78
N MET D 458 -35.50 10.33 10.44
CA MET D 458 -35.87 8.91 10.55
C MET D 458 -35.27 8.26 11.80
N GLY D 459 -34.77 9.05 12.75
CA GLY D 459 -34.01 8.49 13.86
C GLY D 459 -34.89 7.78 14.87
N LEU D 460 -34.28 6.87 15.64
CA LEU D 460 -34.99 5.91 16.50
C LEU D 460 -36.37 5.50 15.93
PA FAD E . 10.20 -8.36 20.32
O1A FAD E . 10.11 -7.52 21.55
O2A FAD E . 10.44 -7.60 18.99
O5B FAD E . 11.37 -9.44 20.42
C5B FAD E . 12.28 -9.66 19.32
C4B FAD E . 13.65 -9.95 19.87
O4B FAD E . 14.27 -11.00 19.08
C3B FAD E . 14.62 -8.78 19.84
O3B FAD E . 15.39 -8.79 21.04
C2B FAD E . 15.44 -9.03 18.57
O2B FAD E . 16.74 -8.44 18.58
C1B FAD E . 15.50 -10.55 18.57
N9A FAD E . 15.72 -11.17 17.26
C8A FAD E . 15.24 -10.76 16.04
N7A FAD E . 15.60 -11.51 15.04
C5A FAD E . 16.39 -12.49 15.63
C6A FAD E . 17.07 -13.61 15.10
N6A FAD E . 17.08 -13.93 13.80
N1A FAD E . 17.76 -14.38 15.96
C2A FAD E . 17.75 -14.07 17.26
N3A FAD E . 17.13 -13.06 17.87
C4A FAD E . 16.47 -12.29 17.00
N1 FAD E . 2.35 -3.31 23.42
C2 FAD E . 1.63 -3.17 24.57
O2 FAD E . 1.26 -4.17 25.23
N3 FAD E . 1.31 -1.89 25.02
C4 FAD E . 1.66 -0.68 24.41
O4 FAD E . 1.32 0.40 24.88
C4X FAD E . 2.41 -0.85 23.18
N5 FAD E . 2.77 0.23 22.52
C5X FAD E . 3.49 0.07 21.35
C6 FAD E . 3.88 1.20 20.65
C7 FAD E . 4.60 1.09 19.46
C7M FAD E . 5.00 2.34 18.72
C8 FAD E . 4.96 -0.18 18.97
C8M FAD E . 5.74 -0.33 17.70
C9 FAD E . 4.56 -1.32 19.67
C9A FAD E . 3.83 -1.20 20.86
N10 FAD E . 3.43 -2.33 21.59
C10 FAD E . 2.71 -2.20 22.76
C1' FAD E . 3.77 -3.70 21.13
C2' FAD E . 5.06 -4.23 21.74
O2' FAD E . 6.13 -3.29 21.54
C3' FAD E . 5.42 -5.56 21.08
O3' FAD E . 4.23 -6.33 21.03
C4' FAD E . 6.49 -6.37 21.83
O4' FAD E . 7.80 -6.00 21.39
C5' FAD E . 6.29 -7.87 21.67
O5' FAD E . 7.50 -8.55 22.05
P FAD E . 7.98 -9.85 21.30
O1P FAD E . 8.87 -10.74 22.18
O2P FAD E . 6.78 -10.48 20.71
O3P FAD E . 8.90 -9.24 20.14
PA FAD F . 24.70 -18.43 -10.03
O1A FAD F . 23.78 -18.40 -11.20
O2A FAD F . 24.20 -17.29 -9.09
O5B FAD F . 24.83 -20.00 -9.48
C5B FAD F . 25.39 -20.27 -8.18
C4B FAD F . 24.31 -20.86 -7.32
O4B FAD F . 24.93 -21.34 -6.11
C3B FAD F . 23.16 -19.96 -6.88
O3B FAD F . 21.85 -20.40 -7.26
C2B FAD F . 23.23 -19.92 -5.36
O2B FAD F . 21.94 -19.88 -4.77
C1B FAD F . 24.02 -21.21 -5.05
N9A FAD F . 24.79 -21.19 -3.81
C8A FAD F . 25.14 -20.05 -3.11
N7A FAD F . 25.84 -20.29 -2.02
C5A FAD F . 25.97 -21.68 -2.00
C6A FAD F . 26.59 -22.56 -1.10
N6A FAD F . 27.25 -22.17 0.00
N1A FAD F . 26.54 -23.87 -1.37
C2A FAD F . 25.90 -24.29 -2.47
N3A FAD F . 25.26 -23.55 -3.39
C4A FAD F . 25.34 -22.24 -3.11
N1 FAD F . 23.94 -12.85 -18.08
C2 FAD F . 23.81 -13.11 -19.41
O2 FAD F . 24.59 -13.86 -20.01
N3 FAD F . 22.78 -12.50 -20.12
C4 FAD F . 21.83 -11.64 -19.60
O4 FAD F . 20.97 -11.15 -20.32
C4X FAD F . 21.98 -11.40 -18.18
N5 FAD F . 21.14 -10.60 -17.61
C5X FAD F . 21.29 -10.35 -16.26
C6 FAD F . 20.39 -9.49 -15.63
C7 FAD F . 20.50 -9.22 -14.28
C7M FAD F . 19.50 -8.28 -13.64
C8 FAD F . 21.53 -9.81 -13.53
C8M FAD F . 21.69 -9.53 -12.04
C9 FAD F . 22.43 -10.67 -14.15
C9A FAD F . 22.31 -10.95 -15.50
N10 FAD F . 23.20 -11.82 -16.18
C10 FAD F . 23.07 -12.05 -17.51
C1' FAD F . 24.32 -12.43 -15.46
C2' FAD F . 24.05 -13.87 -15.06
O2' FAD F . 22.69 -14.02 -14.63
C3' FAD F . 24.98 -14.24 -13.89
O3' FAD F . 26.34 -13.93 -14.18
C4' FAD F . 24.82 -15.71 -13.51
O4' FAD F . 24.17 -15.72 -12.23
C5' FAD F . 26.13 -16.47 -13.48
O5' FAD F . 25.89 -17.81 -13.00
P FAD F . 26.83 -18.47 -11.90
O1P FAD F . 26.87 -19.99 -11.97
O2P FAD F . 28.22 -18.09 -11.91
O3P FAD F . 26.16 -18.07 -10.51
#